data_6GPL
#
_entry.id   6GPL
#
_cell.length_a   89.260
_cell.length_b   122.770
_cell.length_c   139.500
_cell.angle_alpha   90.00
_cell.angle_beta   90.00
_cell.angle_gamma   90.00
#
_symmetry.space_group_name_H-M   'P 21 21 21'
#
loop_
_entity.id
_entity.type
_entity.pdbx_description
1 polymer 'GDP-mannose 4,6 dehydratase'
2 non-polymer BICINE
3 non-polymer '[[(2~{R},3~{S},4~{R},5~{R})-5-(2-azanyl-6-oxidanylidene-1~{H}-purin-9-yl)-3,4-bis(oxidanyl)oxolan-2-yl]methoxy-oxidanyl-phosphoryl] [(2~{R},3~{S},4~{R},6~{R})-6-methyl-3,4-bis(oxidanyl)-5-oxidanylidene-oxan-2-yl] hydrogen phosphate'
4 non-polymer 'NADP NICOTINAMIDE-ADENINE-DINUCLEOTIDE PHOSPHATE'
5 non-polymer 1,2-ETHANEDIOL
6 water water
#
_entity_poly.entity_id   1
_entity_poly.type   'polypeptide(L)'
_entity_poly.pdbx_seq_one_letter_code
;SMRNVALITGITGQDGSYLAEFLLEKGYEVHGIVRRSSSFNTGRIEHLYKNPQAHIEGNMKLHYGDLTDSTCLVKIINEV
KPTEIYNLGAQSHVKISFDLAEYTADVDGVGTLRLLDAVKTCGLINSVKFYQASTSELYGKVQEIPQKETTPFYPRSPYG
AAKLYAYWIVVNFREAYNLFAVNGILFNHESPRRGANFVTRKISRSVAKIYLGQLECFSLGNLDAKRDWGHAKDYVEAMW
LMLQNDEPEDFVIATGEVHSVREFVEKSFLHIGKTIVWEGKNENEVGRCKETGKVHVTVDLKYYRPTEVDFLQGDCTKAK
QKLNWKPRVAFDELVREMVHADVELMRTNPNA
;
_entity_poly.pdbx_strand_id   B,C,D,E
#
loop_
_chem_comp.id
_chem_comp.type
_chem_comp.name
_chem_comp.formula
BCN non-polymer BICINE 'C6 H13 N O4'
EDO non-polymer 1,2-ETHANEDIOL 'C2 H6 O2'
F7E non-polymer '[[(2~{R},3~{S},4~{R},5~{R})-5-(2-azanyl-6-oxidanylidene-1~{H}-purin-9-yl)-3,4-bis(oxidanyl)oxolan-2-yl]methoxy-oxidanyl-phosphoryl] [(2~{R},3~{S},4~{R},6~{R})-6-methyl-3,4-bis(oxidanyl)-5-oxidanylidene-oxan-2-yl] hydrogen phosphate' 'C16 H23 N5 O15 P2'
NAP non-polymer 'NADP NICOTINAMIDE-ADENINE-DINUCLEOTIDE PHOSPHATE' 'C21 H28 N7 O17 P3'
#
# COMPACT_ATOMS: atom_id res chain seq x y z
N ARG A 3 33.08 -17.50 -3.44
CA ARG A 3 31.76 -17.60 -2.81
C ARG A 3 30.69 -17.14 -3.82
N ASN A 4 29.78 -18.03 -4.18
CA ASN A 4 28.69 -17.73 -5.13
C ASN A 4 27.36 -18.04 -4.46
N VAL A 5 26.61 -16.98 -4.13
CA VAL A 5 25.36 -17.11 -3.40
C VAL A 5 24.29 -16.30 -4.14
N ALA A 6 23.29 -16.99 -4.69
CA ALA A 6 22.23 -16.35 -5.46
C ALA A 6 20.96 -16.26 -4.63
N LEU A 7 20.28 -15.12 -4.71
CA LEU A 7 18.93 -14.97 -4.16
C LEU A 7 17.98 -14.77 -5.32
N ILE A 8 16.99 -15.66 -5.46
CA ILE A 8 16.02 -15.60 -6.54
C ILE A 8 14.64 -15.26 -5.97
N THR A 9 14.09 -14.11 -6.36
CA THR A 9 12.66 -13.87 -6.17
C THR A 9 11.95 -14.57 -7.33
N GLY A 10 10.75 -15.08 -7.09
CA GLY A 10 10.03 -15.80 -8.13
C GLY A 10 10.61 -17.17 -8.44
N ILE A 11 11.25 -17.77 -7.45
CA ILE A 11 11.87 -19.10 -7.61
C ILE A 11 10.86 -20.20 -7.94
N THR A 12 9.60 -20.06 -7.54
CA THR A 12 8.57 -21.08 -7.80
C THR A 12 8.03 -21.04 -9.23
N GLY A 13 8.33 -19.97 -9.96
CA GLY A 13 7.82 -19.77 -11.30
C GLY A 13 8.61 -20.56 -12.35
N GLN A 14 8.17 -20.47 -13.60
CA GLN A 14 8.87 -21.18 -14.69
C GLN A 14 10.36 -20.88 -14.70
N ASP A 15 10.70 -19.61 -14.83
CA ASP A 15 12.11 -19.21 -15.00
C ASP A 15 12.92 -19.47 -13.74
N GLY A 16 12.36 -19.11 -12.58
CA GLY A 16 13.05 -19.37 -11.32
C GLY A 16 13.46 -20.83 -11.14
N SER A 17 12.58 -21.75 -11.55
CA SER A 17 12.83 -23.17 -11.41
C SER A 17 14.01 -23.63 -12.29
N TYR A 18 14.05 -23.16 -13.53
CA TYR A 18 15.18 -23.45 -14.41
C TYR A 18 16.48 -22.78 -13.95
N LEU A 19 16.38 -21.52 -13.49
CA LEU A 19 17.54 -20.81 -13.04
C LEU A 19 18.16 -21.46 -11.79
N ALA A 20 17.32 -21.89 -10.87
CA ALA A 20 17.77 -22.57 -9.67
C ALA A 20 18.61 -23.80 -10.06
N GLU A 21 18.10 -24.60 -10.99
CA GLU A 21 18.80 -25.80 -11.44
C GLU A 21 20.13 -25.45 -12.10
N PHE A 22 20.11 -24.41 -12.93
CA PHE A 22 21.30 -23.93 -13.62
C PHE A 22 22.39 -23.49 -12.65
N LEU A 23 22.01 -22.72 -11.63
CA LEU A 23 22.98 -22.24 -10.66
C LEU A 23 23.46 -23.34 -9.70
N LEU A 24 22.56 -24.24 -9.30
CA LEU A 24 22.95 -25.39 -8.45
C LEU A 24 24.00 -26.25 -9.16
N GLU A 25 23.82 -26.49 -10.45
CA GLU A 25 24.82 -27.26 -11.24
C GLU A 25 26.19 -26.59 -11.23
N LYS A 26 26.23 -25.25 -11.14
CA LYS A 26 27.50 -24.51 -11.03
C LYS A 26 28.05 -24.41 -9.63
N GLY A 27 27.43 -25.06 -8.65
CA GLY A 27 27.91 -25.04 -7.28
C GLY A 27 27.50 -23.83 -6.47
N TYR A 28 26.52 -23.06 -6.94
CA TYR A 28 25.98 -21.95 -6.13
C TYR A 28 25.22 -22.45 -4.93
N GLU A 29 25.27 -21.64 -3.88
CA GLU A 29 24.31 -21.69 -2.80
C GLU A 29 23.12 -20.86 -3.31
N VAL A 30 21.93 -21.48 -3.40
CA VAL A 30 20.76 -20.84 -3.99
C VAL A 30 19.70 -20.62 -2.91
N HIS A 31 19.24 -19.37 -2.78
CA HIS A 31 18.17 -19.01 -1.87
C HIS A 31 17.01 -18.49 -2.70
N GLY A 32 15.80 -18.86 -2.32
CA GLY A 32 14.61 -18.37 -3.00
C GLY A 32 13.63 -17.74 -2.02
N ILE A 33 12.89 -16.75 -2.51
CA ILE A 33 11.77 -16.18 -1.75
C ILE A 33 10.49 -16.80 -2.25
N VAL A 34 9.73 -17.39 -1.33
CA VAL A 34 8.48 -18.08 -1.65
C VAL A 34 7.34 -17.38 -0.94
N ARG A 35 6.21 -17.23 -1.62
CA ARG A 35 5.02 -16.67 -1.00
C ARG A 35 4.38 -17.69 -0.10
N ARG A 36 3.87 -17.24 1.04
CA ARG A 36 2.98 -18.08 1.82
C ARG A 36 1.77 -18.44 0.98
N SER A 37 1.41 -19.72 1.01
CA SER A 37 0.25 -20.18 0.27
C SER A 37 -0.54 -21.15 1.14
N SER A 38 -1.87 -21.18 0.98
CA SER A 38 -2.69 -22.13 1.73
C SER A 38 -2.48 -23.59 1.30
N SER A 39 -1.90 -23.76 0.10
CA SER A 39 -1.51 -25.06 -0.46
C SER A 39 -0.06 -25.04 -0.90
N PHE A 40 0.47 -26.23 -1.09
N PHE A 40 0.47 -26.23 -1.10
CA PHE A 40 1.72 -26.48 -1.79
CA PHE A 40 1.80 -26.41 -1.67
C PHE A 40 1.87 -25.62 -3.05
C PHE A 40 1.90 -25.63 -3.02
N ASN A 41 2.94 -24.81 -3.15
CA ASN A 41 3.18 -24.01 -4.36
C ASN A 41 4.60 -24.15 -4.92
N THR A 42 5.32 -25.19 -4.52
CA THR A 42 6.72 -25.42 -4.89
C THR A 42 6.88 -26.62 -5.85
N GLY A 43 5.81 -26.94 -6.59
CA GLY A 43 5.81 -28.03 -7.57
C GLY A 43 6.95 -28.05 -8.55
N ARG A 44 7.37 -26.89 -9.04
CA ARG A 44 8.47 -26.82 -10.03
C ARG A 44 9.85 -27.08 -9.46
N ILE A 45 10.02 -26.92 -8.14
CA ILE A 45 11.34 -27.02 -7.52
C ILE A 45 11.46 -28.09 -6.44
N GLU A 46 10.38 -28.82 -6.16
CA GLU A 46 10.39 -29.76 -5.03
C GLU A 46 11.44 -30.86 -5.22
N HIS A 47 11.72 -31.21 -6.48
CA HIS A 47 12.76 -32.21 -6.82
C HIS A 47 14.15 -31.75 -6.38
N LEU A 48 14.35 -30.46 -6.14
CA LEU A 48 15.68 -29.99 -5.68
C LEU A 48 15.70 -29.97 -4.14
N TYR A 49 14.55 -30.28 -3.51
CA TYR A 49 14.28 -30.33 -2.05
C TYR A 49 14.62 -29.00 -1.38
N GLY A 58 21.75 -30.11 -0.05
CA GLY A 58 21.41 -29.04 0.89
C GLY A 58 21.89 -27.67 0.44
N ASN A 59 21.93 -27.44 -0.88
CA ASN A 59 22.43 -26.18 -1.44
C ASN A 59 21.32 -25.17 -1.82
N MET A 60 20.04 -25.56 -1.72
CA MET A 60 18.89 -24.65 -1.91
C MET A 60 18.15 -24.40 -0.60
N LYS A 61 17.89 -23.14 -0.27
CA LYS A 61 17.12 -22.76 0.92
C LYS A 61 15.97 -21.82 0.51
N LEU A 62 14.79 -22.03 1.08
CA LEU A 62 13.63 -21.20 0.77
C LEU A 62 13.25 -20.34 1.97
N HIS A 63 12.79 -19.12 1.70
CA HIS A 63 12.44 -18.14 2.71
C HIS A 63 11.07 -17.58 2.37
N TYR A 64 10.19 -17.45 3.37
CA TYR A 64 8.91 -16.80 3.18
C TYR A 64 9.10 -15.31 3.00
N GLY A 65 8.43 -14.76 2.00
CA GLY A 65 8.49 -13.34 1.75
C GLY A 65 7.49 -12.89 0.72
N ASP A 66 7.50 -11.58 0.48
CA ASP A 66 6.62 -11.01 -0.53
C ASP A 66 7.25 -9.69 -0.97
N LEU A 67 7.18 -9.43 -2.26
CA LEU A 67 7.72 -8.19 -2.82
C LEU A 67 6.95 -6.93 -2.41
N THR A 68 5.80 -7.09 -1.77
CA THR A 68 5.08 -5.95 -1.18
C THR A 68 5.43 -5.65 0.28
N ASP A 69 6.35 -6.41 0.90
CA ASP A 69 6.67 -6.28 2.35
C ASP A 69 8.19 -5.98 2.45
N SER A 70 8.54 -4.70 2.56
CA SER A 70 9.96 -4.27 2.55
C SER A 70 10.79 -4.87 3.69
N THR A 71 10.24 -4.94 4.90
CA THR A 71 10.96 -5.49 6.05
C THR A 71 11.41 -6.94 5.85
N CYS A 72 10.53 -7.76 5.26
CA CYS A 72 10.88 -9.15 5.03
C CYS A 72 12.04 -9.25 4.04
N LEU A 73 12.09 -8.37 3.04
CA LEU A 73 13.17 -8.38 2.04
C LEU A 73 14.52 -8.03 2.67
N VAL A 74 14.52 -7.03 3.54
CA VAL A 74 15.73 -6.63 4.27
C VAL A 74 16.23 -7.79 5.15
N LYS A 75 15.31 -8.43 5.88
CA LYS A 75 15.67 -9.57 6.73
C LYS A 75 16.30 -10.71 5.92
N ILE A 76 15.70 -11.04 4.78
CA ILE A 76 16.21 -12.13 3.94
C ILE A 76 17.58 -11.78 3.37
N ILE A 77 17.72 -10.57 2.82
CA ILE A 77 19.00 -10.18 2.22
C ILE A 77 20.12 -10.11 3.26
N ASN A 78 19.81 -9.59 4.44
CA ASN A 78 20.77 -9.56 5.56
C ASN A 78 21.25 -10.96 5.97
N GLU A 79 20.33 -11.90 6.00
CA GLU A 79 20.67 -13.28 6.34
C GLU A 79 21.50 -13.96 5.23
N VAL A 80 21.09 -13.77 3.98
CA VAL A 80 21.67 -14.47 2.84
C VAL A 80 23.02 -13.88 2.39
N LYS A 81 23.12 -12.55 2.39
CA LYS A 81 24.28 -11.82 1.87
C LYS A 81 24.64 -12.31 0.47
N PRO A 82 23.67 -12.21 -0.46
CA PRO A 82 23.90 -12.77 -1.79
C PRO A 82 24.96 -12.02 -2.57
N THR A 83 25.65 -12.75 -3.47
CA THR A 83 26.51 -12.12 -4.46
C THR A 83 25.73 -11.76 -5.74
N GLU A 84 24.64 -12.49 -6.00
CA GLU A 84 23.78 -12.25 -7.16
C GLU A 84 22.32 -12.29 -6.74
N ILE A 85 21.53 -11.33 -7.21
CA ILE A 85 20.08 -11.30 -7.00
C ILE A 85 19.37 -11.31 -8.34
N TYR A 86 18.43 -12.22 -8.50
CA TYR A 86 17.61 -12.28 -9.70
C TYR A 86 16.17 -11.97 -9.30
N ASN A 87 15.67 -10.81 -9.73
CA ASN A 87 14.31 -10.42 -9.45
C ASN A 87 13.35 -10.92 -10.52
N LEU A 88 12.94 -12.16 -10.37
CA LEU A 88 11.97 -12.79 -11.26
C LEU A 88 10.54 -12.76 -10.74
N GLY A 89 10.36 -12.36 -9.49
CA GLY A 89 9.03 -12.35 -8.89
C GLY A 89 8.12 -11.31 -9.51
N ALA A 90 6.91 -11.73 -9.89
CA ALA A 90 5.96 -10.85 -10.58
C ALA A 90 4.60 -11.51 -10.74
N GLN A 91 3.56 -10.66 -10.76
CA GLN A 91 2.29 -10.99 -11.38
C GLN A 91 2.60 -10.84 -12.87
N SER A 92 2.76 -11.96 -13.57
CA SER A 92 3.33 -11.95 -14.93
C SER A 92 2.30 -12.10 -16.04
N HIS A 93 1.03 -12.24 -15.70
CA HIS A 93 0.01 -12.48 -16.73
C HIS A 93 -0.59 -11.17 -17.24
N VAL A 94 -0.49 -10.96 -18.55
CA VAL A 94 -0.86 -9.70 -19.16
C VAL A 94 -2.38 -9.47 -19.12
N LYS A 95 -3.16 -10.49 -19.45
CA LYS A 95 -4.62 -10.35 -19.41
C LYS A 95 -5.10 -10.06 -17.98
N ILE A 96 -4.59 -10.82 -17.03
CA ILE A 96 -4.98 -10.65 -15.64
C ILE A 96 -4.62 -9.22 -15.16
N SER A 97 -3.53 -8.66 -15.69
CA SER A 97 -3.11 -7.31 -15.29
C SER A 97 -4.16 -6.21 -15.53
N PHE A 98 -5.05 -6.39 -16.50
CA PHE A 98 -6.09 -5.39 -16.77
C PHE A 98 -7.10 -5.27 -15.63
N ASP A 99 -7.43 -6.36 -14.95
CA ASP A 99 -8.32 -6.29 -13.79
C ASP A 99 -7.63 -6.33 -12.43
N LEU A 100 -6.32 -6.58 -12.42
CA LEU A 100 -5.52 -6.53 -11.21
C LEU A 100 -4.40 -5.51 -11.40
N ALA A 101 -4.77 -4.32 -11.89
CA ALA A 101 -3.78 -3.32 -12.31
C ALA A 101 -2.97 -2.78 -11.13
N GLU A 102 -3.62 -2.52 -10.00
CA GLU A 102 -2.95 -1.94 -8.85
C GLU A 102 -2.01 -2.95 -8.19
N TYR A 103 -2.50 -4.17 -7.98
CA TYR A 103 -1.68 -5.26 -7.45
C TYR A 103 -0.45 -5.47 -8.35
N THR A 104 -0.66 -5.49 -9.66
CA THR A 104 0.42 -5.67 -10.61
C THR A 104 1.45 -4.54 -10.51
N ALA A 105 0.98 -3.30 -10.38
CA ALA A 105 1.89 -2.17 -10.15
C ALA A 105 2.71 -2.32 -8.87
N ASP A 106 2.03 -2.73 -7.80
CA ASP A 106 2.68 -2.80 -6.49
C ASP A 106 3.76 -3.89 -6.44
N VAL A 107 3.50 -5.01 -7.11
CA VAL A 107 4.42 -6.13 -7.14
C VAL A 107 5.53 -5.93 -8.17
N ASP A 108 5.13 -5.65 -9.41
CA ASP A 108 6.06 -5.68 -10.53
C ASP A 108 6.83 -4.37 -10.63
N GLY A 109 6.20 -3.26 -10.26
CA GLY A 109 6.86 -1.96 -10.29
C GLY A 109 7.49 -1.60 -8.97
N VAL A 110 6.63 -1.31 -7.99
CA VAL A 110 7.11 -0.83 -6.71
C VAL A 110 7.93 -1.93 -5.98
N GLY A 111 7.58 -3.20 -6.20
CA GLY A 111 8.33 -4.31 -5.61
C GLY A 111 9.80 -4.34 -6.04
N THR A 112 10.05 -3.96 -7.28
CA THR A 112 11.43 -3.85 -7.77
C THR A 112 12.18 -2.77 -6.98
N LEU A 113 11.54 -1.60 -6.81
CA LEU A 113 12.10 -0.56 -5.96
C LEU A 113 12.36 -1.09 -4.53
N ARG A 114 11.41 -1.82 -3.96
CA ARG A 114 11.59 -2.33 -2.61
C ARG A 114 12.81 -3.25 -2.50
N LEU A 115 13.04 -4.06 -3.51
CA LEU A 115 14.16 -5.01 -3.49
C LEU A 115 15.48 -4.25 -3.63
N LEU A 116 15.52 -3.26 -4.52
CA LEU A 116 16.70 -2.41 -4.69
C LEU A 116 17.03 -1.61 -3.43
N ASP A 117 16.00 -1.01 -2.82
CA ASP A 117 16.20 -0.31 -1.57
C ASP A 117 16.66 -1.23 -0.44
N ALA A 118 16.18 -2.47 -0.44
CA ALA A 118 16.64 -3.47 0.56
C ALA A 118 18.13 -3.77 0.39
N VAL A 119 18.58 -3.93 -0.85
CA VAL A 119 20.02 -4.09 -1.15
C VAL A 119 20.82 -2.92 -0.54
N LYS A 120 20.38 -1.71 -0.83
CA LYS A 120 21.06 -0.52 -0.36
C LYS A 120 21.04 -0.42 1.18
N THR A 121 19.88 -0.66 1.77
CA THR A 121 19.72 -0.66 3.21
C THR A 121 20.66 -1.68 3.89
N CYS A 122 20.82 -2.84 3.27
CA CYS A 122 21.66 -3.90 3.80
C CYS A 122 23.17 -3.67 3.59
N GLY A 123 23.56 -2.55 2.99
CA GLY A 123 24.96 -2.22 2.76
C GLY A 123 25.63 -2.95 1.62
N LEU A 124 24.84 -3.52 0.70
CA LEU A 124 25.34 -4.40 -0.35
C LEU A 124 25.40 -3.75 -1.74
N ILE A 125 25.31 -2.43 -1.80
CA ILE A 125 25.24 -1.73 -3.10
C ILE A 125 26.49 -1.98 -3.98
N ASN A 126 27.64 -2.19 -3.35
CA ASN A 126 28.89 -2.44 -4.06
C ASN A 126 29.23 -3.91 -4.27
N SER A 127 28.56 -4.83 -3.55
CA SER A 127 28.91 -6.24 -3.58
C SER A 127 27.92 -7.14 -4.35
N VAL A 128 26.67 -6.73 -4.46
CA VAL A 128 25.69 -7.54 -5.17
C VAL A 128 25.65 -7.18 -6.66
N LYS A 129 25.33 -8.17 -7.48
CA LYS A 129 24.92 -7.95 -8.85
C LYS A 129 23.44 -8.29 -8.93
N PHE A 130 22.68 -7.39 -9.58
CA PHE A 130 21.22 -7.43 -9.60
C PHE A 130 20.70 -7.59 -11.02
N TYR A 131 19.92 -8.66 -11.25
CA TYR A 131 19.25 -8.90 -12.51
C TYR A 131 17.76 -8.58 -12.37
N GLN A 132 17.26 -7.69 -13.24
CA GLN A 132 15.84 -7.41 -13.32
C GLN A 132 15.22 -8.13 -14.52
N ALA A 133 14.10 -8.79 -14.27
CA ALA A 133 13.33 -9.45 -15.31
C ALA A 133 12.48 -8.48 -16.11
N SER A 134 13.12 -7.79 -17.05
CA SER A 134 12.41 -6.97 -18.01
C SER A 134 11.85 -7.85 -19.15
N THR A 135 11.24 -7.23 -20.15
CA THR A 135 10.33 -7.97 -21.02
C THR A 135 10.10 -7.25 -22.33
N SER A 136 9.85 -8.03 -23.38
CA SER A 136 9.44 -7.50 -24.66
C SER A 136 8.10 -6.77 -24.59
N GLU A 137 7.29 -7.01 -23.56
CA GLU A 137 6.08 -6.22 -23.37
C GLU A 137 6.35 -4.72 -23.25
N LEU A 138 7.57 -4.33 -22.87
CA LEU A 138 7.96 -2.94 -22.86
C LEU A 138 7.82 -2.29 -24.25
N TYR A 139 8.02 -3.07 -25.31
CA TYR A 139 7.89 -2.52 -26.69
C TYR A 139 6.46 -2.36 -27.16
N GLY A 140 5.55 -3.16 -26.61
CA GLY A 140 4.12 -3.08 -26.85
C GLY A 140 3.76 -2.86 -28.31
N LYS A 141 3.27 -1.65 -28.60
CA LYS A 141 2.97 -1.23 -29.97
C LYS A 141 4.32 -0.85 -30.59
N VAL A 142 4.93 -1.82 -31.26
CA VAL A 142 6.37 -1.77 -31.54
C VAL A 142 6.71 -0.56 -32.41
N GLN A 143 7.74 0.15 -32.02
CA GLN A 143 8.14 1.37 -32.70
C GLN A 143 9.20 1.15 -33.78
N GLU A 144 9.82 -0.04 -33.78
CA GLU A 144 10.77 -0.48 -34.80
C GLU A 144 10.56 -2.01 -34.94
N ILE A 145 10.87 -2.54 -36.12
CA ILE A 145 10.90 -3.97 -36.36
C ILE A 145 12.25 -4.29 -37.02
N PRO A 146 13.10 -5.16 -36.47
CA PRO A 146 12.91 -5.81 -35.15
C PRO A 146 13.18 -4.84 -33.99
N GLN A 147 12.91 -5.30 -32.77
CA GLN A 147 13.15 -4.49 -31.59
C GLN A 147 14.52 -4.80 -30.99
N LYS A 148 15.27 -3.74 -30.68
CA LYS A 148 16.57 -3.86 -30.03
C LYS A 148 16.61 -2.96 -28.80
N GLU A 149 17.76 -2.89 -28.14
CA GLU A 149 17.88 -2.21 -26.86
C GLU A 149 17.51 -0.72 -26.95
N THR A 150 17.72 -0.12 -28.12
CA THR A 150 17.49 1.31 -28.35
C THR A 150 16.11 1.62 -28.92
N THR A 151 15.31 0.59 -29.20
CA THR A 151 13.94 0.80 -29.67
C THR A 151 13.11 1.45 -28.55
N PRO A 152 12.43 2.57 -28.83
CA PRO A 152 11.62 3.20 -27.78
C PRO A 152 10.50 2.30 -27.25
N PHE A 153 10.26 2.37 -25.96
CA PHE A 153 9.21 1.58 -25.32
C PHE A 153 7.82 2.18 -25.55
N TYR A 154 6.81 1.32 -25.63
CA TYR A 154 5.40 1.70 -25.80
C TYR A 154 4.53 0.63 -25.18
N PRO A 155 4.44 0.59 -23.85
CA PRO A 155 3.65 -0.46 -23.20
C PRO A 155 2.17 -0.37 -23.48
N ARG A 156 1.52 -1.52 -23.42
CA ARG A 156 0.12 -1.69 -23.82
C ARG A 156 -0.73 -2.43 -22.79
N SER A 157 -0.29 -2.42 -21.53
CA SER A 157 -1.08 -3.02 -20.46
C SER A 157 -0.60 -2.49 -19.12
N PRO A 158 -1.39 -2.70 -18.06
CA PRO A 158 -0.87 -2.40 -16.72
C PRO A 158 0.40 -3.19 -16.37
N TYR A 159 0.53 -4.40 -16.89
CA TYR A 159 1.76 -5.19 -16.75
C TYR A 159 2.94 -4.47 -17.39
N GLY A 160 2.79 -4.07 -18.65
CA GLY A 160 3.86 -3.35 -19.34
C GLY A 160 4.26 -2.05 -18.66
N ALA A 161 3.27 -1.28 -18.22
CA ALA A 161 3.55 -0.03 -17.51
C ALA A 161 4.31 -0.27 -16.21
N ALA A 162 3.88 -1.28 -15.44
CA ALA A 162 4.55 -1.63 -14.20
C ALA A 162 6.01 -2.07 -14.46
N LYS A 163 6.18 -2.90 -15.47
CA LYS A 163 7.55 -3.34 -15.83
C LYS A 163 8.42 -2.20 -16.35
N LEU A 164 7.79 -1.20 -16.98
CA LEU A 164 8.52 -0.02 -17.43
C LEU A 164 9.05 0.82 -16.26
N TYR A 165 8.22 0.98 -15.23
CA TYR A 165 8.66 1.61 -13.99
C TYR A 165 9.90 0.85 -13.46
N ALA A 166 9.78 -0.47 -13.40
CA ALA A 166 10.84 -1.31 -12.84
C ALA A 166 12.14 -1.19 -13.65
N TYR A 167 12.02 -1.19 -14.96
CA TYR A 167 13.17 -1.03 -15.85
C TYR A 167 13.94 0.25 -15.46
N TRP A 168 13.21 1.36 -15.33
CA TRP A 168 13.84 2.66 -15.12
C TRP A 168 14.33 2.88 -13.70
N ILE A 169 13.67 2.30 -12.70
CA ILE A 169 14.15 2.41 -11.33
C ILE A 169 15.47 1.61 -11.16
N VAL A 170 15.58 0.49 -11.87
CA VAL A 170 16.82 -0.28 -11.94
C VAL A 170 17.95 0.56 -12.55
N VAL A 171 17.65 1.18 -13.69
CA VAL A 171 18.62 2.09 -14.33
C VAL A 171 19.01 3.19 -13.33
N ASN A 172 18.05 3.74 -12.61
CA ASN A 172 18.37 4.81 -11.66
C ASN A 172 19.29 4.36 -10.52
N PHE A 173 19.09 3.15 -9.98
CA PHE A 173 20.00 2.64 -8.94
C PHE A 173 21.42 2.41 -9.48
N ARG A 174 21.49 1.95 -10.72
CA ARG A 174 22.78 1.75 -11.39
C ARG A 174 23.51 3.08 -11.56
N GLU A 175 22.81 4.09 -12.05
CA GLU A 175 23.42 5.39 -12.34
C GLU A 175 23.66 6.22 -11.09
N ALA A 176 22.74 6.19 -10.15
CA ALA A 176 22.86 7.00 -8.93
C ALA A 176 23.87 6.44 -7.92
N TYR A 177 23.89 5.12 -7.75
CA TYR A 177 24.63 4.48 -6.63
C TYR A 177 25.69 3.48 -7.08
N ASN A 178 25.91 3.37 -8.39
CA ASN A 178 26.86 2.42 -8.99
C ASN A 178 26.56 0.96 -8.63
N LEU A 179 25.28 0.63 -8.46
CA LEU A 179 24.87 -0.75 -8.32
C LEU A 179 25.10 -1.46 -9.67
N PHE A 180 25.70 -2.63 -9.64
CA PHE A 180 25.76 -3.50 -10.79
C PHE A 180 24.35 -4.08 -10.96
N ALA A 181 23.56 -3.43 -11.81
CA ALA A 181 22.16 -3.82 -12.04
C ALA A 181 21.87 -3.79 -13.53
N VAL A 182 21.19 -4.80 -14.02
CA VAL A 182 20.94 -4.99 -15.43
C VAL A 182 19.48 -5.36 -15.69
N ASN A 183 19.00 -4.92 -16.84
CA ASN A 183 17.68 -5.30 -17.36
C ASN A 183 17.86 -6.34 -18.46
N GLY A 184 17.37 -7.55 -18.21
CA GLY A 184 17.18 -8.54 -19.23
C GLY A 184 15.86 -8.29 -19.93
N ILE A 185 15.93 -7.86 -21.19
CA ILE A 185 14.73 -7.60 -21.97
C ILE A 185 14.40 -8.89 -22.73
N LEU A 186 13.73 -9.81 -22.05
CA LEU A 186 13.48 -11.15 -22.58
C LEU A 186 12.17 -11.22 -23.32
N PHE A 187 12.24 -11.75 -24.53
CA PHE A 187 11.06 -12.03 -25.31
C PHE A 187 10.44 -13.33 -24.84
N ASN A 188 9.23 -13.62 -25.29
CA ASN A 188 8.46 -14.77 -24.79
C ASN A 188 9.29 -16.04 -24.74
N HIS A 189 9.26 -16.71 -23.59
CA HIS A 189 9.91 -18.01 -23.46
C HIS A 189 9.05 -18.99 -22.69
N GLU A 190 9.05 -20.23 -23.19
CA GLU A 190 8.09 -21.26 -22.84
C GLU A 190 8.85 -22.55 -22.51
N SER A 191 8.08 -23.53 -22.05
CA SER A 191 8.66 -24.81 -21.60
C SER A 191 7.51 -25.70 -21.20
N PRO A 192 7.76 -26.99 -20.86
CA PRO A 192 6.74 -27.86 -20.31
C PRO A 192 6.33 -27.42 -18.89
N ARG A 193 7.02 -26.45 -18.32
CA ARG A 193 6.74 -25.92 -16.95
C ARG A 193 5.99 -24.58 -17.04
N ARG A 194 5.72 -24.11 -18.25
CA ARG A 194 5.00 -22.83 -18.45
C ARG A 194 3.63 -22.85 -17.76
N GLY A 195 3.22 -21.74 -17.17
CA GLY A 195 1.91 -21.63 -16.58
C GLY A 195 0.83 -21.99 -17.57
N ALA A 196 -0.19 -22.71 -17.11
CA ALA A 196 -1.26 -23.21 -17.95
C ALA A 196 -2.12 -22.12 -18.59
N ASN A 197 -2.09 -20.91 -18.03
CA ASN A 197 -2.88 -19.78 -18.51
C ASN A 197 -2.23 -18.98 -19.65
N PHE A 198 -0.96 -19.29 -19.97
CA PHE A 198 -0.28 -18.68 -21.12
C PHE A 198 -0.64 -19.47 -22.37
N VAL A 199 -0.58 -18.82 -23.54
CA VAL A 199 -1.25 -19.38 -24.71
C VAL A 199 -0.63 -20.70 -25.16
N THR A 200 0.69 -20.81 -25.07
CA THR A 200 1.41 -21.97 -25.57
C THR A 200 1.07 -23.24 -24.78
N ARG A 201 1.10 -23.10 -23.46
CA ARG A 201 0.79 -24.20 -22.57
C ARG A 201 -0.70 -24.52 -22.58
N LYS A 202 -1.55 -23.50 -22.71
CA LYS A 202 -2.98 -23.73 -22.87
C LYS A 202 -3.24 -24.61 -24.10
N ILE A 203 -2.57 -24.28 -25.20
CA ILE A 203 -2.69 -25.07 -26.44
C ILE A 203 -2.12 -26.48 -26.25
N SER A 204 -0.91 -26.60 -25.74
CA SER A 204 -0.27 -27.91 -25.62
C SER A 204 -1.05 -28.84 -24.68
N ARG A 205 -1.51 -28.31 -23.55
CA ARG A 205 -2.35 -29.09 -22.63
C ARG A 205 -3.68 -29.53 -23.27
N SER A 206 -4.33 -28.59 -23.99
CA SER A 206 -5.62 -28.86 -24.59
C SER A 206 -5.53 -29.88 -25.73
N VAL A 207 -4.51 -29.71 -26.55
CA VAL A 207 -4.24 -30.64 -27.66
C VAL A 207 -3.92 -32.04 -27.12
N ALA A 208 -3.09 -32.11 -26.09
CA ALA A 208 -2.83 -33.38 -25.42
C ALA A 208 -4.12 -34.08 -24.94
N LYS A 209 -4.99 -33.31 -24.29
CA LYS A 209 -6.26 -33.88 -23.81
C LYS A 209 -7.15 -34.37 -24.96
N ILE A 210 -7.15 -33.62 -26.07
CA ILE A 210 -7.92 -34.02 -27.26
C ILE A 210 -7.38 -35.33 -27.81
N TYR A 211 -6.06 -35.46 -27.91
CA TYR A 211 -5.43 -36.69 -28.36
C TYR A 211 -5.83 -37.88 -27.51
N LEU A 212 -5.91 -37.69 -26.21
CA LEU A 212 -6.25 -38.77 -25.28
C LEU A 212 -7.76 -38.99 -25.10
N GLY A 213 -8.60 -38.23 -25.79
CA GLY A 213 -10.04 -38.35 -25.67
C GLY A 213 -10.62 -37.75 -24.41
N GLN A 214 -9.85 -36.94 -23.68
CA GLN A 214 -10.29 -36.32 -22.43
C GLN A 214 -10.99 -34.97 -22.65
N LEU A 215 -10.91 -34.45 -23.87
CA LEU A 215 -11.47 -33.16 -24.22
C LEU A 215 -11.82 -33.20 -25.70
N GLU A 216 -12.84 -32.45 -26.11
CA GLU A 216 -13.20 -32.33 -27.53
C GLU A 216 -12.76 -30.99 -28.14
N CYS A 217 -12.89 -29.91 -27.37
CA CYS A 217 -12.81 -28.57 -27.91
C CYS A 217 -12.26 -27.61 -26.86
N PHE A 218 -11.56 -26.55 -27.28
CA PHE A 218 -11.17 -25.46 -26.39
C PHE A 218 -11.24 -24.13 -27.12
N SER A 219 -11.32 -23.04 -26.36
CA SER A 219 -11.43 -21.71 -26.95
C SER A 219 -10.19 -20.86 -26.68
N LEU A 220 -9.85 -20.06 -27.68
CA LEU A 220 -8.75 -19.11 -27.63
C LEU A 220 -9.29 -17.72 -27.89
N GLY A 221 -8.39 -16.73 -27.80
CA GLY A 221 -8.74 -15.34 -28.13
C GLY A 221 -8.22 -14.98 -29.51
N ASN A 222 -7.24 -14.08 -29.55
CA ASN A 222 -6.70 -13.53 -30.81
C ASN A 222 -5.73 -14.51 -31.46
N LEU A 223 -6.20 -15.22 -32.50
CA LEU A 223 -5.36 -16.18 -33.22
C LEU A 223 -4.26 -15.54 -34.06
N ASP A 224 -4.39 -14.26 -34.38
CA ASP A 224 -3.46 -13.60 -35.30
C ASP A 224 -2.30 -12.89 -34.62
N ALA A 225 -2.27 -12.87 -33.29
CA ALA A 225 -1.12 -12.33 -32.59
C ALA A 225 0.15 -13.09 -32.98
N LYS A 226 1.23 -12.34 -33.16
CA LYS A 226 2.51 -12.88 -33.55
C LYS A 226 3.57 -12.69 -32.46
N ARG A 227 4.30 -13.75 -32.16
CA ARG A 227 5.32 -13.73 -31.11
C ARG A 227 6.63 -14.36 -31.52
N ASP A 228 7.68 -13.92 -30.82
CA ASP A 228 9.00 -14.47 -30.87
C ASP A 228 9.09 -15.40 -29.65
N TRP A 229 9.05 -16.72 -29.89
CA TRP A 229 8.99 -17.73 -28.82
C TRP A 229 10.29 -18.53 -28.73
N GLY A 230 10.93 -18.49 -27.56
CA GLY A 230 12.10 -19.35 -27.27
C GLY A 230 11.83 -20.26 -26.09
N HIS A 231 12.87 -20.98 -25.67
CA HIS A 231 12.77 -21.93 -24.57
C HIS A 231 13.36 -21.34 -23.30
N ALA A 232 12.59 -21.36 -22.22
CA ALA A 232 13.02 -20.81 -20.93
C ALA A 232 14.38 -21.32 -20.45
N LYS A 233 14.66 -22.60 -20.64
CA LYS A 233 15.96 -23.16 -20.24
C LYS A 233 17.14 -22.45 -20.92
N ASP A 234 17.01 -22.08 -22.18
CA ASP A 234 18.05 -21.30 -22.86
C ASP A 234 18.17 -19.87 -22.26
N TYR A 235 17.03 -19.28 -21.91
CA TYR A 235 16.98 -17.89 -21.53
C TYR A 235 17.51 -17.63 -20.13
N VAL A 236 17.33 -18.58 -19.21
CA VAL A 236 17.90 -18.36 -17.86
C VAL A 236 19.42 -18.33 -17.89
N GLU A 237 20.03 -19.05 -18.83
CA GLU A 237 21.47 -18.95 -19.01
C GLU A 237 21.90 -17.54 -19.38
N ALA A 238 21.13 -16.87 -20.23
CA ALA A 238 21.42 -15.47 -20.55
C ALA A 238 21.38 -14.56 -19.34
N MET A 239 20.48 -14.84 -18.39
CA MET A 239 20.39 -14.02 -17.18
C MET A 239 21.72 -14.10 -16.42
N TRP A 240 22.23 -15.31 -16.25
CA TRP A 240 23.50 -15.53 -15.56
C TRP A 240 24.66 -14.88 -16.30
N LEU A 241 24.70 -15.05 -17.62
CA LEU A 241 25.71 -14.41 -18.46
C LEU A 241 25.74 -12.89 -18.30
N MET A 242 24.57 -12.26 -18.17
CA MET A 242 24.52 -10.80 -17.98
C MET A 242 25.18 -10.36 -16.67
N LEU A 243 25.11 -11.18 -15.64
CA LEU A 243 25.79 -10.89 -14.36
C LEU A 243 27.28 -11.30 -14.34
N GLN A 244 27.74 -12.07 -15.32
CA GLN A 244 29.17 -12.36 -15.48
C GLN A 244 29.90 -11.32 -16.31
N ASN A 245 29.16 -10.46 -17.01
CA ASN A 245 29.71 -9.40 -17.86
C ASN A 245 30.51 -8.44 -16.97
N ASP A 246 31.58 -7.87 -17.52
CA ASP A 246 32.42 -6.91 -16.78
C ASP A 246 31.68 -5.61 -16.43
N GLU A 247 30.81 -5.13 -17.32
CA GLU A 247 30.05 -3.91 -17.12
C GLU A 247 28.55 -4.27 -17.05
N PRO A 248 27.77 -3.54 -16.23
CA PRO A 248 26.33 -3.80 -16.17
C PRO A 248 25.64 -3.18 -17.39
N GLU A 249 25.15 -4.01 -18.29
CA GLU A 249 24.48 -3.56 -19.50
C GLU A 249 23.14 -4.29 -19.64
N ASP A 250 22.23 -3.64 -20.34
CA ASP A 250 20.91 -4.19 -20.65
C ASP A 250 20.96 -4.94 -21.99
N PHE A 251 20.23 -6.04 -22.08
CA PHE A 251 20.24 -6.86 -23.28
C PHE A 251 18.89 -7.40 -23.68
N VAL A 252 18.63 -7.39 -24.99
CA VAL A 252 17.52 -8.12 -25.56
C VAL A 252 17.95 -9.58 -25.72
N ILE A 253 17.06 -10.48 -25.33
CA ILE A 253 17.23 -11.92 -25.47
C ILE A 253 16.00 -12.45 -26.20
N ALA A 254 16.22 -13.09 -27.34
CA ALA A 254 15.14 -13.44 -28.27
C ALA A 254 15.67 -14.39 -29.33
N THR A 255 14.75 -14.99 -30.11
CA THR A 255 15.13 -15.83 -31.25
C THR A 255 15.24 -15.06 -32.56
N GLY A 256 14.51 -13.95 -32.70
CA GLY A 256 14.37 -13.25 -33.97
C GLY A 256 13.45 -13.90 -34.98
N GLU A 257 12.78 -14.99 -34.62
CA GLU A 257 11.84 -15.68 -35.52
C GLU A 257 10.43 -15.48 -34.98
N VAL A 258 9.48 -15.22 -35.87
CA VAL A 258 8.12 -14.86 -35.51
C VAL A 258 7.15 -15.90 -36.01
N HIS A 259 6.17 -16.25 -35.17
CA HIS A 259 5.05 -17.12 -35.54
C HIS A 259 3.77 -16.63 -34.92
N SER A 260 2.62 -17.00 -35.52
CA SER A 260 1.34 -16.62 -34.96
C SER A 260 0.83 -17.66 -33.97
N VAL A 261 -0.12 -17.25 -33.15
CA VAL A 261 -0.86 -18.17 -32.28
C VAL A 261 -1.51 -19.28 -33.12
N ARG A 262 -2.02 -18.88 -34.28
N ARG A 262 -2.02 -18.88 -34.28
CA ARG A 262 -2.69 -19.81 -35.22
CA ARG A 262 -2.69 -19.80 -35.23
C ARG A 262 -1.70 -20.90 -35.61
C ARG A 262 -1.69 -20.89 -35.62
N GLU A 263 -0.46 -20.52 -35.93
CA GLU A 263 0.58 -21.49 -36.29
C GLU A 263 0.94 -22.42 -35.13
N PHE A 264 0.99 -21.88 -33.92
CA PHE A 264 1.23 -22.72 -32.73
C PHE A 264 0.15 -23.79 -32.62
N VAL A 265 -1.11 -23.39 -32.84
CA VAL A 265 -2.24 -24.33 -32.81
C VAL A 265 -2.07 -25.40 -33.91
N GLU A 266 -1.80 -24.95 -35.14
CA GLU A 266 -1.65 -25.87 -36.29
C GLU A 266 -0.55 -26.88 -36.06
N LYS A 267 0.62 -26.40 -35.67
CA LYS A 267 1.77 -27.28 -35.40
C LYS A 267 1.51 -28.23 -34.24
N SER A 268 0.81 -27.76 -33.20
CA SER A 268 0.52 -28.61 -32.04
C SER A 268 -0.41 -29.77 -32.45
N PHE A 269 -1.47 -29.46 -33.19
CA PHE A 269 -2.37 -30.51 -33.70
C PHE A 269 -1.67 -31.49 -34.66
N LEU A 270 -0.74 -31.01 -35.49
CA LEU A 270 0.05 -31.91 -36.36
C LEU A 270 0.80 -32.94 -35.54
N HIS A 271 1.29 -32.57 -34.35
CA HIS A 271 1.99 -33.53 -33.49
C HIS A 271 1.14 -34.61 -32.87
N ILE A 272 -0.18 -34.46 -32.89
CA ILE A 272 -1.08 -35.55 -32.51
C ILE A 272 -1.80 -36.15 -33.74
N GLY A 273 -1.32 -35.83 -34.93
CA GLY A 273 -1.79 -36.43 -36.18
C GLY A 273 -3.06 -35.82 -36.74
N LYS A 274 -3.31 -34.54 -36.49
CA LYS A 274 -4.51 -33.88 -36.98
C LYS A 274 -4.12 -32.61 -37.75
N THR A 275 -4.87 -32.33 -38.82
CA THR A 275 -4.70 -31.11 -39.60
C THR A 275 -5.90 -30.23 -39.30
N ILE A 276 -5.63 -29.04 -38.76
CA ILE A 276 -6.67 -28.06 -38.47
C ILE A 276 -6.93 -27.24 -39.72
N VAL A 277 -8.21 -27.04 -40.02
CA VAL A 277 -8.66 -26.19 -41.11
C VAL A 277 -9.57 -25.14 -40.54
N TRP A 278 -9.33 -23.88 -40.88
CA TRP A 278 -10.06 -22.76 -40.31
C TRP A 278 -11.24 -22.33 -41.18
N GLU A 279 -12.34 -21.96 -40.54
N GLU A 279 -12.34 -21.96 -40.55
CA GLU A 279 -13.52 -21.39 -41.22
CA GLU A 279 -13.51 -21.38 -41.22
C GLU A 279 -14.09 -20.27 -40.37
C GLU A 279 -14.08 -20.27 -40.37
N GLY A 280 -14.69 -19.27 -41.01
CA GLY A 280 -15.32 -18.15 -40.28
C GLY A 280 -14.32 -17.05 -39.96
N LYS A 281 -14.83 -16.02 -39.30
CA LYS A 281 -14.08 -14.78 -39.07
C LYS A 281 -14.28 -14.29 -37.64
N ASN A 282 -13.27 -13.62 -37.11
CA ASN A 282 -13.34 -12.95 -35.81
C ASN A 282 -13.79 -13.93 -34.71
N GLU A 283 -14.75 -13.55 -33.87
CA GLU A 283 -15.19 -14.40 -32.76
C GLU A 283 -15.99 -15.63 -33.19
N ASN A 284 -16.36 -15.71 -34.47
CA ASN A 284 -17.04 -16.89 -35.02
C ASN A 284 -16.11 -17.82 -35.79
N GLU A 285 -14.79 -17.55 -35.78
CA GLU A 285 -13.85 -18.45 -36.41
C GLU A 285 -13.73 -19.77 -35.61
N VAL A 286 -13.65 -20.89 -36.32
CA VAL A 286 -13.46 -22.20 -35.69
C VAL A 286 -12.37 -22.97 -36.42
N GLY A 287 -11.72 -23.88 -35.69
CA GLY A 287 -10.70 -24.77 -36.23
C GLY A 287 -11.27 -26.18 -36.22
N ARG A 288 -11.24 -26.82 -37.37
CA ARG A 288 -11.93 -28.09 -37.62
C ARG A 288 -10.91 -29.14 -38.04
N CYS A 289 -11.06 -30.36 -37.56
CA CYS A 289 -10.22 -31.48 -38.02
C CYS A 289 -10.57 -31.75 -39.49
N LYS A 290 -9.54 -31.74 -40.35
CA LYS A 290 -9.74 -31.99 -41.79
C LYS A 290 -10.29 -33.39 -42.05
N GLU A 291 -9.71 -34.40 -41.39
CA GLU A 291 -10.15 -35.81 -41.56
C GLU A 291 -11.58 -36.06 -41.07
N THR A 292 -11.91 -35.63 -39.85
CA THR A 292 -13.22 -35.96 -39.21
C THR A 292 -14.29 -34.87 -39.25
N GLY A 293 -13.93 -33.63 -39.56
CA GLY A 293 -14.85 -32.49 -39.44
C GLY A 293 -15.25 -32.05 -38.03
N LYS A 294 -14.64 -32.62 -36.99
CA LYS A 294 -14.95 -32.23 -35.59
C LYS A 294 -14.34 -30.84 -35.30
N VAL A 295 -15.10 -29.99 -34.63
CA VAL A 295 -14.63 -28.68 -34.20
C VAL A 295 -13.78 -28.88 -32.95
N HIS A 296 -12.51 -28.49 -33.03
CA HIS A 296 -11.59 -28.57 -31.88
C HIS A 296 -11.19 -27.22 -31.28
N VAL A 297 -11.31 -26.14 -32.05
CA VAL A 297 -10.90 -24.81 -31.59
C VAL A 297 -11.98 -23.79 -31.89
N THR A 298 -12.39 -23.03 -30.89
CA THR A 298 -13.29 -21.89 -31.08
C THR A 298 -12.61 -20.62 -30.56
N VAL A 299 -13.26 -19.48 -30.80
CA VAL A 299 -12.77 -18.17 -30.36
C VAL A 299 -13.77 -17.56 -29.40
N ASP A 300 -13.26 -16.99 -28.31
CA ASP A 300 -14.09 -16.31 -27.34
C ASP A 300 -13.47 -14.94 -27.03
N LEU A 301 -14.25 -13.88 -27.23
CA LEU A 301 -13.79 -12.50 -26.96
C LEU A 301 -13.29 -12.28 -25.54
N LYS A 302 -13.73 -13.08 -24.58
CA LYS A 302 -13.24 -12.91 -23.22
C LYS A 302 -11.72 -13.15 -23.08
N TYR A 303 -11.08 -13.81 -24.05
CA TYR A 303 -9.61 -14.01 -24.04
C TYR A 303 -8.83 -12.93 -24.77
N TYR A 304 -9.52 -11.99 -25.42
CA TYR A 304 -8.87 -10.84 -26.04
C TYR A 304 -8.38 -9.87 -24.95
N ARG A 305 -7.35 -9.09 -25.28
CA ARG A 305 -6.90 -7.99 -24.42
C ARG A 305 -7.44 -6.68 -25.03
N PRO A 306 -7.82 -5.72 -24.18
CA PRO A 306 -8.35 -4.44 -24.70
C PRO A 306 -7.37 -3.71 -25.58
N THR A 307 -6.07 -3.81 -25.28
CA THR A 307 -5.02 -3.22 -26.09
C THR A 307 -3.99 -4.29 -26.38
N GLU A 308 -4.12 -4.92 -27.54
CA GLU A 308 -3.28 -6.05 -27.91
C GLU A 308 -1.86 -5.59 -28.26
N VAL A 309 -0.92 -6.51 -28.10
CA VAL A 309 0.44 -6.37 -28.58
C VAL A 309 0.48 -7.29 -29.80
N ASP A 310 0.39 -6.71 -30.99
CA ASP A 310 0.12 -7.49 -32.21
C ASP A 310 1.30 -8.31 -32.70
N PHE A 311 2.52 -7.82 -32.43
CA PHE A 311 3.69 -8.32 -33.09
C PHE A 311 4.95 -8.02 -32.29
N LEU A 312 5.77 -9.05 -32.07
CA LEU A 312 7.08 -8.89 -31.46
C LEU A 312 8.11 -9.73 -32.20
N GLN A 313 9.29 -9.15 -32.39
CA GLN A 313 10.42 -9.84 -33.00
C GLN A 313 11.69 -9.19 -32.48
N GLY A 314 12.45 -9.93 -31.69
CA GLY A 314 13.62 -9.38 -31.03
C GLY A 314 14.89 -9.50 -31.84
N ASP A 315 15.75 -8.51 -31.71
CA ASP A 315 17.10 -8.54 -32.29
C ASP A 315 18.11 -8.66 -31.16
N CYS A 316 18.69 -9.84 -31.00
CA CYS A 316 19.64 -10.09 -29.92
C CYS A 316 21.12 -10.04 -30.36
N THR A 317 21.41 -9.22 -31.39
CA THR A 317 22.80 -9.01 -31.86
C THR A 317 23.76 -8.65 -30.74
N LYS A 318 23.36 -7.71 -29.87
CA LYS A 318 24.23 -7.25 -28.80
C LYS A 318 24.63 -8.42 -27.85
N ALA A 319 23.63 -9.23 -27.45
CA ALA A 319 23.87 -10.38 -26.59
C ALA A 319 24.78 -11.42 -27.24
N LYS A 320 24.53 -11.71 -28.53
CA LYS A 320 25.36 -12.64 -29.28
C LYS A 320 26.82 -12.21 -29.27
N GLN A 321 27.05 -10.91 -29.51
CA GLN A 321 28.42 -10.39 -29.59
C GLN A 321 29.08 -10.29 -28.22
N LYS A 322 28.38 -9.76 -27.21
CA LYS A 322 29.00 -9.51 -25.91
C LYS A 322 28.92 -10.67 -24.92
N LEU A 323 27.88 -11.48 -24.98
CA LEU A 323 27.72 -12.59 -24.04
C LEU A 323 28.02 -13.95 -24.62
N ASN A 324 28.22 -14.05 -25.94
CA ASN A 324 28.30 -15.34 -26.62
C ASN A 324 27.04 -16.19 -26.36
N TRP A 325 25.87 -15.54 -26.24
CA TRP A 325 24.62 -16.26 -26.02
C TRP A 325 24.00 -16.52 -27.39
N LYS A 326 23.35 -17.66 -27.55
CA LYS A 326 22.53 -17.93 -28.73
C LYS A 326 21.38 -18.79 -28.33
N PRO A 327 20.20 -18.59 -28.94
CA PRO A 327 19.11 -19.52 -28.66
C PRO A 327 19.44 -20.87 -29.29
N ARG A 328 19.10 -21.94 -28.60
CA ARG A 328 19.41 -23.30 -29.03
C ARG A 328 18.15 -24.02 -29.52
N VAL A 329 17.01 -23.81 -28.84
CA VAL A 329 15.76 -24.45 -29.21
C VAL A 329 14.96 -23.54 -30.14
N ALA A 330 14.60 -24.07 -31.30
CA ALA A 330 13.77 -23.36 -32.27
C ALA A 330 12.33 -23.79 -32.12
N PHE A 331 11.46 -23.02 -32.77
CA PHE A 331 10.02 -23.09 -32.59
C PHE A 331 9.42 -24.47 -32.80
N ASP A 332 9.78 -25.15 -33.90
CA ASP A 332 9.22 -26.47 -34.16
C ASP A 332 9.53 -27.46 -33.02
N GLU A 333 10.76 -27.44 -32.53
CA GLU A 333 11.16 -28.31 -31.41
C GLU A 333 10.44 -27.92 -30.09
N LEU A 334 10.26 -26.62 -29.88
CA LEU A 334 9.54 -26.12 -28.69
C LEU A 334 8.13 -26.68 -28.65
N VAL A 335 7.42 -26.60 -29.78
CA VAL A 335 6.05 -27.08 -29.86
C VAL A 335 5.99 -28.59 -29.63
N ARG A 336 6.88 -29.32 -30.29
CA ARG A 336 6.95 -30.78 -30.14
C ARG A 336 7.17 -31.16 -28.69
N GLU A 337 8.17 -30.55 -28.05
CA GLU A 337 8.48 -30.84 -26.66
C GLU A 337 7.29 -30.59 -25.73
N MET A 338 6.59 -29.47 -25.93
CA MET A 338 5.45 -29.14 -25.05
C MET A 338 4.29 -30.08 -25.23
N VAL A 339 3.97 -30.41 -26.49
CA VAL A 339 2.86 -31.32 -26.76
C VAL A 339 3.17 -32.73 -26.24
N HIS A 340 4.38 -33.23 -26.50
N HIS A 340 4.38 -33.24 -26.50
CA HIS A 340 4.79 -34.57 -26.05
CA HIS A 340 4.79 -34.58 -26.04
C HIS A 340 4.80 -34.66 -24.52
C HIS A 340 4.80 -34.66 -24.52
N ALA A 341 5.35 -33.64 -23.86
CA ALA A 341 5.34 -33.57 -22.39
C ALA A 341 3.94 -33.59 -21.80
N ASP A 342 3.02 -32.85 -22.42
CA ASP A 342 1.65 -32.82 -21.92
C ASP A 342 0.85 -34.09 -22.24
N VAL A 343 1.13 -34.75 -23.36
CA VAL A 343 0.53 -36.07 -23.61
C VAL A 343 0.95 -37.04 -22.50
N GLU A 344 2.24 -37.08 -22.19
CA GLU A 344 2.73 -37.97 -21.12
C GLU A 344 2.18 -37.59 -19.76
N LEU A 345 2.09 -36.30 -19.47
CA LEU A 345 1.53 -35.83 -18.21
C LEU A 345 0.06 -36.22 -18.06
N MET A 346 -0.74 -35.98 -19.09
CA MET A 346 -2.18 -36.24 -19.05
C MET A 346 -2.52 -37.75 -19.12
N ARG A 347 -1.64 -38.54 -19.71
CA ARG A 347 -1.82 -40.01 -19.79
C ARG A 347 -1.65 -40.60 -18.38
N THR A 348 -0.58 -40.21 -17.71
CA THR A 348 -0.31 -40.62 -16.32
C THR A 348 -1.40 -40.15 -15.35
N ASN A 349 -1.91 -38.93 -15.55
CA ASN A 349 -2.89 -38.32 -14.65
C ASN A 349 -3.87 -37.39 -15.41
N PRO A 350 -5.09 -37.89 -15.70
CA PRO A 350 -6.13 -37.08 -16.37
C PRO A 350 -6.53 -35.75 -15.69
N ASN A 351 -6.34 -35.64 -14.37
CA ASN A 351 -6.62 -34.41 -13.62
C ASN A 351 -5.40 -33.48 -13.47
N ALA A 352 -4.29 -33.77 -14.17
CA ALA A 352 -3.08 -32.96 -14.07
C ALA A 352 -3.22 -31.62 -14.81
N ARG B 3 -22.96 22.47 -19.11
CA ARG B 3 -22.53 22.05 -17.74
C ARG B 3 -21.01 21.86 -17.72
N ASN B 4 -20.31 22.67 -16.93
CA ASN B 4 -18.85 22.62 -16.82
C ASN B 4 -18.48 22.45 -15.36
N VAL B 5 -18.03 21.25 -15.00
CA VAL B 5 -17.73 20.90 -13.62
C VAL B 5 -16.33 20.26 -13.60
N ALA B 6 -15.37 20.95 -12.99
CA ALA B 6 -13.98 20.46 -12.95
C ALA B 6 -13.66 19.89 -11.60
N LEU B 7 -12.97 18.75 -11.57
CA LEU B 7 -12.39 18.21 -10.34
C LEU B 7 -10.88 18.31 -10.45
N ILE B 8 -10.24 19.00 -9.51
CA ILE B 8 -8.81 19.20 -9.50
C ILE B 8 -8.20 18.45 -8.29
N THR B 9 -7.36 17.47 -8.55
CA THR B 9 -6.47 16.94 -7.50
C THR B 9 -5.27 17.89 -7.45
N GLY B 10 -4.71 18.07 -6.28
CA GLY B 10 -3.58 19.00 -6.12
C GLY B 10 -3.99 20.46 -6.21
N ILE B 11 -5.24 20.74 -5.84
CA ILE B 11 -5.77 22.11 -5.89
C ILE B 11 -5.03 23.10 -4.97
N THR B 12 -4.42 22.62 -3.88
CA THR B 12 -3.70 23.52 -2.96
C THR B 12 -2.31 23.91 -3.44
N GLY B 13 -1.83 23.23 -4.49
CA GLY B 13 -0.50 23.48 -5.02
C GLY B 13 -0.43 24.69 -5.93
N GLN B 14 0.77 25.00 -6.40
CA GLN B 14 0.95 26.15 -7.32
C GLN B 14 -0.03 26.11 -8.49
N ASP B 15 0.03 25.04 -9.27
CA ASP B 15 -0.75 24.96 -10.49
C ASP B 15 -2.23 24.88 -10.22
N GLY B 16 -2.62 24.03 -9.25
CA GLY B 16 -4.02 23.91 -8.88
C GLY B 16 -4.66 25.25 -8.54
N SER B 17 -3.93 26.10 -7.84
CA SER B 17 -4.44 27.40 -7.40
C SER B 17 -4.69 28.32 -8.59
N TYR B 18 -3.76 28.35 -9.54
CA TYR B 18 -3.96 29.13 -10.78
C TYR B 18 -5.06 28.55 -11.66
N LEU B 19 -5.11 27.22 -11.77
CA LEU B 19 -6.12 26.57 -12.59
C LEU B 19 -7.53 26.82 -12.04
N ALA B 20 -7.67 26.75 -10.72
CA ALA B 20 -8.96 27.00 -10.09
C ALA B 20 -9.45 28.42 -10.46
N GLU B 21 -8.57 29.40 -10.36
CA GLU B 21 -8.92 30.80 -10.71
C GLU B 21 -9.30 30.92 -12.17
N PHE B 22 -8.52 30.27 -13.04
CA PHE B 22 -8.77 30.27 -14.46
C PHE B 22 -10.13 29.69 -14.81
N LEU B 23 -10.48 28.56 -14.22
CA LEU B 23 -11.75 27.89 -14.49
C LEU B 23 -12.94 28.65 -13.87
N LEU B 24 -12.76 29.18 -12.66
CA LEU B 24 -13.80 29.99 -12.02
C LEU B 24 -14.16 31.21 -12.88
N GLU B 25 -13.15 31.88 -13.44
CA GLU B 25 -13.39 33.01 -14.34
C GLU B 25 -14.25 32.61 -15.56
N LYS B 26 -14.11 31.37 -16.04
CA LYS B 26 -14.94 30.86 -17.12
C LYS B 26 -16.31 30.32 -16.71
N GLY B 27 -16.68 30.48 -15.44
CA GLY B 27 -17.99 30.04 -14.97
C GLY B 27 -18.07 28.58 -14.58
N TYR B 28 -16.94 27.88 -14.43
CA TYR B 28 -16.99 26.49 -13.98
C TYR B 28 -17.41 26.36 -12.52
N GLU B 29 -18.06 25.25 -12.23
CA GLU B 29 -18.17 24.74 -10.87
C GLU B 29 -16.85 23.98 -10.64
N VAL B 30 -16.08 24.39 -9.63
CA VAL B 30 -14.75 23.83 -9.37
C VAL B 30 -14.75 23.05 -8.06
N HIS B 31 -14.30 21.81 -8.12
CA HIS B 31 -14.15 20.97 -6.95
C HIS B 31 -12.69 20.60 -6.82
N GLY B 32 -12.18 20.61 -5.59
CA GLY B 32 -10.79 20.23 -5.34
C GLY B 32 -10.70 19.14 -4.29
N ILE B 33 -9.68 18.29 -4.43
CA ILE B 33 -9.34 17.31 -3.39
C ILE B 33 -8.20 17.86 -2.56
N VAL B 34 -8.42 17.96 -1.25
CA VAL B 34 -7.45 18.52 -0.32
C VAL B 34 -7.04 17.44 0.68
N ARG B 35 -5.75 17.38 0.99
CA ARG B 35 -5.28 16.44 2.01
C ARG B 35 -5.64 16.94 3.39
N ARG B 36 -6.00 16.03 4.27
CA ARG B 36 -6.09 16.37 5.68
C ARG B 36 -4.73 16.84 6.16
N SER B 37 -4.70 17.93 6.89
CA SER B 37 -3.46 18.43 7.46
C SER B 37 -3.69 18.88 8.90
N SER B 38 -2.66 18.74 9.74
CA SER B 38 -2.78 19.20 11.13
C SER B 38 -2.86 20.72 11.25
N SER B 39 -2.44 21.42 10.20
CA SER B 39 -2.47 22.89 10.08
C SER B 39 -3.19 23.29 8.80
N PHE B 40 -3.55 24.55 8.76
CA PHE B 40 -4.05 25.21 7.56
C PHE B 40 -3.14 24.92 6.34
N ASN B 41 -3.70 24.41 5.25
CA ASN B 41 -2.89 24.13 4.03
C ASN B 41 -3.51 24.69 2.74
N THR B 42 -4.46 25.61 2.88
CA THR B 42 -5.20 26.17 1.73
C THR B 42 -4.83 27.63 1.46
N GLY B 43 -3.63 28.04 1.89
CA GLY B 43 -3.13 29.42 1.69
C GLY B 43 -3.22 29.96 0.28
N ARG B 44 -2.95 29.12 -0.72
CA ARG B 44 -3.00 29.58 -2.12
C ARG B 44 -4.41 29.81 -2.66
N ILE B 45 -5.43 29.21 -2.04
CA ILE B 45 -6.78 29.24 -2.57
C ILE B 45 -7.82 29.85 -1.61
N GLU B 46 -7.41 30.25 -0.41
CA GLU B 46 -8.38 30.68 0.61
C GLU B 46 -9.17 31.91 0.15
N HIS B 47 -8.53 32.79 -0.62
CA HIS B 47 -9.21 33.94 -1.26
C HIS B 47 -10.39 33.56 -2.18
N LEU B 48 -10.44 32.32 -2.67
CA LEU B 48 -11.56 31.85 -3.48
C LEU B 48 -12.76 31.29 -2.66
N TYR B 49 -12.59 31.04 -1.36
CA TYR B 49 -13.65 30.43 -0.51
C TYR B 49 -14.14 31.36 0.62
N ASN B 59 -18.28 28.92 -8.30
CA ASN B 59 -18.46 28.15 -7.06
C ASN B 59 -17.33 27.12 -6.89
N MET B 60 -16.56 27.22 -5.78
CA MET B 60 -15.51 26.26 -5.42
C MET B 60 -15.90 25.45 -4.18
N LYS B 61 -15.75 24.12 -4.26
CA LYS B 61 -15.99 23.24 -3.13
C LYS B 61 -14.77 22.33 -2.92
N LEU B 62 -14.37 22.14 -1.66
CA LEU B 62 -13.21 21.30 -1.33
C LEU B 62 -13.65 20.02 -0.65
N HIS B 63 -12.96 18.92 -0.95
CA HIS B 63 -13.28 17.60 -0.43
C HIS B 63 -11.98 16.99 0.13
N TYR B 64 -12.06 16.39 1.32
CA TYR B 64 -10.93 15.66 1.86
C TYR B 64 -10.70 14.38 1.08
N GLY B 65 -9.43 14.14 0.75
CA GLY B 65 -9.08 12.91 0.06
C GLY B 65 -7.59 12.71 -0.04
N ASP B 66 -7.20 11.58 -0.62
CA ASP B 66 -5.82 11.28 -0.84
C ASP B 66 -5.72 10.34 -2.03
N LEU B 67 -4.70 10.56 -2.86
CA LEU B 67 -4.49 9.73 -4.05
C LEU B 67 -4.05 8.29 -3.71
N THR B 68 -3.74 8.01 -2.44
CA THR B 68 -3.48 6.64 -2.00
C THR B 68 -4.71 5.88 -1.48
N ASP B 69 -5.90 6.50 -1.46
CA ASP B 69 -7.13 5.91 -0.89
C ASP B 69 -8.19 5.85 -2.02
N SER B 70 -8.30 4.69 -2.66
CA SER B 70 -9.20 4.49 -3.81
C SER B 70 -10.67 4.80 -3.52
N THR B 71 -11.17 4.34 -2.37
CA THR B 71 -12.57 4.54 -2.00
C THR B 71 -12.95 6.02 -1.90
N CYS B 72 -12.06 6.84 -1.32
CA CYS B 72 -12.36 8.26 -1.19
C CYS B 72 -12.48 8.90 -2.58
N LEU B 73 -11.65 8.47 -3.54
CA LEU B 73 -11.69 9.02 -4.90
C LEU B 73 -13.01 8.69 -5.61
N VAL B 74 -13.46 7.45 -5.46
CA VAL B 74 -14.75 7.00 -6.01
C VAL B 74 -15.90 7.81 -5.41
N LYS B 75 -15.90 7.99 -4.09
CA LYS B 75 -16.93 8.76 -3.42
C LYS B 75 -16.98 10.21 -3.94
N ILE B 76 -15.82 10.84 -4.07
CA ILE B 76 -15.76 12.22 -4.55
C ILE B 76 -16.24 12.32 -5.99
N ILE B 77 -15.75 11.45 -6.87
CA ILE B 77 -16.12 11.52 -8.28
C ILE B 77 -17.62 11.25 -8.49
N ASN B 78 -18.15 10.28 -7.74
CA ASN B 78 -19.58 9.96 -7.80
C ASN B 78 -20.45 11.13 -7.37
N GLU B 79 -20.02 11.85 -6.33
CA GLU B 79 -20.77 13.02 -5.87
C GLU B 79 -20.66 14.20 -6.84
N VAL B 80 -19.46 14.44 -7.35
CA VAL B 80 -19.20 15.62 -8.18
C VAL B 80 -19.69 15.47 -9.61
N LYS B 81 -19.54 14.28 -10.19
CA LYS B 81 -19.87 14.01 -11.59
C LYS B 81 -19.18 15.02 -12.50
N PRO B 82 -17.84 15.10 -12.40
CA PRO B 82 -17.12 16.11 -13.18
C PRO B 82 -17.18 15.87 -14.67
N THR B 83 -17.14 16.96 -15.44
CA THR B 83 -16.95 16.87 -16.89
C THR B 83 -15.46 16.90 -17.25
N GLU B 84 -14.64 17.49 -16.38
CA GLU B 84 -13.18 17.58 -16.58
C GLU B 84 -12.47 17.23 -15.28
N ILE B 85 -11.42 16.41 -15.37
CA ILE B 85 -10.57 16.06 -14.21
C ILE B 85 -9.15 16.43 -14.51
N TYR B 86 -8.52 17.18 -13.60
CA TYR B 86 -7.12 17.56 -13.73
C TYR B 86 -6.35 16.90 -12.59
N ASN B 87 -5.52 15.92 -12.91
CA ASN B 87 -4.72 15.23 -11.92
C ASN B 87 -3.40 15.93 -11.70
N LEU B 88 -3.42 16.95 -10.86
CA LEU B 88 -2.21 17.71 -10.50
C LEU B 88 -1.60 17.26 -9.18
N GLY B 89 -2.29 16.40 -8.44
CA GLY B 89 -1.80 15.97 -7.14
C GLY B 89 -0.55 15.09 -7.25
N ALA B 90 0.48 15.42 -6.49
CA ALA B 90 1.75 14.69 -6.54
C ALA B 90 2.69 15.13 -5.43
N GLN B 91 3.56 14.20 -5.03
CA GLN B 91 4.82 14.54 -4.40
C GLN B 91 5.68 15.01 -5.57
N SER B 92 5.87 16.31 -5.69
CA SER B 92 6.45 16.89 -6.91
C SER B 92 7.92 17.28 -6.81
N HIS B 93 8.54 17.08 -5.65
CA HIS B 93 9.91 17.51 -5.48
C HIS B 93 10.90 16.40 -5.84
N VAL B 94 11.80 16.70 -6.77
CA VAL B 94 12.70 15.71 -7.34
C VAL B 94 13.75 15.26 -6.32
N LYS B 95 14.36 16.19 -5.60
CA LYS B 95 15.36 15.82 -4.59
C LYS B 95 14.73 14.94 -3.51
N ILE B 96 13.58 15.36 -3.01
CA ILE B 96 12.89 14.63 -1.95
C ILE B 96 12.54 13.22 -2.45
N SER B 97 12.26 13.07 -3.75
CA SER B 97 11.91 11.75 -4.30
C SER B 97 12.98 10.66 -4.09
N PHE B 98 14.26 11.05 -3.96
CA PHE B 98 15.32 10.07 -3.77
C PHE B 98 15.24 9.38 -2.41
N ASP B 99 14.78 10.09 -1.36
CA ASP B 99 14.58 9.47 -0.06
C ASP B 99 13.15 9.10 0.29
N LEU B 100 12.19 9.51 -0.55
CA LEU B 100 10.81 9.15 -0.40
C LEU B 100 10.35 8.45 -1.70
N ALA B 101 11.14 7.50 -2.16
CA ALA B 101 10.93 6.89 -3.48
C ALA B 101 9.62 6.09 -3.54
N GLU B 102 9.33 5.32 -2.49
CA GLU B 102 8.14 4.47 -2.48
C GLU B 102 6.86 5.30 -2.38
N TYR B 103 6.85 6.26 -1.46
CA TYR B 103 5.72 7.19 -1.32
C TYR B 103 5.48 7.93 -2.65
N THR B 104 6.56 8.39 -3.28
CA THR B 104 6.46 9.09 -4.57
C THR B 104 5.86 8.17 -5.64
N ALA B 105 6.28 6.91 -5.69
CA ALA B 105 5.69 5.94 -6.61
C ALA B 105 4.19 5.74 -6.36
N ASP B 106 3.83 5.60 -5.09
CA ASP B 106 2.46 5.30 -4.72
C ASP B 106 1.50 6.46 -5.04
N VAL B 107 1.98 7.69 -4.85
CA VAL B 107 1.17 8.87 -5.11
C VAL B 107 1.17 9.25 -6.61
N ASP B 108 2.36 9.38 -7.17
CA ASP B 108 2.52 9.96 -8.49
C ASP B 108 2.26 8.93 -9.59
N GLY B 109 2.61 7.67 -9.33
CA GLY B 109 2.39 6.61 -10.28
C GLY B 109 1.07 5.90 -10.04
N VAL B 110 1.02 5.13 -8.96
CA VAL B 110 -0.15 4.31 -8.68
C VAL B 110 -1.39 5.18 -8.43
N GLY B 111 -1.20 6.37 -7.85
CA GLY B 111 -2.32 7.30 -7.62
C GLY B 111 -3.04 7.71 -8.90
N THR B 112 -2.27 7.85 -9.98
CA THR B 112 -2.86 8.16 -11.28
C THR B 112 -3.75 6.98 -11.72
N LEU B 113 -3.25 5.76 -11.59
CA LEU B 113 -4.09 4.58 -11.84
C LEU B 113 -5.35 4.58 -10.97
N ARG B 114 -5.20 4.90 -9.69
CA ARG B 114 -6.36 4.90 -8.79
C ARG B 114 -7.44 5.89 -9.26
N LEU B 115 -7.01 7.05 -9.74
CA LEU B 115 -7.94 8.09 -10.17
C LEU B 115 -8.64 7.67 -11.47
N LEU B 116 -7.88 7.09 -12.40
CA LEU B 116 -8.44 6.55 -13.65
C LEU B 116 -9.43 5.42 -13.40
N ASP B 117 -9.06 4.48 -12.52
CA ASP B 117 -9.98 3.42 -12.15
C ASP B 117 -11.23 3.93 -11.44
N ALA B 118 -11.11 5.00 -10.66
CA ALA B 118 -12.26 5.64 -10.01
C ALA B 118 -13.24 6.20 -11.06
N VAL B 119 -12.69 6.86 -12.09
CA VAL B 119 -13.49 7.32 -13.22
C VAL B 119 -14.29 6.17 -13.84
N LYS B 120 -13.59 5.07 -14.12
CA LYS B 120 -14.21 3.90 -14.73
C LYS B 120 -15.26 3.28 -13.81
N THR B 121 -14.91 3.10 -12.54
CA THR B 121 -15.85 2.59 -11.54
C THR B 121 -17.13 3.43 -11.44
N CYS B 122 -16.98 4.74 -11.55
CA CYS B 122 -18.12 5.66 -11.47
C CYS B 122 -18.96 5.76 -12.76
N GLY B 123 -18.61 4.99 -13.78
CA GLY B 123 -19.34 4.98 -15.05
C GLY B 123 -19.11 6.17 -15.95
N LEU B 124 -18.00 6.90 -15.75
CA LEU B 124 -17.72 8.15 -16.45
C LEU B 124 -16.67 8.02 -17.56
N ILE B 125 -16.33 6.80 -17.97
CA ILE B 125 -15.23 6.60 -18.92
C ILE B 125 -15.50 7.28 -20.27
N ASN B 126 -16.78 7.36 -20.66
CA ASN B 126 -17.17 7.96 -21.93
C ASN B 126 -17.57 9.44 -21.84
N SER B 127 -17.76 9.99 -20.64
CA SER B 127 -18.20 11.36 -20.48
C SER B 127 -17.13 12.35 -20.00
N VAL B 128 -16.14 11.88 -19.24
CA VAL B 128 -15.20 12.82 -18.63
C VAL B 128 -13.98 13.04 -19.51
N LYS B 129 -13.37 14.22 -19.41
CA LYS B 129 -12.07 14.47 -20.01
C LYS B 129 -11.04 14.56 -18.89
N PHE B 130 -9.92 13.86 -19.07
CA PHE B 130 -8.91 13.65 -18.02
C PHE B 130 -7.56 14.25 -18.43
N TYR B 131 -7.04 15.17 -17.62
CA TYR B 131 -5.73 15.75 -17.84
C TYR B 131 -4.74 15.16 -16.83
N GLN B 132 -3.64 14.60 -17.32
CA GLN B 132 -2.55 14.14 -16.47
C GLN B 132 -1.41 15.13 -16.48
N ALA B 133 -0.90 15.46 -15.29
CA ALA B 133 0.24 16.33 -15.14
C ALA B 133 1.57 15.59 -15.38
N SER B 134 1.89 15.41 -16.65
CA SER B 134 3.18 14.90 -17.03
C SER B 134 4.23 16.03 -17.01
N THR B 135 5.46 15.75 -17.43
CA THR B 135 6.57 16.57 -17.04
C THR B 135 7.77 16.36 -17.94
N SER B 136 8.56 17.42 -18.10
CA SER B 136 9.84 17.35 -18.77
C SER B 136 10.83 16.44 -18.07
N GLU B 137 10.63 16.15 -16.79
CA GLU B 137 11.47 15.17 -16.10
C GLU B 137 11.44 13.79 -16.76
N LEU B 138 10.39 13.50 -17.53
CA LEU B 138 10.34 12.28 -18.33
C LEU B 138 11.53 12.17 -19.30
N TYR B 139 12.02 13.31 -19.82
CA TYR B 139 13.16 13.30 -20.75
C TYR B 139 14.51 13.09 -20.08
N GLY B 140 14.61 13.47 -18.80
CA GLY B 140 15.77 13.26 -17.97
C GLY B 140 17.10 13.54 -18.68
N LYS B 141 17.85 12.47 -18.95
CA LYS B 141 19.08 12.55 -19.72
C LYS B 141 18.66 12.65 -21.18
N VAL B 142 18.55 13.89 -21.66
CA VAL B 142 17.77 14.17 -22.87
C VAL B 142 18.35 13.46 -24.08
N GLN B 143 17.48 12.83 -24.84
CA GLN B 143 17.90 12.02 -25.99
C GLN B 143 17.90 12.82 -27.30
N GLU B 144 17.27 13.98 -27.30
CA GLU B 144 17.27 14.94 -28.42
C GLU B 144 17.25 16.34 -27.80
N ILE B 145 17.78 17.32 -28.52
CA ILE B 145 17.68 18.73 -28.16
C ILE B 145 17.17 19.49 -29.40
N PRO B 146 16.04 20.21 -29.35
CA PRO B 146 15.14 20.28 -28.18
C PRO B 146 14.31 19.00 -28.03
N GLN B 147 13.54 18.91 -26.94
CA GLN B 147 12.68 17.78 -26.71
C GLN B 147 11.27 18.05 -27.21
N LYS B 148 10.70 17.09 -27.94
CA LYS B 148 9.32 17.18 -28.42
C LYS B 148 8.57 15.91 -28.03
N GLU B 149 7.33 15.79 -28.48
CA GLU B 149 6.46 14.70 -28.03
C GLU B 149 7.02 13.32 -28.37
N THR B 150 7.80 13.24 -29.45
CA THR B 150 8.34 11.96 -29.94
C THR B 150 9.76 11.68 -29.44
N THR B 151 10.35 12.59 -28.68
CA THR B 151 11.65 12.37 -28.06
C THR B 151 11.52 11.22 -27.02
N PRO B 152 12.40 10.20 -27.12
CA PRO B 152 12.30 9.09 -26.16
C PRO B 152 12.56 9.55 -24.71
N PHE B 153 11.82 8.97 -23.78
CA PHE B 153 11.97 9.28 -22.37
C PHE B 153 13.18 8.57 -21.74
N TYR B 154 13.79 9.22 -20.75
CA TYR B 154 14.95 8.70 -20.00
C TYR B 154 14.94 9.32 -18.62
N PRO B 155 14.06 8.83 -17.73
CA PRO B 155 13.96 9.45 -16.40
C PRO B 155 15.20 9.23 -15.55
N ARG B 156 15.42 10.15 -14.63
CA ARG B 156 16.63 10.23 -13.82
C ARG B 156 16.36 10.40 -12.32
N SER B 157 15.17 10.01 -11.87
CA SER B 157 14.86 10.04 -10.44
C SER B 157 13.68 9.14 -10.17
N PRO B 158 13.44 8.83 -8.88
CA PRO B 158 12.20 8.14 -8.57
C PRO B 158 10.94 8.92 -8.94
N TYR B 159 11.02 10.25 -8.90
CA TYR B 159 9.94 11.13 -9.40
C TYR B 159 9.70 10.89 -10.89
N GLY B 160 10.75 10.96 -11.68
CA GLY B 160 10.62 10.71 -13.13
C GLY B 160 10.08 9.34 -13.48
N ALA B 161 10.57 8.31 -12.78
CA ALA B 161 10.08 6.95 -13.00
C ALA B 161 8.60 6.82 -12.66
N ALA B 162 8.19 7.41 -11.53
CA ALA B 162 6.78 7.36 -11.12
C ALA B 162 5.90 8.09 -12.15
N LYS B 163 6.36 9.25 -12.60
CA LYS B 163 5.61 10.00 -13.61
C LYS B 163 5.56 9.28 -14.96
N LEU B 164 6.59 8.50 -15.28
CA LEU B 164 6.60 7.69 -16.49
C LEU B 164 5.55 6.59 -16.46
N TYR B 165 5.44 5.92 -15.31
CA TYR B 165 4.35 4.98 -15.10
C TYR B 165 2.99 5.67 -15.38
N ALA B 166 2.82 6.83 -14.78
CA ALA B 166 1.56 7.59 -14.87
C ALA B 166 1.25 7.98 -16.32
N TYR B 167 2.27 8.42 -17.04
CA TYR B 167 2.12 8.79 -18.45
C TYR B 167 1.54 7.61 -19.23
N TRP B 168 2.13 6.43 -19.03
CA TRP B 168 1.74 5.27 -19.82
C TRP B 168 0.44 4.61 -19.39
N ILE B 169 0.10 4.68 -18.10
CA ILE B 169 -1.19 4.14 -17.67
C ILE B 169 -2.35 5.04 -18.20
N VAL B 170 -2.10 6.33 -18.29
CA VAL B 170 -3.04 7.27 -18.94
C VAL B 170 -3.24 6.90 -20.41
N VAL B 171 -2.13 6.69 -21.12
CA VAL B 171 -2.19 6.25 -22.51
C VAL B 171 -2.99 4.96 -22.59
N ASN B 172 -2.75 4.03 -21.67
CA ASN B 172 -3.47 2.75 -21.73
C ASN B 172 -4.97 2.89 -21.51
N PHE B 173 -5.42 3.76 -20.60
CA PHE B 173 -6.87 3.98 -20.42
C PHE B 173 -7.50 4.62 -21.66
N ARG B 174 -6.75 5.52 -22.29
CA ARG B 174 -7.19 6.15 -23.54
C ARG B 174 -7.38 5.10 -24.64
N GLU B 175 -6.37 4.25 -24.82
CA GLU B 175 -6.37 3.26 -25.91
C GLU B 175 -7.28 2.08 -25.63
N ALA B 176 -7.32 1.61 -24.38
CA ALA B 176 -8.14 0.45 -24.04
C ALA B 176 -9.63 0.75 -23.95
N TYR B 177 -9.98 1.90 -23.37
CA TYR B 177 -11.38 2.19 -23.01
C TYR B 177 -11.95 3.44 -23.65
N ASN B 178 -11.20 4.05 -24.56
CA ASN B 178 -11.59 5.30 -25.25
C ASN B 178 -11.88 6.46 -24.29
N LEU B 179 -11.16 6.49 -23.15
CA LEU B 179 -11.20 7.64 -22.28
C LEU B 179 -10.54 8.82 -22.98
N PHE B 180 -11.20 9.98 -22.95
CA PHE B 180 -10.54 11.21 -23.39
C PHE B 180 -9.55 11.57 -22.28
N ALA B 181 -8.29 11.16 -22.47
CA ALA B 181 -7.24 11.39 -21.48
C ALA B 181 -5.99 11.85 -22.19
N VAL B 182 -5.34 12.86 -21.61
CA VAL B 182 -4.18 13.49 -22.23
C VAL B 182 -3.06 13.69 -21.23
N ASN B 183 -1.84 13.65 -21.74
CA ASN B 183 -0.63 13.97 -20.98
C ASN B 183 -0.15 15.35 -21.38
N GLY B 184 -0.19 16.27 -20.43
CA GLY B 184 0.51 17.53 -20.57
C GLY B 184 1.94 17.35 -20.16
N ILE B 185 2.85 17.44 -21.14
CA ILE B 185 4.28 17.30 -20.86
C ILE B 185 4.82 18.70 -20.62
N LEU B 186 4.66 19.18 -19.39
CA LEU B 186 4.98 20.56 -19.04
C LEU B 186 6.39 20.68 -18.54
N PHE B 187 7.11 21.63 -19.11
CA PHE B 187 8.43 21.98 -18.65
C PHE B 187 8.29 22.90 -17.44
N ASN B 188 9.40 23.15 -16.75
CA ASN B 188 9.39 23.89 -15.49
C ASN B 188 8.56 25.17 -15.60
N HIS B 189 7.66 25.36 -14.64
CA HIS B 189 6.91 26.61 -14.56
C HIS B 189 6.79 27.10 -13.11
N GLU B 190 6.95 28.40 -12.97
CA GLU B 190 7.20 29.07 -11.71
C GLU B 190 6.24 30.26 -11.56
N SER B 191 6.27 30.87 -10.40
CA SER B 191 5.34 31.94 -10.05
C SER B 191 5.69 32.44 -8.67
N PRO B 192 5.05 33.54 -8.23
CA PRO B 192 5.19 33.93 -6.82
C PRO B 192 4.59 32.95 -5.82
N ARG B 193 3.85 31.96 -6.32
CA ARG B 193 3.20 30.92 -5.47
C ARG B 193 3.99 29.61 -5.51
N ARG B 194 5.10 29.58 -6.20
CA ARG B 194 5.96 28.40 -6.28
C ARG B 194 6.41 27.95 -4.91
N GLY B 195 6.45 26.63 -4.67
CA GLY B 195 6.96 26.11 -3.42
C GLY B 195 8.36 26.64 -3.13
N ALA B 196 8.61 26.96 -1.86
CA ALA B 196 9.86 27.58 -1.44
C ALA B 196 11.09 26.69 -1.62
N ASN B 197 10.88 25.39 -1.75
CA ASN B 197 11.97 24.40 -1.88
C ASN B 197 12.43 24.19 -3.32
N PHE B 198 11.75 24.78 -4.29
CA PHE B 198 12.19 24.75 -5.70
C PHE B 198 13.19 25.89 -5.91
N VAL B 199 14.08 25.74 -6.90
CA VAL B 199 15.27 26.57 -6.95
C VAL B 199 14.93 28.06 -7.18
N THR B 200 13.94 28.31 -8.00
CA THR B 200 13.58 29.68 -8.41
C THR B 200 13.04 30.48 -7.23
N ARG B 201 12.11 29.87 -6.50
CA ARG B 201 11.51 30.51 -5.32
C ARG B 201 12.51 30.57 -4.18
N LYS B 202 13.35 29.56 -4.02
CA LYS B 202 14.41 29.62 -3.03
C LYS B 202 15.31 30.85 -3.28
N ILE B 203 15.68 31.06 -4.53
CA ILE B 203 16.49 32.22 -4.91
C ILE B 203 15.71 33.54 -4.68
N SER B 204 14.49 33.63 -5.19
CA SER B 204 13.74 34.89 -5.10
C SER B 204 13.46 35.26 -3.64
N ARG B 205 13.08 34.28 -2.82
CA ARG B 205 12.88 34.52 -1.39
C ARG B 205 14.16 34.94 -0.67
N SER B 206 15.27 34.27 -0.99
CA SER B 206 16.53 34.53 -0.33
C SER B 206 17.09 35.90 -0.72
N VAL B 207 17.00 36.23 -2.00
CA VAL B 207 17.43 37.53 -2.50
C VAL B 207 16.59 38.65 -1.88
N ALA B 208 15.28 38.46 -1.83
CA ALA B 208 14.40 39.40 -1.15
C ALA B 208 14.82 39.65 0.31
N LYS B 209 15.10 38.56 1.04
CA LYS B 209 15.53 38.68 2.43
C LYS B 209 16.85 39.42 2.57
N ILE B 210 17.77 39.17 1.64
CA ILE B 210 19.06 39.87 1.64
C ILE B 210 18.85 41.36 1.42
N TYR B 211 18.01 41.72 0.45
CA TYR B 211 17.68 43.11 0.20
C TYR B 211 17.11 43.81 1.43
N LEU B 212 16.27 43.11 2.18
CA LEU B 212 15.65 43.67 3.38
C LEU B 212 16.48 43.55 4.65
N GLY B 213 17.69 43.01 4.56
CA GLY B 213 18.55 42.83 5.74
C GLY B 213 18.15 41.71 6.67
N GLN B 214 17.27 40.81 6.22
CA GLN B 214 16.80 39.66 7.03
C GLN B 214 17.71 38.44 6.88
N LEU B 215 18.63 38.47 5.92
CA LEU B 215 19.52 37.37 5.62
C LEU B 215 20.80 37.92 5.00
N GLU B 216 21.92 37.25 5.17
CA GLU B 216 23.18 37.65 4.53
C GLU B 216 23.59 36.75 3.36
N CYS B 217 23.32 35.46 3.50
CA CYS B 217 23.89 34.45 2.61
C CYS B 217 22.94 33.25 2.51
N PHE B 218 22.93 32.56 1.37
CA PHE B 218 22.22 31.27 1.24
C PHE B 218 23.01 30.31 0.36
N SER B 219 22.73 29.02 0.50
CA SER B 219 23.45 28.00 -0.27
C SER B 219 22.54 27.32 -1.27
N LEU B 220 23.14 27.00 -2.42
CA LEU B 220 22.49 26.27 -3.49
C LEU B 220 23.28 25.00 -3.76
N GLY B 221 22.78 24.19 -4.69
CA GLY B 221 23.47 23.00 -5.16
C GLY B 221 24.13 23.26 -6.49
N ASN B 222 23.63 22.60 -7.55
CA ASN B 222 24.22 22.65 -8.89
C ASN B 222 23.86 23.95 -9.61
N LEU B 223 24.80 24.90 -9.64
CA LEU B 223 24.57 26.18 -10.32
C LEU B 223 24.52 26.08 -11.84
N ASP B 224 25.05 25.00 -12.41
CA ASP B 224 25.16 24.86 -13.85
C ASP B 224 24.00 24.14 -14.52
N ALA B 225 23.04 23.66 -13.74
CA ALA B 225 21.84 23.06 -14.33
C ALA B 225 21.13 24.09 -15.19
N LYS B 226 20.65 23.61 -16.33
CA LYS B 226 19.94 24.46 -17.30
C LYS B 226 18.48 24.05 -17.46
N ARG B 227 17.61 25.03 -17.39
CA ARG B 227 16.16 24.79 -17.48
C ARG B 227 15.45 25.73 -18.43
N ASP B 228 14.31 25.24 -18.91
CA ASP B 228 13.34 25.97 -19.69
C ASP B 228 12.26 26.37 -18.66
N TRP B 229 12.23 27.66 -18.30
CA TRP B 229 11.35 28.17 -17.24
C TRP B 229 10.28 29.10 -17.80
N GLY B 230 9.02 28.73 -17.56
CA GLY B 230 7.88 29.59 -17.90
C GLY B 230 7.08 29.96 -16.67
N HIS B 231 5.96 30.67 -16.89
CA HIS B 231 5.09 31.11 -15.80
C HIS B 231 3.87 30.19 -15.67
N ALA B 232 3.64 29.68 -14.47
CA ALA B 232 2.52 28.76 -14.19
C ALA B 232 1.17 29.26 -14.66
N LYS B 233 0.89 30.55 -14.52
CA LYS B 233 -0.38 31.13 -14.99
C LYS B 233 -0.61 30.91 -16.49
N ASP B 234 0.44 31.00 -17.29
CA ASP B 234 0.32 30.65 -18.72
C ASP B 234 0.07 29.16 -18.95
N TYR B 235 0.70 28.33 -18.14
CA TYR B 235 0.72 26.88 -18.38
C TYR B 235 -0.60 26.23 -18.00
N VAL B 236 -1.29 26.74 -16.97
CA VAL B 236 -2.61 26.16 -16.63
C VAL B 236 -3.61 26.37 -17.74
N GLU B 237 -3.49 27.47 -18.48
CA GLU B 237 -4.31 27.67 -19.67
C GLU B 237 -4.10 26.59 -20.70
N ALA B 238 -2.87 26.16 -20.90
CA ALA B 238 -2.58 25.02 -21.81
C ALA B 238 -3.29 23.77 -21.38
N MET B 239 -3.38 23.53 -20.06
CA MET B 239 -4.06 22.33 -19.57
C MET B 239 -5.52 22.33 -20.03
N TRP B 240 -6.19 23.47 -19.83
CA TRP B 240 -7.58 23.61 -20.24
C TRP B 240 -7.75 23.48 -21.76
N LEU B 241 -6.86 24.12 -22.51
CA LEU B 241 -6.86 24.01 -23.97
C LEU B 241 -6.74 22.57 -24.45
N MET B 242 -5.93 21.75 -23.78
CA MET B 242 -5.82 20.33 -24.16
C MET B 242 -7.12 19.57 -23.99
N LEU B 243 -7.93 19.93 -23.02
CA LEU B 243 -9.24 19.30 -22.83
C LEU B 243 -10.36 19.92 -23.71
N GLN B 244 -10.10 21.06 -24.36
CA GLN B 244 -11.03 21.64 -25.35
C GLN B 244 -10.78 21.06 -26.75
N ASN B 245 -9.64 20.41 -26.95
CA ASN B 245 -9.27 19.84 -28.26
C ASN B 245 -10.28 18.77 -28.64
N ASP B 246 -10.54 18.62 -29.93
CA ASP B 246 -11.49 17.61 -30.42
C ASP B 246 -11.03 16.16 -30.19
N GLU B 247 -9.73 15.92 -30.30
CA GLU B 247 -9.13 14.59 -30.08
C GLU B 247 -8.21 14.66 -28.86
N PRO B 248 -8.12 13.56 -28.09
CA PRO B 248 -7.20 13.56 -26.94
C PRO B 248 -5.78 13.33 -27.40
N GLU B 249 -4.94 14.36 -27.29
CA GLU B 249 -3.55 14.29 -27.72
C GLU B 249 -2.65 14.78 -26.59
N ASP B 250 -1.41 14.28 -26.62
CA ASP B 250 -0.37 14.70 -25.68
C ASP B 250 0.41 15.86 -26.26
N PHE B 251 0.81 16.80 -25.39
CA PHE B 251 1.53 17.99 -25.84
C PHE B 251 2.65 18.40 -24.92
N VAL B 252 3.75 18.83 -25.52
CA VAL B 252 4.80 19.55 -24.83
C VAL B 252 4.38 20.99 -24.68
N ILE B 253 4.57 21.54 -23.48
CA ILE B 253 4.29 22.93 -23.17
C ILE B 253 5.57 23.47 -22.52
N ALA B 254 6.14 24.51 -23.13
CA ALA B 254 7.45 25.02 -22.79
C ALA B 254 7.69 26.37 -23.46
N THR B 255 8.76 27.05 -23.07
CA THR B 255 9.16 28.30 -23.72
C THR B 255 10.13 28.11 -24.89
N GLY B 256 10.91 27.04 -24.86
CA GLY B 256 12.01 26.87 -25.81
C GLY B 256 13.27 27.68 -25.53
N GLU B 257 13.29 28.43 -24.43
CA GLU B 257 14.45 29.25 -24.06
C GLU B 257 15.07 28.64 -22.81
N VAL B 258 16.41 28.57 -22.79
CA VAL B 258 17.15 27.91 -21.74
C VAL B 258 17.98 28.89 -20.96
N HIS B 259 17.98 28.76 -19.64
CA HIS B 259 18.87 29.52 -18.76
C HIS B 259 19.41 28.62 -17.66
N SER B 260 20.53 29.00 -17.08
CA SER B 260 21.12 28.24 -15.98
C SER B 260 20.60 28.76 -14.63
N VAL B 261 20.76 27.94 -13.60
CA VAL B 261 20.49 28.37 -12.22
C VAL B 261 21.34 29.61 -11.88
N ARG B 262 22.60 29.57 -12.29
CA ARG B 262 23.53 30.68 -12.12
C ARG B 262 22.94 31.99 -12.69
N GLU B 263 22.36 31.94 -13.89
CA GLU B 263 21.73 33.11 -14.50
C GLU B 263 20.50 33.60 -13.71
N PHE B 264 19.71 32.65 -13.20
CA PHE B 264 18.58 33.02 -12.34
C PHE B 264 19.07 33.82 -11.13
N VAL B 265 20.15 33.34 -10.51
CA VAL B 265 20.75 34.00 -9.36
C VAL B 265 21.23 35.42 -9.76
N GLU B 266 21.98 35.50 -10.85
CA GLU B 266 22.55 36.80 -11.32
C GLU B 266 21.45 37.81 -11.58
N LYS B 267 20.45 37.40 -12.35
CA LYS B 267 19.33 38.30 -12.67
C LYS B 267 18.52 38.70 -11.44
N SER B 268 18.34 37.76 -10.49
CA SER B 268 17.59 38.07 -9.27
C SER B 268 18.32 39.14 -8.43
N PHE B 269 19.63 38.96 -8.24
CA PHE B 269 20.44 39.97 -7.54
C PHE B 269 20.48 41.33 -8.24
N LEU B 270 20.49 41.34 -9.58
CA LEU B 270 20.43 42.62 -10.33
C LEU B 270 19.16 43.40 -9.97
N HIS B 271 18.06 42.70 -9.73
CA HIS B 271 16.81 43.36 -9.34
C HIS B 271 16.79 44.00 -7.97
N ILE B 272 17.73 43.64 -7.10
CA ILE B 272 17.91 44.35 -5.83
C ILE B 272 19.17 45.22 -5.83
N GLY B 273 19.74 45.47 -7.01
CA GLY B 273 20.84 46.40 -7.21
C GLY B 273 22.21 45.85 -6.90
N LYS B 274 22.41 44.54 -7.06
CA LYS B 274 23.70 43.91 -6.78
C LYS B 274 24.16 43.11 -7.97
N THR B 275 25.48 43.14 -8.23
CA THR B 275 26.10 42.36 -9.29
C THR B 275 26.87 41.24 -8.62
N ILE B 276 26.48 39.99 -8.91
CA ILE B 276 27.15 38.83 -8.36
C ILE B 276 28.36 38.50 -9.24
N VAL B 277 29.49 38.24 -8.59
CA VAL B 277 30.70 37.81 -9.26
C VAL B 277 31.09 36.46 -8.63
N TRP B 278 31.35 35.47 -9.48
CA TRP B 278 31.65 34.12 -9.02
C TRP B 278 33.15 33.88 -8.88
N GLU B 279 33.54 33.15 -7.83
CA GLU B 279 34.92 32.72 -7.64
C GLU B 279 34.91 31.30 -7.09
N GLY B 280 35.96 30.53 -7.40
CA GLY B 280 36.07 29.15 -6.93
C GLY B 280 35.35 28.16 -7.82
N LYS B 281 35.41 26.89 -7.44
CA LYS B 281 34.93 25.79 -8.27
C LYS B 281 34.17 24.78 -7.40
N ASN B 282 33.20 24.10 -8.03
CA ASN B 282 32.49 22.99 -7.40
C ASN B 282 31.87 23.42 -6.07
N GLU B 283 32.02 22.63 -5.00
CA GLU B 283 31.38 22.95 -3.72
C GLU B 283 32.02 24.14 -2.99
N ASN B 284 33.16 24.63 -3.49
CA ASN B 284 33.80 25.83 -2.93
C ASN B 284 33.53 27.09 -3.73
N GLU B 285 32.67 27.02 -4.76
CA GLU B 285 32.29 28.20 -5.48
C GLU B 285 31.42 29.12 -4.62
N VAL B 286 31.66 30.43 -4.71
CA VAL B 286 30.86 31.43 -3.99
C VAL B 286 30.49 32.57 -4.93
N GLY B 287 29.36 33.21 -4.61
CA GLY B 287 28.87 34.39 -5.33
C GLY B 287 29.03 35.59 -4.42
N ARG B 288 29.72 36.61 -4.92
CA ARG B 288 30.16 37.76 -4.12
C ARG B 288 29.57 39.04 -4.74
N CYS B 289 29.10 39.95 -3.88
CA CYS B 289 28.70 41.27 -4.36
C CYS B 289 29.93 42.02 -4.90
N LYS B 290 29.85 42.48 -6.14
CA LYS B 290 30.95 43.21 -6.77
C LYS B 290 31.28 44.51 -6.03
N GLU B 291 30.24 45.28 -5.69
CA GLU B 291 30.40 46.56 -4.98
C GLU B 291 30.98 46.41 -3.56
N THR B 292 30.42 45.51 -2.75
CA THR B 292 30.79 45.38 -1.32
C THR B 292 31.75 44.24 -0.97
N GLY B 293 31.95 43.28 -1.87
CA GLY B 293 32.71 42.08 -1.56
C GLY B 293 32.08 41.07 -0.58
N LYS B 294 30.82 41.28 -0.18
CA LYS B 294 30.14 40.36 0.75
C LYS B 294 29.75 39.06 -0.01
N VAL B 295 29.96 37.92 0.63
CA VAL B 295 29.54 36.63 0.08
C VAL B 295 28.05 36.48 0.33
N HIS B 296 27.28 36.33 -0.75
CA HIS B 296 25.83 36.12 -0.65
C HIS B 296 25.35 34.73 -1.08
N VAL B 297 26.16 33.99 -1.84
CA VAL B 297 25.77 32.68 -2.33
C VAL B 297 26.91 31.68 -2.14
N THR B 298 26.63 30.53 -1.54
CA THR B 298 27.58 29.44 -1.42
C THR B 298 26.97 28.18 -2.03
N VAL B 299 27.77 27.12 -2.12
CA VAL B 299 27.36 25.84 -2.66
C VAL B 299 27.47 24.77 -1.58
N ASP B 300 26.45 23.90 -1.50
CA ASP B 300 26.47 22.80 -0.58
C ASP B 300 26.07 21.53 -1.33
N LEU B 301 26.91 20.50 -1.28
CA LEU B 301 26.65 19.23 -1.95
C LEU B 301 25.36 18.54 -1.52
N LYS B 302 24.85 18.85 -0.33
CA LYS B 302 23.59 18.26 0.10
C LYS B 302 22.40 18.65 -0.78
N TYR B 303 22.52 19.72 -1.59
CA TYR B 303 21.45 20.11 -2.53
C TYR B 303 21.59 19.51 -3.93
N TYR B 304 22.69 18.81 -4.19
CA TYR B 304 22.86 18.06 -5.45
C TYR B 304 21.93 16.83 -5.47
N ARG B 305 21.58 16.38 -6.66
CA ARG B 305 20.86 15.14 -6.86
C ARG B 305 21.87 14.07 -7.32
N PRO B 306 21.70 12.81 -6.89
CA PRO B 306 22.62 11.74 -7.31
C PRO B 306 22.68 11.57 -8.83
N THR B 307 21.55 11.75 -9.51
CA THR B 307 21.50 11.67 -10.95
C THR B 307 20.81 12.93 -11.47
N GLU B 308 21.62 13.91 -11.85
CA GLU B 308 21.10 15.22 -12.25
C GLU B 308 20.45 15.15 -13.65
N VAL B 309 19.52 16.07 -13.88
CA VAL B 309 18.96 16.34 -15.19
C VAL B 309 19.65 17.63 -15.61
N ASP B 310 20.64 17.53 -16.48
CA ASP B 310 21.57 18.65 -16.75
C ASP B 310 20.96 19.77 -17.59
N PHE B 311 20.01 19.43 -18.44
CA PHE B 311 19.60 20.32 -19.51
C PHE B 311 18.22 19.96 -20.05
N LEU B 312 17.33 20.95 -20.11
CA LEU B 312 16.02 20.79 -20.72
C LEU B 312 15.70 21.99 -21.58
N GLN B 313 15.11 21.72 -22.73
CA GLN B 313 14.64 22.75 -23.66
C GLN B 313 13.52 22.16 -24.48
N GLY B 314 12.31 22.66 -24.27
CA GLY B 314 11.13 22.10 -24.90
C GLY B 314 10.80 22.71 -26.25
N ASP B 315 10.30 21.89 -27.16
CA ASP B 315 9.76 22.35 -28.44
C ASP B 315 8.24 22.20 -28.43
N CYS B 316 7.54 23.31 -28.29
CA CYS B 316 6.07 23.29 -28.22
C CYS B 316 5.36 23.64 -29.54
N THR B 317 6.01 23.33 -30.68
CA THR B 317 5.42 23.56 -32.01
C THR B 317 4.02 22.95 -32.15
N LYS B 318 3.85 21.71 -31.70
CA LYS B 318 2.57 21.03 -31.83
C LYS B 318 1.43 21.81 -31.11
N ALA B 319 1.70 22.23 -29.87
CA ALA B 319 0.74 23.01 -29.09
C ALA B 319 0.42 24.37 -29.73
N LYS B 320 1.45 25.04 -30.23
CA LYS B 320 1.27 26.32 -30.93
C LYS B 320 0.32 26.16 -32.10
N GLN B 321 0.53 25.11 -32.89
CA GLN B 321 -0.28 24.89 -34.09
C GLN B 321 -1.68 24.41 -33.78
N LYS B 322 -1.83 23.45 -32.87
CA LYS B 322 -3.13 22.86 -32.60
C LYS B 322 -3.96 23.55 -31.53
N LEU B 323 -3.32 24.14 -30.53
CA LEU B 323 -4.06 24.76 -29.42
C LEU B 323 -4.06 26.28 -29.48
N ASN B 324 -3.26 26.88 -30.36
CA ASN B 324 -3.02 28.34 -30.34
C ASN B 324 -2.46 28.77 -28.95
N TRP B 325 -1.67 27.91 -28.32
CA TRP B 325 -1.02 28.23 -27.08
C TRP B 325 0.33 28.86 -27.39
N LYS B 326 0.72 29.86 -26.61
CA LYS B 326 2.06 30.41 -26.66
C LYS B 326 2.39 30.91 -25.28
N PRO B 327 3.67 30.78 -24.87
CA PRO B 327 4.03 31.38 -23.59
C PRO B 327 3.98 32.91 -23.74
N ARG B 328 3.51 33.58 -22.71
CA ARG B 328 3.32 35.04 -22.72
C ARG B 328 4.36 35.72 -21.83
N VAL B 329 4.71 35.11 -20.70
CA VAL B 329 5.74 35.63 -19.82
C VAL B 329 7.10 35.00 -20.17
N ALA B 330 8.08 35.85 -20.43
CA ALA B 330 9.45 35.41 -20.69
C ALA B 330 10.27 35.50 -19.42
N PHE B 331 11.45 34.89 -19.48
CA PHE B 331 12.31 34.66 -18.33
C PHE B 331 12.66 35.90 -17.54
N ASP B 332 13.08 36.97 -18.21
CA ASP B 332 13.44 38.21 -17.49
C ASP B 332 12.26 38.76 -16.66
N GLU B 333 11.05 38.75 -17.25
CA GLU B 333 9.85 39.19 -16.52
C GLU B 333 9.49 38.24 -15.36
N LEU B 334 9.67 36.93 -15.57
CA LEU B 334 9.43 35.93 -14.52
C LEU B 334 10.28 36.22 -13.30
N VAL B 335 11.57 36.45 -13.52
CA VAL B 335 12.51 36.70 -12.42
C VAL B 335 12.12 37.99 -11.69
N ARG B 336 11.87 39.05 -12.46
CA ARG B 336 11.47 40.33 -11.88
C ARG B 336 10.22 40.18 -11.01
N GLU B 337 9.20 39.52 -11.56
CA GLU B 337 7.94 39.32 -10.84
C GLU B 337 8.17 38.56 -9.52
N MET B 338 8.97 37.51 -9.55
CA MET B 338 9.18 36.69 -8.34
C MET B 338 9.97 37.43 -7.29
N VAL B 339 11.01 38.16 -7.69
CA VAL B 339 11.81 38.91 -6.72
C VAL B 339 10.97 40.05 -6.11
N HIS B 340 10.25 40.80 -6.94
N HIS B 340 10.25 40.80 -6.94
CA HIS B 340 9.41 41.92 -6.46
CA HIS B 340 9.42 41.92 -6.47
C HIS B 340 8.30 41.42 -5.54
C HIS B 340 8.30 41.42 -5.54
N ALA B 341 7.64 40.32 -5.91
CA ALA B 341 6.61 39.71 -5.05
C ALA B 341 7.15 39.28 -3.70
N ASP B 342 8.35 38.69 -3.67
CA ASP B 342 8.93 38.28 -2.40
C ASP B 342 9.47 39.43 -1.56
N VAL B 343 9.97 40.49 -2.19
CA VAL B 343 10.31 41.70 -1.44
C VAL B 343 9.05 42.24 -0.74
N GLU B 344 7.94 42.37 -1.45
CA GLU B 344 6.68 42.84 -0.86
C GLU B 344 6.16 41.91 0.23
N LEU B 345 6.25 40.60 -0.01
CA LEU B 345 5.83 39.62 0.98
C LEU B 345 6.64 39.72 2.27
N MET B 346 7.97 39.78 2.14
CA MET B 346 8.87 39.77 3.28
C MET B 346 8.89 41.13 4.02
N ARG B 347 8.57 42.21 3.32
CA ARG B 347 8.49 43.55 3.93
C ARG B 347 7.28 43.60 4.87
N THR B 348 6.13 43.14 4.37
CA THR B 348 4.91 43.05 5.17
C THR B 348 5.05 42.09 6.36
N ASN B 349 5.76 40.99 6.16
CA ASN B 349 5.89 39.94 7.19
C ASN B 349 7.25 39.22 7.09
N PRO B 350 8.22 39.58 7.96
CA PRO B 350 9.53 38.91 8.01
C PRO B 350 9.53 37.39 8.24
N ASN B 351 8.47 36.84 8.85
CA ASN B 351 8.32 35.38 9.03
C ASN B 351 7.54 34.68 7.89
N ALA B 352 7.24 35.38 6.80
CA ALA B 352 6.43 34.81 5.70
C ALA B 352 7.24 33.86 4.80
N ARG C 3 23.52 10.60 26.88
CA ARG C 3 23.08 10.86 25.50
C ARG C 3 21.55 10.80 25.42
N ASN C 4 20.90 11.90 25.08
CA ASN C 4 19.43 11.97 25.01
C ASN C 4 19.05 12.50 23.63
N VAL C 5 18.55 11.61 22.78
CA VAL C 5 18.24 11.92 21.39
C VAL C 5 16.82 11.41 21.11
N ALA C 6 15.88 12.33 20.88
CA ALA C 6 14.48 11.98 20.64
C ALA C 6 14.14 12.08 19.16
N LEU C 7 13.39 11.09 18.66
CA LEU C 7 12.81 11.18 17.33
C LEU C 7 11.31 11.27 17.48
N ILE C 8 10.71 12.34 16.97
CA ILE C 8 9.27 12.58 17.07
C ILE C 8 8.64 12.47 15.68
N THR C 9 7.75 11.50 15.48
CA THR C 9 6.86 11.54 14.33
C THR C 9 5.69 12.46 14.73
N GLY C 10 5.14 13.17 13.77
CA GLY C 10 4.06 14.11 14.04
C GLY C 10 4.53 15.36 14.78
N ILE C 11 5.79 15.73 14.57
CA ILE C 11 6.36 16.90 15.22
C ILE C 11 5.66 18.22 14.85
N THR C 12 5.05 18.32 13.68
CA THR C 12 4.37 19.55 13.25
C THR C 12 3.00 19.73 13.88
N GLY C 13 2.47 18.67 14.49
CA GLY C 13 1.14 18.70 15.10
C GLY C 13 1.13 19.38 16.46
N GLN C 14 -0.04 19.48 17.05
CA GLN C 14 -0.19 20.11 18.37
C GLN C 14 0.77 19.53 19.39
N ASP C 15 0.66 18.23 19.61
CA ASP C 15 1.43 17.58 20.67
C ASP C 15 2.90 17.57 20.37
N GLY C 16 3.28 17.24 19.12
CA GLY C 16 4.68 17.24 18.72
C GLY C 16 5.36 18.57 19.00
N SER C 17 4.66 19.67 18.77
CA SER C 17 5.24 21.00 18.96
C SER C 17 5.51 21.28 20.44
N TYR C 18 4.59 20.91 21.32
CA TYR C 18 4.82 21.05 22.76
C TYR C 18 5.88 20.09 23.27
N LEU C 19 5.88 18.85 22.77
CA LEU C 19 6.86 17.87 23.21
C LEU C 19 8.28 18.28 22.80
N ALA C 20 8.42 18.79 21.58
CA ALA C 20 9.71 19.25 21.11
C ALA C 20 10.28 20.33 22.07
N GLU C 21 9.44 21.29 22.44
CA GLU C 21 9.86 22.35 23.38
C GLU C 21 10.23 21.78 24.74
N PHE C 22 9.43 20.84 25.22
CA PHE C 22 9.68 20.20 26.50
C PHE C 22 11.01 19.46 26.53
N LEU C 23 11.30 18.70 25.47
CA LEU C 23 12.55 17.96 25.39
C LEU C 23 13.77 18.88 25.15
N LEU C 24 13.61 19.90 24.32
CA LEU C 24 14.70 20.87 24.10
C LEU C 24 15.10 21.56 25.41
N GLU C 25 14.12 21.93 26.23
CA GLU C 25 14.41 22.52 27.54
C GLU C 25 15.26 21.59 28.43
N LYS C 26 15.08 20.27 28.29
CA LYS C 26 15.88 19.29 29.01
C LYS C 26 17.23 18.96 28.38
N GLY C 27 17.60 19.64 27.31
CA GLY C 27 18.88 19.43 26.68
C GLY C 27 18.91 18.27 25.68
N TYR C 28 17.75 17.76 25.26
CA TYR C 28 17.72 16.73 24.23
C TYR C 28 18.13 17.27 22.86
N GLU C 29 18.74 16.41 22.08
CA GLU C 29 18.83 16.58 20.64
C GLU C 29 17.49 16.05 20.11
N VAL C 30 16.72 16.89 19.42
CA VAL C 30 15.37 16.55 18.97
C VAL C 30 15.34 16.47 17.44
N HIS C 31 14.85 15.34 16.94
CA HIS C 31 14.68 15.14 15.50
C HIS C 31 13.19 14.90 15.24
N GLY C 32 12.69 15.48 14.16
CA GLY C 32 11.31 15.29 13.78
C GLY C 32 11.18 14.77 12.36
N ILE C 33 10.14 13.99 12.12
CA ILE C 33 9.76 13.58 10.76
C ILE C 33 8.65 14.49 10.29
N VAL C 34 8.87 15.15 9.16
CA VAL C 34 7.92 16.09 8.59
C VAL C 34 7.48 15.59 7.22
N ARG C 35 6.19 15.72 6.91
CA ARG C 35 5.69 15.33 5.59
C ARG C 35 6.09 16.41 4.58
N ARG C 36 6.44 15.98 3.38
CA ARG C 36 6.55 16.91 2.28
C ARG C 36 5.20 17.58 2.07
N SER C 37 5.24 18.89 1.90
CA SER C 37 4.02 19.64 1.62
C SER C 37 4.26 20.66 0.54
N SER C 38 3.25 20.96 -0.28
CA SER C 38 3.39 21.99 -1.32
C SER C 38 3.53 23.40 -0.74
N SER C 39 3.12 23.57 0.53
CA SER C 39 3.21 24.81 1.29
C SER C 39 3.92 24.58 2.61
N PHE C 40 4.34 25.67 3.20
CA PHE C 40 4.84 25.72 4.58
C PHE C 40 3.92 24.95 5.54
N ASN C 41 4.45 23.98 6.28
CA ASN C 41 3.65 23.21 7.26
C ASN C 41 4.28 23.11 8.65
N THR C 42 5.26 23.97 8.93
CA THR C 42 6.02 23.93 10.19
C THR C 42 5.69 25.13 11.12
N GLY C 43 4.52 25.72 10.93
CA GLY C 43 4.07 26.87 11.72
C GLY C 43 4.16 26.73 13.23
N ARG C 44 3.85 25.54 13.75
CA ARG C 44 3.92 25.33 15.21
C ARG C 44 5.32 25.24 15.79
N ILE C 45 6.31 24.94 14.95
CA ILE C 45 7.67 24.71 15.43
C ILE C 45 8.73 25.63 14.82
N GLU C 46 8.34 26.54 13.94
CA GLU C 46 9.35 27.34 13.19
C GLU C 46 10.17 28.21 14.16
N HIS C 47 9.55 28.68 15.24
CA HIS C 47 10.27 29.40 16.31
C HIS C 47 11.44 28.61 16.95
N LEU C 48 11.44 27.29 16.85
CA LEU C 48 12.54 26.46 17.35
C LEU C 48 13.71 26.28 16.36
N TYR C 49 13.54 26.65 15.08
CA TYR C 49 14.59 26.42 14.03
C TYR C 49 15.09 27.70 13.39
N ASN C 59 19.63 22.52 18.09
CA ASN C 59 19.36 21.23 18.71
C ASN C 59 18.12 20.50 18.16
N MET C 60 17.39 21.13 17.22
CA MET C 60 16.26 20.50 16.50
C MET C 60 16.60 20.30 15.02
N LYS C 61 16.38 19.10 14.50
CA LYS C 61 16.59 18.79 13.08
C LYS C 61 15.34 18.13 12.50
N LEU C 62 14.95 18.53 11.30
CA LEU C 62 13.77 17.95 10.63
C LEU C 62 14.17 17.08 9.45
N HIS C 63 13.44 16.00 9.23
CA HIS C 63 13.70 15.02 8.19
C HIS C 63 12.41 14.77 7.43
N TYR C 64 12.46 14.76 6.10
CA TYR C 64 11.29 14.39 5.31
C TYR C 64 11.02 12.92 5.41
N GLY C 65 9.75 12.58 5.63
CA GLY C 65 9.36 11.19 5.70
C GLY C 65 7.85 11.02 5.73
N ASP C 66 7.42 9.78 5.76
CA ASP C 66 6.02 9.47 5.83
C ASP C 66 5.86 8.11 6.48
N LEU C 67 4.84 7.99 7.34
CA LEU C 67 4.58 6.73 8.03
C LEU C 67 4.09 5.60 7.11
N THR C 68 3.78 5.93 5.85
CA THR C 68 3.47 4.90 4.85
C THR C 68 4.67 4.42 4.03
N ASP C 69 5.88 4.90 4.28
CA ASP C 69 7.10 4.58 3.48
C ASP C 69 8.15 3.96 4.43
N SER C 70 8.21 2.62 4.47
CA SER C 70 9.11 1.89 5.38
C SER C 70 10.60 2.25 5.25
N THR C 71 11.09 2.35 4.01
CA THR C 71 12.50 2.65 3.77
C THR C 71 12.91 4.01 4.33
N CYS C 72 12.05 5.02 4.19
CA CYS C 72 12.38 6.34 4.70
C CYS C 72 12.53 6.29 6.24
N LEU C 73 11.71 5.48 6.91
CA LEU C 73 11.78 5.35 8.38
C LEU C 73 13.09 4.71 8.84
N VAL C 74 13.51 3.67 8.14
CA VAL C 74 14.79 3.01 8.39
C VAL C 74 15.96 3.98 8.20
N LYS C 75 15.94 4.73 7.10
CA LYS C 75 16.99 5.70 6.83
C LYS C 75 17.08 6.77 7.92
N ILE C 76 15.93 7.27 8.35
CA ILE C 76 15.91 8.32 9.39
C ILE C 76 16.39 7.76 10.71
N ILE C 77 15.91 6.59 11.12
CA ILE C 77 16.32 6.01 12.41
C ILE C 77 17.82 5.69 12.43
N ASN C 78 18.32 5.14 11.31
CA ASN C 78 19.76 4.87 11.19
C ASN C 78 20.62 6.13 11.31
N GLU C 79 20.17 7.22 10.72
CA GLU C 79 20.88 8.49 10.82
C GLU C 79 20.81 9.10 12.21
N VAL C 80 19.63 9.06 12.83
CA VAL C 80 19.39 9.74 14.10
C VAL C 80 19.92 8.95 15.31
N LYS C 81 19.78 7.63 15.28
CA LYS C 81 20.13 6.75 16.40
C LYS C 81 19.47 7.23 17.68
N PRO C 82 18.13 7.33 17.67
CA PRO C 82 17.44 7.87 18.83
C PRO C 82 17.52 6.98 20.06
N THR C 83 17.50 7.61 21.24
CA THR C 83 17.30 6.90 22.50
C THR C 83 15.81 6.80 22.86
N GLU C 84 15.02 7.75 22.36
CA GLU C 84 13.57 7.79 22.60
C GLU C 84 12.84 8.09 21.31
N ILE C 85 11.76 7.34 21.03
CA ILE C 85 10.91 7.59 19.85
C ILE C 85 9.50 7.85 20.32
N TYR C 86 8.91 8.95 19.85
CA TYR C 86 7.52 9.26 20.16
C TYR C 86 6.74 9.23 18.85
N ASN C 87 5.87 8.22 18.71
CA ASN C 87 5.04 8.10 17.54
C ASN C 87 3.74 8.87 17.69
N LEU C 88 3.81 10.16 17.39
CA LEU C 88 2.64 11.05 17.42
C LEU C 88 2.00 11.27 16.06
N GLY C 89 2.66 10.79 14.99
CA GLY C 89 2.15 11.00 13.65
C GLY C 89 0.88 10.23 13.38
N ALA C 90 -0.13 10.92 12.83
CA ALA C 90 -1.43 10.30 12.56
C ALA C 90 -2.33 11.21 11.77
N GLN C 91 -3.23 10.60 10.99
CA GLN C 91 -4.46 11.22 10.56
C GLN C 91 -5.32 11.15 11.83
N SER C 92 -5.47 12.28 12.52
CA SER C 92 -6.04 12.27 13.88
C SER C 92 -7.49 12.71 13.97
N HIS C 93 -8.11 13.07 12.84
CA HIS C 93 -9.46 13.59 12.90
C HIS C 93 -10.50 12.47 12.73
N VAL C 94 -11.38 12.35 13.70
CA VAL C 94 -12.32 11.22 13.76
C VAL C 94 -13.37 11.31 12.66
N LYS C 95 -13.96 12.50 12.44
CA LYS C 95 -14.95 12.65 11.38
C LYS C 95 -14.34 12.34 10.01
N ILE C 96 -13.17 12.90 9.76
CA ILE C 96 -12.49 12.70 8.48
C ILE C 96 -12.20 11.20 8.27
N SER C 97 -11.94 10.47 9.36
CA SER C 97 -11.64 9.04 9.26
C SER C 97 -12.75 8.19 8.60
N PHE C 98 -14.01 8.64 8.66
CA PHE C 98 -15.10 7.89 8.06
C PHE C 98 -15.03 7.88 6.54
N ASP C 99 -14.54 8.95 5.93
CA ASP C 99 -14.36 9.00 4.47
C ASP C 99 -12.93 8.74 3.99
N LEU C 100 -11.98 8.70 4.91
CA LEU C 100 -10.60 8.41 4.61
C LEU C 100 -10.17 7.18 5.45
N ALA C 101 -11.00 6.15 5.45
CA ALA C 101 -10.83 5.01 6.33
C ALA C 101 -9.55 4.22 6.04
N GLU C 102 -9.25 3.99 4.77
CA GLU C 102 -8.08 3.19 4.39
C GLU C 102 -6.79 3.94 4.64
N TYR C 103 -6.74 5.21 4.24
CA TYR C 103 -5.59 6.07 4.54
C TYR C 103 -5.34 6.11 6.05
N THR C 104 -6.41 6.28 6.83
CA THR C 104 -6.30 6.31 8.29
C THR C 104 -5.75 5.00 8.85
N ALA C 105 -6.21 3.87 8.32
CA ALA C 105 -5.66 2.57 8.70
C ALA C 105 -4.18 2.45 8.38
N ASP C 106 -3.80 2.89 7.18
CA ASP C 106 -2.43 2.72 6.72
C ASP C 106 -1.44 3.58 7.52
N VAL C 107 -1.87 4.78 7.90
CA VAL C 107 -1.02 5.69 8.66
C VAL C 107 -1.03 5.36 10.16
N ASP C 108 -2.23 5.27 10.73
CA ASP C 108 -2.38 5.20 12.18
C ASP C 108 -2.16 3.77 12.69
N GLY C 109 -2.57 2.78 11.88
CA GLY C 109 -2.39 1.39 12.28
C GLY C 109 -1.11 0.80 11.73
N VAL C 110 -1.07 0.62 10.41
CA VAL C 110 0.08 -0.05 9.79
C VAL C 110 1.34 0.80 9.94
N GLY C 111 1.20 2.13 9.97
CA GLY C 111 2.36 3.01 10.15
C GLY C 111 3.08 2.80 11.47
N THR C 112 2.31 2.48 12.52
CA THR C 112 2.89 2.16 13.81
C THR C 112 3.74 0.88 13.69
N LEU C 113 3.19 -0.15 13.03
CA LEU C 113 3.97 -1.34 12.72
C LEU C 113 5.24 -1.00 11.93
N ARG C 114 5.13 -0.15 10.91
CA ARG C 114 6.28 0.20 10.10
C ARG C 114 7.40 0.83 10.94
N LEU C 115 7.03 1.67 11.90
CA LEU C 115 8.00 2.34 12.74
C LEU C 115 8.65 1.35 13.69
N LEU C 116 7.87 0.46 14.27
CA LEU C 116 8.38 -0.62 15.14
C LEU C 116 9.30 -1.58 14.39
N ASP C 117 8.89 -1.99 13.20
CA ASP C 117 9.74 -2.83 12.33
C ASP C 117 11.04 -2.11 11.95
N ALA C 118 10.99 -0.79 11.74
CA ALA C 118 12.20 0.00 11.45
C ALA C 118 13.15 -0.01 12.64
N VAL C 119 12.63 0.13 13.85
CA VAL C 119 13.43 0.01 15.09
C VAL C 119 14.16 -1.34 15.12
N LYS C 120 13.41 -2.41 14.87
CA LYS C 120 13.96 -3.75 14.90
C LYS C 120 15.00 -3.94 13.79
N THR C 121 14.66 -3.52 12.58
CA THR C 121 15.59 -3.56 11.44
C THR C 121 16.90 -2.83 11.73
N CYS C 122 16.82 -1.68 12.40
CA CYS C 122 17.98 -0.87 12.72
C CYS C 122 18.78 -1.36 13.92
N GLY C 123 18.41 -2.50 14.51
CA GLY C 123 19.13 -3.09 15.64
C GLY C 123 18.92 -2.39 16.98
N LEU C 124 17.82 -1.65 17.13
CA LEU C 124 17.58 -0.82 18.32
C LEU C 124 16.55 -1.40 19.29
N ILE C 125 16.18 -2.67 19.13
CA ILE C 125 15.09 -3.24 19.93
C ILE C 125 15.40 -3.24 21.45
N ASN C 126 16.69 -3.38 21.80
CA ASN C 126 17.10 -3.41 23.19
C ASN C 126 17.57 -2.06 23.74
N SER C 127 17.77 -1.05 22.90
CA SER C 127 18.28 0.25 23.36
C SER C 127 17.24 1.38 23.37
N VAL C 128 16.24 1.34 22.50
CA VAL C 128 15.37 2.53 22.34
C VAL C 128 14.14 2.39 23.24
N LYS C 129 13.60 3.52 23.67
CA LYS C 129 12.30 3.54 24.32
C LYS C 129 11.28 4.15 23.37
N PHE C 130 10.12 3.50 23.25
CA PHE C 130 9.12 3.81 22.24
C PHE C 130 7.79 4.20 22.89
N TYR C 131 7.31 5.41 22.59
CA TYR C 131 6.02 5.89 23.05
C TYR C 131 5.02 5.86 21.88
N GLN C 132 3.89 5.19 22.08
CA GLN C 132 2.79 5.19 21.12
C GLN C 132 1.68 6.13 21.60
N ALA C 133 1.22 6.97 20.68
CA ALA C 133 0.10 7.85 20.96
C ALA C 133 -1.25 7.13 20.82
N SER C 134 -1.61 6.41 21.87
CA SER C 134 -2.92 5.84 22.00
C SER C 134 -3.92 6.91 22.49
N THR C 135 -5.17 6.52 22.73
CA THR C 135 -6.24 7.49 22.77
C THR C 135 -7.46 6.94 23.48
N SER C 136 -8.20 7.85 24.12
CA SER C 136 -9.49 7.52 24.70
C SER C 136 -10.52 7.05 23.66
N GLU C 137 -10.30 7.37 22.38
CA GLU C 137 -11.16 6.83 21.34
C GLU C 137 -11.20 5.31 21.30
N LEU C 138 -10.17 4.66 21.85
CA LEU C 138 -10.19 3.21 22.01
C LEU C 138 -11.40 2.71 22.82
N TYR C 139 -11.86 3.51 23.78
CA TYR C 139 -13.01 3.13 24.62
C TYR C 139 -14.36 3.30 23.93
N GLY C 140 -14.42 4.21 22.98
CA GLY C 140 -15.60 4.45 22.14
C GLY C 140 -16.91 4.42 22.90
N LYS C 141 -17.69 3.37 22.67
CA LYS C 141 -18.94 3.14 23.40
C LYS C 141 -18.53 2.55 24.74
N VAL C 142 -18.39 3.43 25.73
CA VAL C 142 -17.61 3.11 26.92
C VAL C 142 -18.24 1.95 27.70
N GLN C 143 -17.39 1.01 28.09
CA GLN C 143 -17.86 -0.21 28.76
C GLN C 143 -17.82 -0.09 30.28
N GLU C 144 -17.13 0.93 30.79
CA GLU C 144 -17.10 1.29 32.22
C GLU C 144 -17.05 2.82 32.29
N ILE C 145 -17.55 3.37 33.39
CA ILE C 145 -17.40 4.80 33.70
C ILE C 145 -16.88 4.91 35.13
N PRO C 146 -15.73 5.55 35.39
CA PRO C 146 -14.82 6.09 34.38
C PRO C 146 -14.02 4.99 33.66
N GLN C 147 -13.25 5.36 32.65
CA GLN C 147 -12.44 4.40 31.91
C GLN C 147 -11.02 4.38 32.45
N LYS C 148 -10.49 3.18 32.68
CA LYS C 148 -9.12 2.99 33.13
C LYS C 148 -8.41 2.00 32.21
N GLU C 149 -7.18 1.64 32.55
CA GLU C 149 -6.34 0.83 31.65
C GLU C 149 -6.97 -0.52 31.32
N THR C 150 -7.75 -1.07 32.25
CA THR C 150 -8.35 -2.39 32.13
C THR C 150 -9.77 -2.37 31.58
N THR C 151 -10.32 -1.19 31.31
CA THR C 151 -11.62 -1.06 30.67
C THR C 151 -11.55 -1.62 29.26
N PRO C 152 -12.47 -2.55 28.89
CA PRO C 152 -12.42 -3.12 27.53
C PRO C 152 -12.63 -2.05 26.46
N PHE C 153 -11.89 -2.17 25.36
CA PHE C 153 -12.00 -1.23 24.25
C PHE C 153 -13.22 -1.53 23.38
N TYR C 154 -13.78 -0.48 22.78
CA TYR C 154 -14.95 -0.57 21.90
C TYR C 154 -14.90 0.60 20.94
N PRO C 155 -14.02 0.53 19.93
CA PRO C 155 -13.88 1.66 19.01
C PRO C 155 -15.13 1.88 18.16
N ARG C 156 -15.30 3.14 17.76
CA ARG C 156 -16.49 3.62 17.08
C ARG C 156 -16.21 4.41 15.81
N SER C 157 -15.03 4.22 15.23
CA SER C 157 -14.70 4.86 13.97
C SER C 157 -13.54 4.12 13.33
N PRO C 158 -13.30 4.41 12.03
CA PRO C 158 -12.08 3.89 11.42
C PRO C 158 -10.79 4.38 12.12
N TYR C 159 -10.83 5.60 12.69
CA TYR C 159 -9.74 6.11 13.51
C TYR C 159 -9.51 5.22 14.74
N GLY C 160 -10.58 4.96 15.49
CA GLY C 160 -10.49 4.12 16.66
C GLY C 160 -9.99 2.70 16.37
N ALA C 161 -10.50 2.10 15.29
CA ALA C 161 -10.07 0.76 14.89
C ALA C 161 -8.58 0.74 14.52
N ALA C 162 -8.14 1.75 13.76
CA ALA C 162 -6.73 1.84 13.38
C ALA C 162 -5.84 2.01 14.62
N LYS C 163 -6.26 2.88 15.55
CA LYS C 163 -5.50 3.07 16.78
C LYS C 163 -5.48 1.82 17.67
N LEU C 164 -6.56 1.02 17.60
CA LEU C 164 -6.61 -0.24 18.34
C LEU C 164 -5.59 -1.24 17.82
N TYR C 165 -5.47 -1.34 16.49
CA TYR C 165 -4.41 -2.14 15.90
C TYR C 165 -3.04 -1.69 16.45
N ALA C 166 -2.82 -0.38 16.42
CA ALA C 166 -1.54 0.19 16.82
C ALA C 166 -1.23 -0.12 18.30
N TYR C 167 -2.25 0.02 19.14
CA TYR C 167 -2.11 -0.30 20.56
C TYR C 167 -1.58 -1.74 20.73
N TRP C 168 -2.21 -2.69 20.04
CA TRP C 168 -1.90 -4.09 20.23
C TRP C 168 -0.60 -4.53 19.56
N ILE C 169 -0.22 -3.92 18.43
CA ILE C 169 1.04 -4.26 17.81
C ILE C 169 2.22 -3.74 18.67
N VAL C 170 2.03 -2.60 19.33
CA VAL C 170 3.00 -2.09 20.31
C VAL C 170 3.14 -3.07 21.48
N VAL C 171 2.02 -3.52 22.04
CA VAL C 171 2.05 -4.52 23.11
C VAL C 171 2.79 -5.76 22.61
N ASN C 172 2.53 -6.18 21.37
CA ASN C 172 3.19 -7.38 20.87
C ASN C 172 4.70 -7.23 20.74
N PHE C 173 5.18 -6.08 20.28
CA PHE C 173 6.64 -5.86 20.20
C PHE C 173 7.29 -5.85 21.60
N ARG C 174 6.57 -5.29 22.56
CA ARG C 174 7.03 -5.29 23.95
C ARG C 174 7.14 -6.71 24.51
N GLU C 175 6.09 -7.51 24.30
CA GLU C 175 6.04 -8.87 24.85
C GLU C 175 6.90 -9.85 24.08
N ALA C 176 6.94 -9.74 22.75
CA ALA C 176 7.71 -10.64 21.92
C ALA C 176 9.20 -10.41 21.96
N TYR C 177 9.63 -9.15 21.95
CA TYR C 177 11.04 -8.81 21.75
C TYR C 177 11.66 -8.00 22.88
N ASN C 178 10.92 -7.80 23.97
CA ASN C 178 11.35 -6.97 25.12
C ASN C 178 11.70 -5.53 24.73
N LEU C 179 11.00 -4.98 23.73
CA LEU C 179 11.10 -3.58 23.41
C LEU C 179 10.49 -2.79 24.56
N PHE C 180 11.20 -1.75 25.02
CA PHE C 180 10.60 -0.80 25.95
C PHE C 180 9.63 0.05 25.12
N ALA C 181 8.37 -0.34 25.14
CA ALA C 181 7.32 0.33 24.34
C ALA C 181 6.08 0.46 25.20
N VAL C 182 5.47 1.64 25.14
CA VAL C 182 4.34 1.98 25.98
C VAL C 182 3.23 2.65 25.18
N ASN C 183 2.00 2.43 25.63
CA ASN C 183 0.82 3.11 25.10
C ASN C 183 0.38 4.18 26.09
N GLY C 184 0.48 5.44 25.66
CA GLY C 184 -0.16 6.53 26.34
C GLY C 184 -1.61 6.60 25.89
N ILE C 185 -2.53 6.28 26.79
CA ILE C 185 -3.95 6.32 26.48
C ILE C 185 -4.45 7.71 26.91
N LEU C 186 -4.24 8.69 26.03
CA LEU C 186 -4.51 10.08 26.36
C LEU C 186 -5.92 10.46 25.97
N PHE C 187 -6.61 11.06 26.94
CA PHE C 187 -7.91 11.64 26.68
C PHE C 187 -7.74 12.99 26.02
N ASN C 188 -8.83 13.56 25.53
CA ASN C 188 -8.79 14.78 24.74
C ASN C 188 -7.92 15.84 25.41
N HIS C 189 -7.01 16.42 24.64
CA HIS C 189 -6.21 17.54 25.10
C HIS C 189 -6.07 18.60 24.01
N GLU C 190 -6.17 19.84 24.48
CA GLU C 190 -6.37 21.01 23.65
C GLU C 190 -5.37 22.08 24.05
N SER C 191 -5.38 23.17 23.29
CA SER C 191 -4.40 24.25 23.45
C SER C 191 -4.72 25.32 22.45
N PRO C 192 -4.03 26.49 22.53
CA PRO C 192 -4.15 27.47 21.47
C PRO C 192 -3.59 27.03 20.11
N ARG C 193 -2.90 25.88 20.10
CA ARG C 193 -2.27 25.29 18.90
C ARG C 193 -3.13 24.15 18.31
N ARG C 194 -4.25 23.86 18.95
CA ARG C 194 -5.15 22.80 18.50
C ARG C 194 -5.61 23.06 17.07
N GLY C 195 -5.69 21.99 16.26
CA GLY C 195 -6.23 22.13 14.91
C GLY C 195 -7.59 22.78 14.92
N ALA C 196 -7.83 23.67 13.95
CA ALA C 196 -9.06 24.44 13.86
C ALA C 196 -10.31 23.60 13.62
N ASN C 197 -10.13 22.37 13.13
CA ASN C 197 -11.24 21.46 12.81
C ASN C 197 -11.74 20.63 14.01
N PHE C 198 -11.05 20.71 15.15
CA PHE C 198 -11.49 20.06 16.39
C PHE C 198 -12.45 21.01 17.11
N VAL C 199 -13.34 20.46 17.93
CA VAL C 199 -14.52 21.24 18.35
C VAL C 199 -14.14 22.43 19.24
N THR C 200 -13.14 22.26 20.08
CA THR C 200 -12.75 23.27 21.07
C THR C 200 -12.17 24.50 20.38
N ARG C 201 -11.26 24.27 19.43
CA ARG C 201 -10.64 25.33 18.68
C ARG C 201 -11.61 25.95 17.70
N LYS C 202 -12.50 25.15 17.11
CA LYS C 202 -13.54 25.69 16.26
C LYS C 202 -14.41 26.71 17.05
N ILE C 203 -14.78 26.33 18.26
CA ILE C 203 -15.54 27.21 19.15
C ILE C 203 -14.74 28.46 19.54
N SER C 204 -13.51 28.27 20.02
CA SER C 204 -12.72 29.41 20.50
C SER C 204 -12.41 30.40 19.37
N ARG C 205 -12.06 29.88 18.19
CA ARG C 205 -11.85 30.75 17.02
C ARG C 205 -13.12 31.51 16.61
N SER C 206 -14.26 30.80 16.59
CA SER C 206 -15.51 31.38 16.15
C SER C 206 -16.02 32.44 17.13
N VAL C 207 -15.92 32.13 18.41
CA VAL C 207 -16.32 33.07 19.47
C VAL C 207 -15.43 34.32 19.42
N ALA C 208 -14.12 34.13 19.28
CA ALA C 208 -13.21 35.25 19.09
C ALA C 208 -13.62 36.15 17.92
N LYS C 209 -13.94 35.55 16.78
CA LYS C 209 -14.37 36.31 15.60
C LYS C 209 -15.67 37.08 15.85
N ILE C 210 -16.60 36.45 16.57
CA ILE C 210 -17.86 37.10 16.92
C ILE C 210 -17.60 38.33 17.80
N TYR C 211 -16.73 38.17 18.80
CA TYR C 211 -16.35 39.28 19.67
C TYR C 211 -15.77 40.44 18.88
N LEU C 212 -14.95 40.15 17.87
CA LEU C 212 -14.32 41.19 17.06
C LEU C 212 -15.18 41.70 15.90
N GLY C 213 -16.40 41.20 15.76
CA GLY C 213 -17.28 41.63 14.67
C GLY C 213 -16.94 41.05 13.31
N GLN C 214 -16.08 40.02 13.27
CA GLN C 214 -15.66 39.38 12.00
C GLN C 214 -16.61 38.25 11.58
N LEU C 215 -17.51 37.86 12.47
CA LEU C 215 -18.42 36.75 12.23
C LEU C 215 -19.68 37.00 13.06
N GLU C 216 -20.83 36.53 12.60
CA GLU C 216 -22.08 36.61 13.37
C GLU C 216 -22.50 35.28 13.99
N CYS C 217 -22.30 34.19 13.25
CA CYS C 217 -22.89 32.90 13.60
C CYS C 217 -21.97 31.77 13.12
N PHE C 218 -21.99 30.63 13.82
CA PHE C 218 -21.31 29.41 13.35
C PHE C 218 -22.11 28.16 13.68
N SER C 219 -21.87 27.08 12.96
CA SER C 219 -22.62 25.86 13.19
C SER C 219 -21.75 24.75 13.76
N LEU C 220 -22.35 23.96 14.65
CA LEU C 220 -21.74 22.79 15.24
C LEU C 220 -22.56 21.56 14.91
N GLY C 221 -22.10 20.40 15.35
CA GLY C 221 -22.83 19.14 15.23
C GLY C 221 -23.52 18.79 16.55
N ASN C 222 -23.06 17.72 17.18
CA ASN C 222 -23.67 17.17 18.39
C ASN C 222 -23.27 17.97 19.63
N LEU C 223 -24.18 18.82 20.12
CA LEU C 223 -23.91 19.64 21.30
C LEU C 223 -23.88 18.87 22.60
N ASP C 224 -24.45 17.65 22.62
CA ASP C 224 -24.56 16.88 23.85
C ASP C 224 -23.43 15.90 24.10
N ALA C 225 -22.49 15.80 23.17
CA ALA C 225 -21.30 14.99 23.40
C ALA C 225 -20.56 15.49 24.63
N LYS C 226 -20.08 14.55 25.44
CA LYS C 226 -19.36 14.83 26.66
C LYS C 226 -17.92 14.35 26.59
N ARG C 227 -16.99 15.24 26.97
CA ARG C 227 -15.56 14.93 26.93
C ARG C 227 -14.82 15.32 28.20
N ASP C 228 -13.70 14.63 28.40
CA ASP C 228 -12.72 14.90 29.43
C ASP C 228 -11.62 15.69 28.71
N TRP C 229 -11.55 17.00 28.97
CA TRP C 229 -10.62 17.90 28.24
C TRP C 229 -9.50 18.41 29.14
N GLY C 230 -8.26 18.14 28.76
CA GLY C 230 -7.07 18.71 29.44
C GLY C 230 -6.24 19.56 28.49
N HIS C 231 -5.07 19.99 28.97
CA HIS C 231 -4.19 20.86 28.18
C HIS C 231 -3.02 20.05 27.65
N ALA C 232 -2.79 20.14 26.34
CA ALA C 232 -1.71 19.41 25.68
C ALA C 232 -0.33 19.58 26.32
N LYS C 233 -0.01 20.80 26.75
CA LYS C 233 1.27 21.06 27.41
C LYS C 233 1.49 20.21 28.67
N ASP C 234 0.43 19.97 29.45
CA ASP C 234 0.54 19.06 30.59
C ASP C 234 0.75 17.60 30.17
N TYR C 235 0.08 17.22 29.10
CA TYR C 235 0.02 15.82 28.68
C TYR C 235 1.32 15.36 28.05
N VAL C 236 2.03 16.24 27.33
CA VAL C 236 3.32 15.82 26.75
C VAL C 236 4.34 15.50 27.83
N GLU C 237 4.26 16.16 28.99
CA GLU C 237 5.09 15.78 30.12
C GLU C 237 4.85 14.34 30.56
N ALA C 238 3.59 13.92 30.60
CA ALA C 238 3.26 12.53 30.92
C ALA C 238 3.90 11.55 29.93
N MET C 239 3.98 11.93 28.65
CA MET C 239 4.59 11.04 27.65
C MET C 239 6.04 10.77 28.02
N TRP C 240 6.77 11.83 28.35
CA TRP C 240 8.17 11.71 28.73
C TRP C 240 8.33 10.90 30.03
N LEU C 241 7.48 11.19 31.01
CA LEU C 241 7.48 10.43 32.27
C LEU C 241 7.27 8.93 32.06
N MET C 242 6.42 8.54 31.10
CA MET C 242 6.22 7.11 30.80
C MET C 242 7.49 6.44 30.30
N LEU C 243 8.33 7.17 29.58
CA LEU C 243 9.60 6.64 29.10
C LEU C 243 10.74 6.71 30.17
N GLN C 244 10.55 7.46 31.24
CA GLN C 244 11.50 7.47 32.38
C GLN C 244 11.21 6.38 33.40
N ASN C 245 10.03 5.76 33.30
CA ASN C 245 9.61 4.68 34.21
C ASN C 245 10.59 3.51 34.07
N ASP C 246 10.83 2.80 35.15
CA ASP C 246 11.72 1.62 35.15
C ASP C 246 11.22 0.46 34.27
N GLU C 247 9.91 0.24 34.26
CA GLU C 247 9.27 -0.80 33.46
C GLU C 247 8.36 -0.14 32.41
N PRO C 248 8.24 -0.75 31.22
CA PRO C 248 7.33 -0.20 30.20
C PRO C 248 5.89 -0.57 30.52
N GLU C 249 5.09 0.41 30.88
CA GLU C 249 3.66 0.19 31.18
C GLU C 249 2.79 1.16 30.42
N ASP C 250 1.53 0.77 30.22
CA ASP C 250 0.53 1.60 29.58
C ASP C 250 -0.22 2.44 30.63
N PHE C 251 -0.56 3.68 30.27
CA PHE C 251 -1.22 4.59 31.21
C PHE C 251 -2.32 5.42 30.58
N VAL C 252 -3.42 5.58 31.32
CA VAL C 252 -4.42 6.57 31.04
C VAL C 252 -3.93 7.91 31.57
N ILE C 253 -4.08 8.95 30.74
CA ILE C 253 -3.78 10.32 31.09
C ILE C 253 -5.03 11.15 30.81
N ALA C 254 -5.56 11.81 31.84
CA ALA C 254 -6.87 12.44 31.78
C ALA C 254 -7.08 13.36 32.99
N THR C 255 -8.12 14.18 32.94
CA THR C 255 -8.47 15.01 34.09
C THR C 255 -9.48 14.35 35.04
N GLY C 256 -10.30 13.43 34.53
CA GLY C 256 -11.41 12.88 35.29
C GLY C 256 -12.64 13.75 35.41
N GLU C 257 -12.64 14.94 34.77
CA GLU C 257 -13.77 15.85 34.81
C GLU C 257 -14.39 15.91 33.44
N VAL C 258 -15.72 15.90 33.40
CA VAL C 258 -16.49 15.81 32.15
C VAL C 258 -17.30 17.05 31.93
N HIS C 259 -17.30 17.53 30.68
CA HIS C 259 -18.15 18.64 30.24
C HIS C 259 -18.71 18.36 28.87
N SER C 260 -19.83 18.97 28.53
CA SER C 260 -20.42 18.82 27.22
C SER C 260 -19.86 19.87 26.26
N VAL C 261 -20.04 19.62 24.97
CA VAL C 261 -19.75 20.60 23.92
C VAL C 261 -20.56 21.89 24.19
N ARG C 262 -21.84 21.71 24.55
CA ARG C 262 -22.71 22.81 24.93
C ARG C 262 -22.08 23.70 26.03
N GLU C 263 -21.51 23.08 27.06
CA GLU C 263 -20.84 23.83 28.13
C GLU C 263 -19.59 24.56 27.64
N PHE C 264 -18.83 23.92 26.74
CA PHE C 264 -17.67 24.59 26.15
C PHE C 264 -18.11 25.87 25.43
N VAL C 265 -19.20 25.78 24.68
CA VAL C 265 -19.78 26.93 23.98
C VAL C 265 -20.19 28.01 24.99
N GLU C 266 -20.96 27.62 26.01
CA GLU C 266 -21.47 28.58 27.02
C GLU C 266 -20.33 29.31 27.71
N LYS C 267 -19.34 28.55 28.20
CA LYS C 267 -18.19 29.15 28.88
C LYS C 267 -17.36 30.05 27.94
N SER C 268 -17.22 29.65 26.68
CA SER C 268 -16.46 30.45 25.72
C SER C 268 -17.14 31.82 25.49
N PHE C 269 -18.46 31.80 25.25
CA PHE C 269 -19.23 33.04 25.10
C PHE C 269 -19.20 33.92 26.36
N LEU C 270 -19.22 33.32 27.55
CA LEU C 270 -19.11 34.10 28.79
C LEU C 270 -17.82 34.90 28.83
N HIS C 271 -16.73 34.36 28.27
CA HIS C 271 -15.46 35.07 28.23
C HIS C 271 -15.41 36.26 27.28
N ILE C 272 -16.37 36.38 26.37
CA ILE C 272 -16.50 37.61 25.57
C ILE C 272 -17.73 38.43 25.99
N GLY C 273 -18.29 38.12 27.15
CA GLY C 273 -19.37 38.89 27.76
C GLY C 273 -20.76 38.61 27.24
N LYS C 274 -21.01 37.38 26.76
CA LYS C 274 -22.33 37.00 26.29
C LYS C 274 -22.82 35.76 27.01
N THR C 275 -24.13 35.72 27.27
CA THR C 275 -24.79 34.56 27.84
C THR C 275 -25.60 33.90 26.73
N ILE C 276 -25.27 32.65 26.41
CA ILE C 276 -26.00 31.90 25.39
C ILE C 276 -27.21 31.24 26.03
N VAL C 277 -28.35 31.35 25.35
CA VAL C 277 -29.58 30.70 25.77
C VAL C 277 -30.02 29.82 24.61
N TRP C 278 -30.35 28.56 24.91
CA TRP C 278 -30.69 27.59 23.88
C TRP C 278 -32.20 27.50 23.66
N GLU C 279 -32.61 27.33 22.40
CA GLU C 279 -34.00 27.03 22.04
C GLU C 279 -34.01 25.99 20.92
N GLY C 280 -35.06 25.18 20.87
CA GLY C 280 -35.20 24.14 19.84
C GLY C 280 -34.49 22.84 20.20
N LYS C 281 -34.57 21.87 19.30
CA LYS C 281 -34.10 20.51 19.55
C LYS C 281 -33.36 19.98 18.32
N ASN C 282 -32.38 19.10 18.57
CA ASN C 282 -31.69 18.36 17.51
C ASN C 282 -31.09 19.33 16.48
N GLU C 283 -31.28 19.09 15.17
CA GLU C 283 -30.70 19.94 14.15
C GLU C 283 -31.30 21.34 14.02
N ASN C 284 -32.41 21.58 14.72
CA ASN C 284 -33.03 22.91 14.78
C ASN C 284 -32.72 23.67 16.04
N GLU C 285 -31.85 23.14 16.91
CA GLU C 285 -31.44 23.87 18.09
C GLU C 285 -30.56 25.08 17.70
N VAL C 286 -30.77 26.21 18.38
CA VAL C 286 -29.96 27.41 18.17
C VAL C 286 -29.56 28.01 19.50
N GLY C 287 -28.41 28.70 19.51
CA GLY C 287 -27.90 29.39 20.68
C GLY C 287 -28.01 30.89 20.43
N ARG C 288 -28.66 31.59 21.35
CA ARG C 288 -29.02 32.99 21.18
C ARG C 288 -28.39 33.82 22.29
N CYS C 289 -27.88 35.00 21.96
CA CYS C 289 -27.42 35.94 22.98
C CYS C 289 -28.62 36.41 23.82
N LYS C 290 -28.52 36.25 25.13
CA LYS C 290 -29.59 36.65 26.05
C LYS C 290 -29.86 38.16 25.99
N GLU C 291 -28.79 38.96 26.03
CA GLU C 291 -28.89 40.43 25.99
C GLU C 291 -29.46 40.96 24.67
N THR C 292 -28.94 40.51 23.53
CA THR C 292 -29.31 41.06 22.21
C THR C 292 -30.31 40.26 21.38
N GLY C 293 -30.56 39.00 21.75
CA GLY C 293 -31.38 38.10 20.92
C GLY C 293 -30.78 37.63 19.59
N LYS C 294 -29.51 37.96 19.30
CA LYS C 294 -28.87 37.54 18.05
C LYS C 294 -28.55 36.03 18.12
N VAL C 295 -28.79 35.31 17.02
CA VAL C 295 -28.44 33.90 16.92
C VAL C 295 -26.95 33.81 16.62
N HIS C 296 -26.20 33.16 17.50
CA HIS C 296 -24.76 32.96 17.30
C HIS C 296 -24.33 31.51 17.02
N VAL C 297 -25.17 30.54 17.39
CA VAL C 297 -24.83 29.12 17.20
C VAL C 297 -26.00 28.37 16.58
N THR C 298 -25.74 27.63 15.51
CA THR C 298 -26.73 26.73 14.92
C THR C 298 -26.15 25.32 14.87
N VAL C 299 -26.99 24.36 14.47
CA VAL C 299 -26.59 22.96 14.36
C VAL C 299 -26.75 22.50 12.92
N ASP C 300 -25.76 21.74 12.43
CA ASP C 300 -25.81 21.18 11.10
C ASP C 300 -25.45 19.70 11.17
N LEU C 301 -26.34 18.84 10.69
CA LEU C 301 -26.12 17.39 10.67
C LEU C 301 -24.85 16.93 9.96
N LYS C 302 -24.32 17.73 9.05
CA LYS C 302 -23.08 17.37 8.37
C LYS C 302 -21.88 17.25 9.34
N TYR C 303 -21.97 17.83 10.55
CA TYR C 303 -20.91 17.70 11.56
C TYR C 303 -21.07 16.51 12.52
N TYR C 304 -22.19 15.80 12.41
CA TYR C 304 -22.41 14.58 13.19
C TYR C 304 -21.51 13.44 12.66
N ARG C 305 -21.18 12.49 13.53
CA ARG C 305 -20.50 11.26 13.12
C ARG C 305 -21.53 10.13 13.03
N PRO C 306 -21.39 9.21 12.07
CA PRO C 306 -22.34 8.09 11.96
C PRO C 306 -22.44 7.24 13.22
N THR C 307 -21.32 7.05 13.92
CA THR C 307 -21.29 6.33 15.19
C THR C 307 -20.58 7.20 16.20
N GLU C 308 -21.35 7.94 16.99
CA GLU C 308 -20.80 8.89 17.94
C GLU C 308 -20.17 8.20 19.15
N VAL C 309 -19.22 8.88 19.77
CA VAL C 309 -18.64 8.51 21.04
C VAL C 309 -19.29 9.51 22.01
N ASP C 310 -20.32 9.06 22.75
CA ASP C 310 -21.19 9.98 23.50
C ASP C 310 -20.55 10.58 24.75
N PHE C 311 -19.62 9.85 25.36
CA PHE C 311 -19.18 10.14 26.70
C PHE C 311 -17.81 9.54 26.99
N LEU C 312 -16.90 10.36 27.49
CA LEU C 312 -15.59 9.91 27.95
C LEU C 312 -15.24 10.58 29.26
N GLN C 313 -14.67 9.81 30.18
CA GLN C 313 -14.18 10.29 31.47
C GLN C 313 -13.09 9.37 31.92
N GLY C 314 -11.85 9.87 31.97
CA GLY C 314 -10.71 9.04 32.27
C GLY C 314 -10.38 8.95 33.74
N ASP C 315 -9.89 7.79 34.15
CA ASP C 315 -9.37 7.59 35.49
C ASP C 315 -7.87 7.39 35.42
N CYS C 316 -7.11 8.41 35.82
CA CYS C 316 -5.64 8.36 35.74
C CYS C 316 -4.96 8.01 37.08
N THR C 317 -5.64 7.24 37.93
CA THR C 317 -5.09 6.74 39.20
C THR C 317 -3.73 6.07 39.03
N LYS C 318 -3.59 5.20 38.03
CA LYS C 318 -2.33 4.48 37.85
C LYS C 318 -1.17 5.44 37.56
N ALA C 319 -1.38 6.43 36.70
CA ALA C 319 -0.36 7.45 36.41
C ALA C 319 0.01 8.28 37.65
N LYS C 320 -1.00 8.68 38.41
CA LYS C 320 -0.77 9.43 39.66
C LYS C 320 0.12 8.61 40.63
N GLN C 321 -0.16 7.33 40.76
CA GLN C 321 0.57 6.46 41.69
C GLN C 321 1.97 6.12 41.19
N LYS C 322 2.11 5.77 39.90
CA LYS C 322 3.41 5.33 39.38
C LYS C 322 4.29 6.46 38.82
N LEU C 323 3.70 7.50 38.25
CA LEU C 323 4.48 8.56 37.62
C LEU C 323 4.53 9.86 38.43
N ASN C 324 3.72 9.95 39.48
CA ASN C 324 3.47 11.21 40.17
C ASN C 324 2.98 12.31 39.22
N TRP C 325 2.21 11.97 38.20
CA TRP C 325 1.73 12.97 37.23
C TRP C 325 0.36 13.43 37.73
N LYS C 326 0.06 14.70 37.52
CA LYS C 326 -1.28 15.22 37.78
C LYS C 326 -1.54 16.32 36.76
N PRO C 327 -2.80 16.45 36.30
CA PRO C 327 -3.08 17.57 35.42
C PRO C 327 -2.99 18.86 36.19
N ARG C 328 -2.46 19.90 35.55
CA ARG C 328 -2.31 21.22 36.16
C ARG C 328 -3.39 22.21 35.69
N VAL C 329 -3.75 22.16 34.41
CA VAL C 329 -4.75 23.05 33.84
C VAL C 329 -6.12 22.38 33.88
N ALA C 330 -7.09 23.05 34.49
CA ALA C 330 -8.46 22.59 34.55
C ALA C 330 -9.28 23.28 33.47
N PHE C 331 -10.48 22.77 33.28
CA PHE C 331 -11.36 23.11 32.17
C PHE C 331 -11.63 24.61 32.02
N ASP C 332 -12.01 25.27 33.11
CA ASP C 332 -12.29 26.71 33.05
C ASP C 332 -11.10 27.51 32.55
N GLU C 333 -9.90 27.20 33.04
CA GLU C 333 -8.67 27.87 32.58
C GLU C 333 -8.35 27.55 31.11
N LEU C 334 -8.61 26.30 30.69
CA LEU C 334 -8.37 25.89 29.31
C LEU C 334 -9.22 26.73 28.36
N VAL C 335 -10.50 26.89 28.68
CA VAL C 335 -11.42 27.65 27.84
C VAL C 335 -10.98 29.11 27.77
N ARG C 336 -10.68 29.69 28.93
CA ARG C 336 -10.22 31.08 29.00
C ARG C 336 -8.97 31.30 28.12
N GLU C 337 -7.98 30.42 28.29
CA GLU C 337 -6.73 30.53 27.53
C GLU C 337 -6.99 30.47 26.03
N MET C 338 -7.85 29.54 25.59
CA MET C 338 -8.09 29.37 24.15
C MET C 338 -8.84 30.56 23.56
N VAL C 339 -9.85 31.05 24.28
CA VAL C 339 -10.62 32.19 23.78
C VAL C 339 -9.74 33.45 23.73
N HIS C 340 -8.99 33.71 24.80
CA HIS C 340 -8.10 34.89 24.87
C HIS C 340 -7.03 34.84 23.79
N ALA C 341 -6.41 33.68 23.62
CA ALA C 341 -5.40 33.49 22.55
C ALA C 341 -5.98 33.74 21.15
N ASP C 342 -7.19 33.26 20.89
CA ASP C 342 -7.81 33.48 19.58
C ASP C 342 -8.31 34.91 19.38
N VAL C 343 -8.76 35.59 20.44
CA VAL C 343 -9.06 37.03 20.32
C VAL C 343 -7.80 37.79 19.89
N GLU C 344 -6.67 37.54 20.56
CA GLU C 344 -5.41 38.18 20.21
C GLU C 344 -4.94 37.82 18.81
N LEU C 345 -5.07 36.55 18.43
CA LEU C 345 -4.69 36.11 17.10
C LEU C 345 -5.51 36.79 16.01
N MET C 346 -6.83 36.82 16.18
CA MET C 346 -7.74 37.36 15.19
C MET C 346 -7.71 38.89 15.12
N ARG C 347 -7.34 39.53 16.23
CA ARG C 347 -7.24 41.00 16.24
C ARG C 347 -6.04 41.38 15.39
N THR C 348 -4.88 40.77 15.64
CA THR C 348 -3.65 41.00 14.86
C THR C 348 -3.83 40.65 13.37
N ASN C 349 -4.58 39.60 13.07
CA ASN C 349 -4.77 39.13 11.68
C ASN C 349 -6.17 38.52 11.49
N PRO C 350 -7.10 39.29 10.89
CA PRO C 350 -8.46 38.78 10.57
C PRO C 350 -8.56 37.52 9.69
N ASN C 351 -7.53 37.25 8.86
CA ASN C 351 -7.47 36.05 8.03
C ASN C 351 -6.73 34.86 8.70
N ALA C 352 -6.38 34.98 9.98
CA ALA C 352 -5.64 33.91 10.68
C ALA C 352 -6.55 32.72 11.02
N ARG D 3 -33.32 -15.94 -4.69
CA ARG D 3 -31.98 -15.70 -5.29
C ARG D 3 -30.92 -15.83 -4.20
N ASN D 4 -30.03 -16.82 -4.33
CA ASN D 4 -28.97 -17.08 -3.34
C ASN D 4 -27.64 -17.10 -4.07
N VAL D 5 -26.85 -16.03 -3.88
CA VAL D 5 -25.59 -15.85 -4.61
C VAL D 5 -24.51 -15.51 -3.56
N ALA D 6 -23.56 -16.42 -3.36
CA ALA D 6 -22.50 -16.24 -2.37
C ALA D 6 -21.21 -15.84 -3.05
N LEU D 7 -20.50 -14.88 -2.46
CA LEU D 7 -19.13 -14.57 -2.86
C LEU D 7 -18.20 -14.96 -1.72
N ILE D 8 -17.26 -15.84 -1.98
CA ILE D 8 -16.32 -16.33 -0.98
C ILE D 8 -14.91 -15.83 -1.32
N THR D 9 -14.33 -15.01 -0.46
CA THR D 9 -12.89 -14.77 -0.51
C THR D 9 -12.24 -15.93 0.23
N GLY D 10 -11.05 -16.31 -0.22
CA GLY D 10 -10.35 -17.45 0.39
C GLY D 10 -10.97 -18.78 0.03
N ILE D 11 -11.62 -18.83 -1.14
CA ILE D 11 -12.28 -20.07 -1.58
C ILE D 11 -11.31 -21.26 -1.80
N THR D 12 -10.03 -20.99 -2.09
CA THR D 12 -9.06 -22.07 -2.31
C THR D 12 -8.54 -22.71 -1.01
N GLY D 13 -8.83 -22.05 0.12
CA GLY D 13 -8.34 -22.50 1.42
C GLY D 13 -9.17 -23.62 1.99
N GLN D 14 -8.77 -24.12 3.15
CA GLN D 14 -9.50 -25.21 3.82
C GLN D 14 -10.98 -24.90 3.93
N ASP D 15 -11.30 -23.83 4.62
CA ASP D 15 -12.70 -23.49 4.94
C ASP D 15 -13.48 -23.14 3.70
N GLY D 16 -12.89 -22.31 2.83
CA GLY D 16 -13.54 -21.94 1.58
C GLY D 16 -13.99 -23.15 0.76
N SER D 17 -13.15 -24.18 0.72
CA SER D 17 -13.44 -25.38 -0.04
C SER D 17 -14.63 -26.14 0.52
N TYR D 18 -14.69 -26.28 1.83
CA TYR D 18 -15.87 -26.90 2.48
C TYR D 18 -17.13 -26.04 2.37
N LEU D 19 -16.98 -24.73 2.52
CA LEU D 19 -18.12 -23.83 2.43
C LEU D 19 -18.72 -23.83 1.02
N ALA D 20 -17.87 -23.82 0.01
CA ALA D 20 -18.32 -23.87 -1.36
C ALA D 20 -19.18 -25.12 -1.60
N GLU D 21 -18.72 -26.27 -1.13
CA GLU D 21 -19.48 -27.53 -1.26
C GLU D 21 -20.81 -27.45 -0.53
N PHE D 22 -20.78 -26.90 0.68
CA PHE D 22 -21.98 -26.75 1.51
C PHE D 22 -23.03 -25.87 0.82
N LEU D 23 -22.59 -24.74 0.27
CA LEU D 23 -23.51 -23.82 -0.40
C LEU D 23 -24.02 -24.36 -1.75
N LEU D 24 -23.14 -25.02 -2.50
CA LEU D 24 -23.55 -25.65 -3.77
C LEU D 24 -24.64 -26.70 -3.53
N GLU D 25 -24.50 -27.50 -2.48
CA GLU D 25 -25.54 -28.49 -2.13
C GLU D 25 -26.90 -27.83 -1.86
N LYS D 26 -26.90 -26.60 -1.33
CA LYS D 26 -28.13 -25.84 -1.11
C LYS D 26 -28.65 -25.08 -2.31
N GLY D 27 -28.03 -25.25 -3.47
CA GLY D 27 -28.48 -24.60 -4.69
C GLY D 27 -28.01 -23.17 -4.87
N TYR D 28 -27.00 -22.74 -4.10
CA TYR D 28 -26.43 -21.40 -4.31
C TYR D 28 -25.64 -21.32 -5.62
N GLU D 29 -25.65 -20.14 -6.19
CA GLU D 29 -24.67 -19.73 -7.18
C GLU D 29 -23.47 -19.26 -6.33
N VAL D 30 -22.31 -19.90 -6.52
CA VAL D 30 -21.13 -19.65 -5.69
C VAL D 30 -20.04 -19.00 -6.54
N HIS D 31 -19.54 -17.86 -6.09
CA HIS D 31 -18.44 -17.16 -6.72
C HIS D 31 -17.29 -17.12 -5.73
N GLY D 32 -16.08 -17.35 -6.22
CA GLY D 32 -14.89 -17.26 -5.38
C GLY D 32 -13.88 -16.28 -5.94
N ILE D 33 -13.14 -15.64 -5.06
CA ILE D 33 -11.97 -14.84 -5.45
C ILE D 33 -10.73 -15.67 -5.28
N VAL D 34 -9.96 -15.82 -6.34
CA VAL D 34 -8.76 -16.64 -6.37
C VAL D 34 -7.57 -15.73 -6.66
N ARG D 35 -6.46 -15.95 -5.96
CA ARG D 35 -5.24 -15.20 -6.27
C ARG D 35 -4.61 -15.72 -7.54
N ARG D 36 -4.06 -14.81 -8.33
CA ARG D 36 -3.22 -15.24 -9.44
C ARG D 36 -2.04 -16.01 -8.87
N SER D 37 -1.73 -17.14 -9.47
CA SER D 37 -0.59 -17.93 -9.05
C SER D 37 0.18 -18.42 -10.24
N SER D 38 1.51 -18.57 -10.10
CA SER D 38 2.31 -19.10 -11.22
C SER D 38 2.03 -20.58 -11.52
N SER D 39 1.45 -21.27 -10.53
CA SER D 39 1.04 -22.68 -10.61
C SER D 39 -0.42 -22.82 -10.23
N PHE D 40 -0.95 -23.97 -10.57
CA PHE D 40 -2.26 -24.43 -10.11
C PHE D 40 -2.41 -24.24 -8.58
N ASN D 41 -3.46 -23.53 -8.15
CA ASN D 41 -3.72 -23.33 -6.71
C ASN D 41 -5.15 -23.64 -6.30
N THR D 42 -5.89 -24.37 -7.14
CA THR D 42 -7.30 -24.69 -6.91
C THR D 42 -7.51 -26.18 -6.56
N GLY D 43 -6.48 -26.84 -6.06
CA GLY D 43 -6.52 -28.25 -5.67
C GLY D 43 -7.68 -28.67 -4.80
N ARG D 44 -8.04 -27.83 -3.82
CA ARG D 44 -9.14 -28.19 -2.91
C ARG D 44 -10.53 -28.09 -3.55
N ILE D 45 -10.68 -27.35 -4.63
CA ILE D 45 -11.98 -27.09 -5.22
C ILE D 45 -12.12 -27.53 -6.69
N GLU D 46 -11.08 -28.11 -7.28
CA GLU D 46 -11.10 -28.40 -8.73
C GLU D 46 -12.19 -29.41 -9.07
N HIS D 47 -12.47 -30.34 -8.17
CA HIS D 47 -13.59 -31.29 -8.30
C HIS D 47 -14.97 -30.63 -8.46
N LEU D 48 -15.12 -29.37 -8.03
CA LEU D 48 -16.38 -28.65 -8.21
C LEU D 48 -16.50 -27.91 -9.58
N TYR D 49 -15.42 -27.79 -10.34
CA TYR D 49 -15.41 -27.02 -11.64
C TYR D 49 -15.10 -27.90 -12.85
N ASN D 59 -22.45 -24.05 -11.47
CA ASN D 59 -22.90 -23.16 -10.40
C ASN D 59 -21.77 -22.50 -9.60
N MET D 60 -20.50 -22.86 -9.85
CA MET D 60 -19.32 -22.19 -9.26
C MET D 60 -18.54 -21.41 -10.32
N LYS D 61 -18.23 -20.15 -10.04
CA LYS D 61 -17.42 -19.31 -10.91
C LYS D 61 -16.28 -18.69 -10.10
N LEU D 62 -15.08 -18.68 -10.67
CA LEU D 62 -13.90 -18.11 -10.01
C LEU D 62 -13.46 -16.83 -10.68
N HIS D 63 -13.00 -15.88 -9.87
CA HIS D 63 -12.58 -14.56 -10.33
C HIS D 63 -11.20 -14.28 -9.76
N TYR D 64 -10.30 -13.77 -10.59
CA TYR D 64 -8.99 -13.33 -10.11
C TYR D 64 -9.11 -12.06 -9.30
N GLY D 65 -8.46 -12.04 -8.16
CA GLY D 65 -8.48 -10.87 -7.31
C GLY D 65 -7.49 -10.97 -6.17
N ASP D 66 -7.43 -9.93 -5.38
CA ASP D 66 -6.57 -9.90 -4.22
C ASP D 66 -7.17 -8.91 -3.23
N LEU D 67 -7.13 -9.27 -1.95
CA LEU D 67 -7.65 -8.41 -0.89
C LEU D 67 -6.85 -7.11 -0.70
N THR D 68 -5.68 -7.00 -1.33
CA THR D 68 -4.93 -5.74 -1.32
C THR D 68 -5.22 -4.79 -2.49
N ASP D 69 -6.14 -5.14 -3.40
CA ASP D 69 -6.45 -4.37 -4.63
C ASP D 69 -7.94 -3.99 -4.59
N SER D 70 -8.24 -2.77 -4.13
CA SER D 70 -9.62 -2.29 -3.93
C SER D 70 -10.48 -2.33 -5.21
N THR D 71 -9.92 -1.89 -6.33
CA THR D 71 -10.66 -1.84 -7.59
C THR D 71 -11.11 -3.21 -8.05
N CYS D 72 -10.26 -4.23 -7.90
CA CYS D 72 -10.65 -5.56 -8.32
C CYS D 72 -11.85 -6.06 -7.50
N LEU D 73 -11.89 -5.73 -6.21
CA LEU D 73 -13.01 -6.15 -5.33
C LEU D 73 -14.33 -5.50 -5.75
N VAL D 74 -14.27 -4.20 -6.08
CA VAL D 74 -15.46 -3.48 -6.58
C VAL D 74 -15.95 -4.09 -7.88
N LYS D 75 -15.04 -4.38 -8.81
CA LYS D 75 -15.41 -4.98 -10.09
C LYS D 75 -16.10 -6.33 -9.89
N ILE D 76 -15.53 -7.17 -9.01
CA ILE D 76 -16.10 -8.49 -8.77
C ILE D 76 -17.48 -8.39 -8.12
N ILE D 77 -17.60 -7.55 -7.08
CA ILE D 77 -18.88 -7.43 -6.37
C ILE D 77 -19.97 -6.85 -7.27
N ASN D 78 -19.61 -5.86 -8.09
CA ASN D 78 -20.56 -5.27 -9.04
C ASN D 78 -21.06 -6.29 -10.06
N GLU D 79 -20.18 -7.16 -10.53
CA GLU D 79 -20.56 -8.19 -11.49
C GLU D 79 -21.42 -9.28 -10.82
N VAL D 80 -21.04 -9.71 -9.63
CA VAL D 80 -21.67 -10.84 -8.96
C VAL D 80 -23.00 -10.48 -8.30
N LYS D 81 -23.07 -9.30 -7.70
CA LYS D 81 -24.23 -8.84 -6.92
C LYS D 81 -24.62 -9.89 -5.89
N PRO D 82 -23.67 -10.25 -5.01
CA PRO D 82 -23.93 -11.33 -4.06
C PRO D 82 -25.00 -10.97 -3.04
N THR D 83 -25.73 -11.98 -2.57
CA THR D 83 -26.61 -11.83 -1.42
C THR D 83 -25.86 -12.12 -0.11
N GLU D 84 -24.80 -12.94 -0.20
CA GLU D 84 -23.97 -13.30 0.97
C GLU D 84 -22.50 -13.19 0.59
N ILE D 85 -21.70 -12.59 1.47
CA ILE D 85 -20.24 -12.50 1.30
C ILE D 85 -19.58 -13.15 2.50
N TYR D 86 -18.67 -14.08 2.25
CA TYR D 86 -17.90 -14.71 3.30
C TYR D 86 -16.43 -14.32 3.10
N ASN D 87 -15.91 -13.50 4.01
CA ASN D 87 -14.52 -13.07 3.95
C ASN D 87 -13.61 -14.04 4.69
N LEU D 88 -13.23 -15.11 4.00
CA LEU D 88 -12.30 -16.10 4.54
C LEU D 88 -10.87 -15.91 4.09
N GLY D 89 -10.64 -14.99 3.17
CA GLY D 89 -9.29 -14.77 2.64
C GLY D 89 -8.36 -14.16 3.68
N ALA D 90 -7.18 -14.75 3.84
CA ALA D 90 -6.22 -14.30 4.85
C ALA D 90 -4.89 -14.99 4.70
N GLN D 91 -3.83 -14.28 5.11
CA GLN D 91 -2.58 -14.90 5.53
C GLN D 91 -2.92 -15.43 6.93
N SER D 92 -3.13 -16.73 7.04
CA SER D 92 -3.73 -17.29 8.26
C SER D 92 -2.73 -17.96 9.20
N HIS D 93 -1.45 -17.98 8.85
CA HIS D 93 -0.48 -18.68 9.68
C HIS D 93 0.14 -17.76 10.72
N VAL D 94 0.02 -18.15 11.98
CA VAL D 94 0.40 -17.29 13.10
C VAL D 94 1.92 -17.12 13.19
N LYS D 95 2.68 -18.21 13.06
CA LYS D 95 4.13 -18.13 13.09
C LYS D 95 4.66 -17.25 11.96
N ILE D 96 4.16 -17.49 10.77
CA ILE D 96 4.59 -16.72 9.59
C ILE D 96 4.26 -15.24 9.79
N SER D 97 3.19 -14.93 10.50
CA SER D 97 2.81 -13.52 10.74
C SER D 97 3.89 -12.68 11.46
N PHE D 98 4.75 -13.32 12.26
CA PHE D 98 5.80 -12.58 12.95
C PHE D 98 6.87 -12.05 12.00
N ASP D 99 7.13 -12.73 10.89
CA ASP D 99 8.09 -12.25 9.88
C ASP D 99 7.42 -11.62 8.64
N LEU D 100 6.11 -11.72 8.52
CA LEU D 100 5.34 -11.12 7.45
C LEU D 100 4.25 -10.24 8.07
N ALA D 101 4.65 -9.41 9.03
CA ALA D 101 3.67 -8.68 9.84
C ALA D 101 2.90 -7.64 9.01
N GLU D 102 3.59 -6.92 8.11
CA GLU D 102 2.95 -5.87 7.34
C GLU D 102 2.01 -6.45 6.30
N TYR D 103 2.48 -7.47 5.57
CA TYR D 103 1.62 -8.17 4.61
C TYR D 103 0.37 -8.72 5.30
N THR D 104 0.57 -9.33 6.48
CA THR D 104 -0.56 -9.87 7.25
C THR D 104 -1.55 -8.77 7.64
N ALA D 105 -1.04 -7.61 8.07
CA ALA D 105 -1.91 -6.47 8.38
C ALA D 105 -2.70 -6.01 7.16
N ASP D 106 -2.02 -5.91 6.01
CA ASP D 106 -2.65 -5.38 4.82
C ASP D 106 -3.75 -6.30 4.27
N VAL D 107 -3.53 -7.60 4.38
CA VAL D 107 -4.50 -8.58 3.90
C VAL D 107 -5.62 -8.83 4.91
N ASP D 108 -5.23 -9.14 6.14
CA ASP D 108 -6.18 -9.63 7.13
C ASP D 108 -6.94 -8.48 7.79
N GLY D 109 -6.26 -7.34 7.97
CA GLY D 109 -6.88 -6.18 8.56
C GLY D 109 -7.47 -5.24 7.52
N VAL D 110 -6.59 -4.59 6.79
CA VAL D 110 -7.02 -3.56 5.84
C VAL D 110 -7.85 -4.19 4.70
N GLY D 111 -7.54 -5.44 4.33
CA GLY D 111 -8.32 -6.14 3.31
C GLY D 111 -9.80 -6.30 3.66
N THR D 112 -10.07 -6.50 4.95
CA THR D 112 -11.45 -6.57 5.42
C THR D 112 -12.15 -5.22 5.20
N LEU D 113 -11.47 -4.12 5.56
CA LEU D 113 -11.98 -2.81 5.24
C LEU D 113 -12.22 -2.63 3.74
N ARG D 114 -11.29 -3.07 2.90
CA ARG D 114 -11.42 -2.91 1.46
C ARG D 114 -12.68 -3.63 0.94
N LEU D 115 -12.96 -4.80 1.49
CA LEU D 115 -14.10 -5.58 1.03
C LEU D 115 -15.41 -4.92 1.48
N LEU D 116 -15.44 -4.43 2.72
CA LEU D 116 -16.60 -3.70 3.24
C LEU D 116 -16.86 -2.40 2.46
N ASP D 117 -15.79 -1.65 2.19
CA ASP D 117 -15.91 -0.42 1.38
C ASP D 117 -16.38 -0.74 -0.05
N ALA D 118 -15.96 -1.88 -0.61
CA ALA D 118 -16.42 -2.31 -1.93
C ALA D 118 -17.92 -2.59 -1.95
N VAL D 119 -18.41 -3.24 -0.89
CA VAL D 119 -19.85 -3.46 -0.72
C VAL D 119 -20.60 -2.12 -0.76
N LYS D 120 -20.11 -1.16 0.04
CA LYS D 120 -20.74 0.15 0.14
C LYS D 120 -20.67 0.89 -1.19
N THR D 121 -19.50 0.89 -1.82
CA THR D 121 -19.32 1.51 -3.14
C THR D 121 -20.28 0.95 -4.19
N CYS D 122 -20.51 -0.36 -4.14
CA CYS D 122 -21.39 -1.03 -5.09
C CYS D 122 -22.90 -0.85 -4.78
N GLY D 123 -23.25 -0.10 -3.76
CA GLY D 123 -24.64 0.14 -3.38
C GLY D 123 -25.35 -1.00 -2.69
N LEU D 124 -24.60 -1.94 -2.11
CA LEU D 124 -25.15 -3.17 -1.54
C LEU D 124 -25.22 -3.20 -0.02
N ILE D 125 -25.06 -2.05 0.63
CA ILE D 125 -24.97 -2.01 2.10
C ILE D 125 -26.23 -2.54 2.78
N ASN D 126 -27.39 -2.33 2.15
CA ASN D 126 -28.67 -2.77 2.70
C ASN D 126 -29.14 -4.13 2.20
N SER D 127 -28.51 -4.69 1.17
CA SER D 127 -28.95 -5.97 0.61
C SER D 127 -28.06 -7.18 0.93
N VAL D 128 -26.76 -6.96 1.16
CA VAL D 128 -25.86 -8.09 1.37
C VAL D 128 -25.75 -8.48 2.84
N LYS D 129 -25.50 -9.75 3.10
CA LYS D 129 -25.10 -10.20 4.42
C LYS D 129 -23.62 -10.59 4.37
N PHE D 130 -22.86 -10.12 5.36
CA PHE D 130 -21.39 -10.21 5.36
C PHE D 130 -20.90 -11.01 6.55
N TYR D 131 -20.16 -12.08 6.29
CA TYR D 131 -19.53 -12.90 7.30
C TYR D 131 -18.03 -12.61 7.35
N GLN D 132 -17.52 -12.24 8.53
CA GLN D 132 -16.09 -12.07 8.74
C GLN D 132 -15.53 -13.27 9.49
N ALA D 133 -14.41 -13.79 8.98
CA ALA D 133 -13.69 -14.86 9.63
C ALA D 133 -12.83 -14.38 10.80
N SER D 134 -13.48 -14.17 11.93
CA SER D 134 -12.79 -13.90 13.16
C SER D 134 -12.29 -15.23 13.78
N THR D 135 -11.69 -15.16 14.97
CA THR D 135 -10.83 -16.23 15.42
C THR D 135 -10.61 -16.18 16.91
N SER D 136 -10.41 -17.36 17.49
CA SER D 136 -10.02 -17.49 18.89
C SER D 136 -8.66 -16.85 19.19
N GLU D 137 -7.83 -16.64 18.15
CA GLU D 137 -6.58 -15.89 18.36
C GLU D 137 -6.81 -14.50 18.92
N LEU D 138 -8.00 -13.93 18.73
CA LEU D 138 -8.36 -12.67 19.35
C LEU D 138 -8.25 -12.72 20.88
N TYR D 139 -8.50 -13.87 21.49
CA TYR D 139 -8.40 -14.02 22.96
C TYR D 139 -6.98 -14.12 23.47
N GLY D 140 -6.07 -14.61 22.62
CA GLY D 140 -4.65 -14.69 22.90
C GLY D 140 -4.32 -15.18 24.30
N LYS D 141 -3.80 -14.26 25.10
CA LYS D 141 -3.52 -14.54 26.53
C LYS D 141 -4.86 -14.41 27.24
N VAL D 142 -5.52 -15.57 27.39
CA VAL D 142 -6.96 -15.58 27.66
C VAL D 142 -7.29 -14.89 28.97
N GLN D 143 -8.30 -14.04 28.93
CA GLN D 143 -8.68 -13.24 30.09
C GLN D 143 -9.79 -13.90 30.93
N GLU D 144 -10.44 -14.92 30.38
CA GLU D 144 -11.42 -15.76 31.08
C GLU D 144 -11.26 -17.18 30.52
N ILE D 145 -11.61 -18.17 31.33
CA ILE D 145 -11.70 -19.56 30.91
C ILE D 145 -13.08 -20.09 31.34
N PRO D 146 -13.94 -20.57 30.44
CA PRO D 146 -13.73 -20.57 28.98
C PRO D 146 -13.93 -19.19 28.37
N GLN D 147 -13.64 -19.06 27.07
CA GLN D 147 -13.83 -17.81 26.37
C GLN D 147 -15.19 -17.76 25.69
N LYS D 148 -15.90 -16.64 25.87
CA LYS D 148 -17.19 -16.43 25.21
C LYS D 148 -17.16 -15.08 24.50
N GLU D 149 -18.29 -14.67 23.93
CA GLU D 149 -18.34 -13.49 23.08
C GLU D 149 -17.93 -12.21 23.83
N THR D 150 -18.19 -12.19 25.15
CA THR D 150 -17.93 -11.01 25.98
C THR D 150 -16.58 -11.05 26.68
N THR D 151 -15.81 -12.13 26.51
CA THR D 151 -14.45 -12.20 27.03
C THR D 151 -13.57 -11.15 26.33
N PRO D 152 -12.86 -10.31 27.11
CA PRO D 152 -11.99 -9.30 26.48
C PRO D 152 -10.90 -9.92 25.61
N PHE D 153 -10.62 -9.28 24.49
CA PHE D 153 -9.57 -9.73 23.58
C PHE D 153 -8.17 -9.33 24.08
N TYR D 154 -7.18 -10.14 23.75
CA TYR D 154 -5.76 -9.92 24.10
C TYR D 154 -4.90 -10.64 23.05
N PRO D 155 -4.79 -10.04 21.85
CA PRO D 155 -4.02 -10.71 20.80
C PRO D 155 -2.54 -10.80 21.10
N ARG D 156 -1.92 -11.82 20.53
CA ARG D 156 -0.55 -12.24 20.83
C ARG D 156 0.31 -12.46 19.57
N SER D 157 -0.08 -11.86 18.45
CA SER D 157 0.72 -11.93 17.24
C SER D 157 0.31 -10.85 16.28
N PRO D 158 1.12 -10.59 15.25
CA PRO D 158 0.65 -9.69 14.20
C PRO D 158 -0.62 -10.19 13.49
N TYR D 159 -0.80 -11.53 13.41
CA TYR D 159 -2.05 -12.12 12.93
C TYR D 159 -3.23 -11.71 13.80
N GLY D 160 -3.09 -11.93 15.11
CA GLY D 160 -4.16 -11.56 16.05
C GLY D 160 -4.50 -10.07 16.03
N ALA D 161 -3.49 -9.23 15.98
CA ALA D 161 -3.71 -7.78 15.90
C ALA D 161 -4.45 -7.39 14.62
N ALA D 162 -4.05 -7.97 13.49
CA ALA D 162 -4.70 -7.69 12.21
C ALA D 162 -6.16 -8.15 12.24
N LYS D 163 -6.39 -9.33 12.77
CA LYS D 163 -7.76 -9.85 12.90
C LYS D 163 -8.62 -9.03 13.86
N LEU D 164 -7.99 -8.44 14.88
CA LEU D 164 -8.68 -7.57 15.81
C LEU D 164 -9.17 -6.29 15.11
N TYR D 165 -8.31 -5.70 14.29
CA TYR D 165 -8.71 -4.59 13.45
C TYR D 165 -9.95 -4.97 12.62
N ALA D 166 -9.86 -6.14 11.97
CA ALA D 166 -10.92 -6.60 11.08
C ALA D 166 -12.25 -6.81 11.85
N TYR D 167 -12.16 -7.39 13.03
CA TYR D 167 -13.33 -7.60 13.88
C TYR D 167 -14.05 -6.25 14.12
N TRP D 168 -13.28 -5.24 14.49
CA TRP D 168 -13.85 -3.95 14.88
C TRP D 168 -14.31 -3.09 13.71
N ILE D 169 -13.65 -3.21 12.55
CA ILE D 169 -14.10 -2.44 11.37
C ILE D 169 -15.44 -3.05 10.87
N VAL D 170 -15.60 -4.37 11.00
CA VAL D 170 -16.87 -5.03 10.70
C VAL D 170 -17.97 -4.51 11.64
N VAL D 171 -17.69 -4.47 12.93
CA VAL D 171 -18.63 -3.91 13.91
C VAL D 171 -18.97 -2.48 13.50
N ASN D 172 -17.97 -1.70 13.11
CA ASN D 172 -18.25 -0.31 12.74
C ASN D 172 -19.15 -0.16 11.51
N PHE D 173 -18.97 -0.99 10.49
CA PHE D 173 -19.87 -0.94 9.32
C PHE D 173 -21.31 -1.34 9.69
N ARG D 174 -21.42 -2.31 10.59
CA ARG D 174 -22.74 -2.74 11.10
C ARG D 174 -23.44 -1.59 11.84
N GLU D 175 -22.71 -0.94 12.74
CA GLU D 175 -23.30 0.11 13.58
C GLU D 175 -23.49 1.43 12.83
N ALA D 176 -22.54 1.79 11.96
CA ALA D 176 -22.62 3.04 11.22
C ALA D 176 -23.62 3.03 10.09
N TYR D 177 -23.67 1.94 9.34
CA TYR D 177 -24.42 1.90 8.07
C TYR D 177 -25.51 0.84 8.01
N ASN D 178 -25.76 0.16 9.13
CA ASN D 178 -26.73 -0.94 9.23
C ASN D 178 -26.47 -2.08 8.25
N LEU D 179 -25.19 -2.34 7.96
CA LEU D 179 -24.81 -3.53 7.23
C LEU D 179 -25.10 -4.75 8.09
N PHE D 180 -25.75 -5.77 7.52
CA PHE D 180 -25.86 -7.06 8.16
C PHE D 180 -24.47 -7.70 8.05
N ALA D 181 -23.67 -7.54 9.11
CA ALA D 181 -22.30 -8.06 9.16
C ALA D 181 -22.06 -8.71 10.50
N VAL D 182 -21.39 -9.87 10.48
CA VAL D 182 -21.17 -10.67 11.66
C VAL D 182 -19.75 -11.16 11.74
N ASN D 183 -19.27 -11.32 12.98
CA ASN D 183 -17.99 -11.93 13.28
C ASN D 183 -18.22 -13.34 13.78
N GLY D 184 -17.75 -14.33 12.99
CA GLY D 184 -17.64 -15.69 13.47
C GLY D 184 -16.33 -15.82 14.22
N ILE D 185 -16.42 -16.01 15.53
CA ILE D 185 -15.24 -16.17 16.36
C ILE D 185 -14.98 -17.69 16.46
N LEU D 186 -14.31 -18.22 15.44
CA LEU D 186 -14.12 -19.66 15.32
C LEU D 186 -12.83 -20.09 15.98
N PHE D 187 -12.95 -21.12 16.81
CA PHE D 187 -11.79 -21.76 17.41
C PHE D 187 -11.18 -22.72 16.39
N ASN D 188 -9.99 -23.24 16.70
CA ASN D 188 -9.22 -24.04 15.75
C ASN D 188 -10.09 -25.12 15.11
N HIS D 189 -10.04 -25.21 13.79
CA HIS D 189 -10.71 -26.28 13.08
C HIS D 189 -9.83 -26.82 11.95
N GLU D 190 -9.88 -28.15 11.83
CA GLU D 190 -8.92 -28.94 11.07
C GLU D 190 -9.68 -29.91 10.17
N SER D 191 -8.93 -30.63 9.35
CA SER D 191 -9.50 -31.53 8.34
C SER D 191 -8.36 -32.17 7.59
N PRO D 192 -8.65 -33.17 6.74
CA PRO D 192 -7.59 -33.67 5.85
C PRO D 192 -7.10 -32.66 4.80
N ARG D 193 -7.80 -31.53 4.70
CA ARG D 193 -7.46 -30.44 3.74
C ARG D 193 -6.70 -29.32 4.43
N ARG D 194 -6.45 -29.43 5.73
CA ARG D 194 -5.73 -28.44 6.50
C ARG D 194 -4.35 -28.21 5.90
N GLY D 195 -3.91 -26.95 5.88
CA GLY D 195 -2.57 -26.63 5.41
C GLY D 195 -1.53 -27.44 6.19
N ALA D 196 -0.51 -27.89 5.47
CA ALA D 196 0.52 -28.77 6.01
C ALA D 196 1.37 -28.16 7.12
N ASN D 197 1.41 -26.83 7.17
CA ASN D 197 2.22 -26.09 8.14
C ASN D 197 1.53 -25.85 9.48
N PHE D 198 0.25 -26.20 9.60
CA PHE D 198 -0.47 -26.14 10.89
C PHE D 198 -0.17 -27.41 11.68
N VAL D 199 -0.25 -27.35 13.01
CA VAL D 199 0.37 -28.40 13.82
C VAL D 199 -0.29 -29.77 13.62
N THR D 200 -1.60 -29.77 13.45
CA THR D 200 -2.37 -31.02 13.36
C THR D 200 -2.02 -31.80 12.09
N ARG D 201 -2.01 -31.08 10.96
CA ARG D 201 -1.67 -31.65 9.68
C ARG D 201 -0.18 -31.97 9.59
N LYS D 202 0.67 -31.16 10.20
CA LYS D 202 2.09 -31.46 10.27
C LYS D 202 2.30 -32.81 10.98
N ILE D 203 1.60 -33.00 12.08
CA ILE D 203 1.67 -34.27 12.84
C ILE D 203 1.09 -35.42 12.01
N SER D 204 -0.12 -35.26 11.48
CA SER D 204 -0.76 -36.38 10.75
C SER D 204 0.05 -36.78 9.51
N ARG D 205 0.55 -35.80 8.76
CA ARG D 205 1.44 -36.09 7.62
C ARG D 205 2.73 -36.77 8.03
N SER D 206 3.36 -36.30 9.10
CA SER D 206 4.64 -36.82 9.55
C SER D 206 4.50 -38.23 10.11
N VAL D 207 3.45 -38.47 10.89
CA VAL D 207 3.15 -39.80 11.42
C VAL D 207 2.87 -40.78 10.28
N ALA D 208 2.07 -40.35 9.32
CA ALA D 208 1.82 -41.15 8.12
C ALA D 208 3.12 -41.54 7.42
N LYS D 209 4.02 -40.58 7.23
CA LYS D 209 5.32 -40.84 6.58
C LYS D 209 6.17 -41.81 7.37
N ILE D 210 6.14 -41.71 8.69
CA ILE D 210 6.86 -42.64 9.55
C ILE D 210 6.31 -44.04 9.40
N TYR D 211 4.99 -44.18 9.39
CA TYR D 211 4.36 -45.48 9.18
C TYR D 211 4.80 -46.11 7.84
N LEU D 212 4.91 -45.28 6.80
CA LEU D 212 5.28 -45.77 5.47
C LEU D 212 6.80 -45.89 5.24
N GLY D 213 7.61 -45.58 6.25
CA GLY D 213 9.06 -45.63 6.12
C GLY D 213 9.67 -44.50 5.30
N GLN D 214 8.90 -43.44 5.03
CA GLN D 214 9.37 -42.29 4.25
C GLN D 214 10.07 -41.23 5.12
N LEU D 215 9.95 -41.38 6.43
CA LEU D 215 10.53 -40.45 7.38
C LEU D 215 10.82 -41.23 8.66
N GLU D 216 11.85 -40.81 9.39
CA GLU D 216 12.15 -41.42 10.70
C GLU D 216 11.72 -40.55 11.88
N CYS D 217 11.90 -39.24 11.74
N CYS D 217 11.89 -39.25 11.76
CA CYS D 217 11.76 -38.32 12.86
CA CYS D 217 11.51 -38.36 12.84
C CYS D 217 11.24 -36.97 12.34
C CYS D 217 11.18 -37.00 12.33
N PHE D 218 10.51 -36.25 13.18
CA PHE D 218 10.15 -34.85 12.87
C PHE D 218 10.20 -34.02 14.15
N SER D 219 10.35 -32.71 13.96
CA SER D 219 10.48 -31.80 15.09
C SER D 219 9.26 -30.89 15.19
N LEU D 220 8.89 -30.64 16.43
CA LEU D 220 7.81 -29.74 16.78
C LEU D 220 8.40 -28.62 17.64
N GLY D 221 7.52 -27.66 17.99
CA GLY D 221 7.86 -26.60 18.90
C GLY D 221 7.31 -26.89 20.28
N ASN D 222 6.33 -26.08 20.70
CA ASN D 222 5.77 -26.16 22.05
C ASN D 222 4.75 -27.31 22.16
N LEU D 223 5.18 -28.42 22.76
CA LEU D 223 4.31 -29.59 22.94
C LEU D 223 3.17 -29.38 23.96
N ASP D 224 3.31 -28.37 24.82
CA ASP D 224 2.35 -28.17 25.91
C ASP D 224 1.24 -27.19 25.59
N ALA D 225 1.26 -26.57 24.41
CA ALA D 225 0.15 -25.75 23.98
C ALA D 225 -1.14 -26.55 23.96
N LYS D 226 -2.21 -25.91 24.42
CA LYS D 226 -3.52 -26.53 24.50
C LYS D 226 -4.54 -25.83 23.60
N ARG D 227 -5.28 -26.64 22.84
CA ARG D 227 -6.27 -26.11 21.89
C ARG D 227 -7.61 -26.82 21.96
N ASP D 228 -8.62 -26.08 21.51
CA ASP D 228 -9.97 -26.55 21.28
C ASP D 228 -10.03 -26.81 19.78
N TRP D 229 -10.03 -28.09 19.39
CA TRP D 229 -9.96 -28.51 17.97
C TRP D 229 -11.26 -29.14 17.50
N GLY D 230 -11.88 -28.55 16.48
CA GLY D 230 -13.03 -29.14 15.80
C GLY D 230 -12.74 -29.43 14.34
N HIS D 231 -13.78 -29.82 13.61
CA HIS D 231 -13.65 -30.17 12.19
C HIS D 231 -14.22 -29.05 11.33
N ALA D 232 -13.42 -28.59 10.37
CA ALA D 232 -13.80 -27.52 9.45
C ALA D 232 -15.15 -27.70 8.77
N LYS D 233 -15.47 -28.93 8.36
CA LYS D 233 -16.76 -29.21 7.73
C LYS D 233 -17.94 -28.83 8.62
N ASP D 234 -17.84 -29.07 9.92
CA ASP D 234 -18.89 -28.65 10.86
C ASP D 234 -18.97 -27.14 11.00
N TYR D 235 -17.82 -26.49 10.98
CA TYR D 235 -17.73 -25.07 11.29
C TYR D 235 -18.23 -24.19 10.16
N VAL D 236 -18.04 -24.60 8.90
CA VAL D 236 -18.57 -23.80 7.80
C VAL D 236 -20.10 -23.74 7.82
N GLU D 237 -20.75 -24.79 8.31
CA GLU D 237 -22.18 -24.75 8.50
C GLU D 237 -22.60 -23.63 9.47
N ALA D 238 -21.83 -23.46 10.55
CA ALA D 238 -22.10 -22.37 11.49
C ALA D 238 -22.00 -21.00 10.82
N MET D 239 -21.08 -20.85 9.87
CA MET D 239 -20.95 -19.58 9.16
C MET D 239 -22.24 -19.23 8.43
N TRP D 240 -22.77 -20.22 7.71
CA TRP D 240 -24.03 -20.03 6.99
C TRP D 240 -25.20 -19.74 7.94
N LEU D 241 -25.27 -20.50 9.03
CA LEU D 241 -26.29 -20.29 10.06
C LEU D 241 -26.27 -18.85 10.61
N MET D 242 -25.07 -18.28 10.80
CA MET D 242 -24.98 -16.90 11.27
C MET D 242 -25.60 -15.88 10.31
N LEU D 243 -25.52 -16.15 9.02
CA LEU D 243 -26.16 -15.28 8.02
C LEU D 243 -27.67 -15.58 7.79
N GLN D 244 -28.16 -16.70 8.32
CA GLN D 244 -29.61 -17.00 8.30
C GLN D 244 -30.33 -16.39 9.52
N ASN D 245 -29.58 -15.97 10.53
CA ASN D 245 -30.13 -15.38 11.74
C ASN D 245 -30.90 -14.10 11.39
N ASP D 246 -31.96 -13.80 12.12
CA ASP D 246 -32.76 -12.59 11.87
C ASP D 246 -31.99 -11.27 12.14
N GLU D 247 -31.15 -11.26 13.15
CA GLU D 247 -30.34 -10.12 13.53
C GLU D 247 -28.85 -10.47 13.33
N PRO D 248 -28.02 -9.48 12.94
CA PRO D 248 -26.58 -9.74 12.79
C PRO D 248 -25.91 -9.76 14.15
N GLU D 249 -25.46 -10.94 14.58
CA GLU D 249 -24.79 -11.09 15.86
C GLU D 249 -23.48 -11.84 15.68
N ASP D 250 -22.57 -11.61 16.62
CA ASP D 250 -21.29 -12.29 16.66
C ASP D 250 -21.39 -13.57 17.53
N PHE D 251 -20.69 -14.62 17.11
CA PHE D 251 -20.78 -15.91 17.79
C PHE D 251 -19.44 -16.62 17.92
N VAL D 252 -19.20 -17.21 19.08
CA VAL D 252 -18.15 -18.17 19.27
C VAL D 252 -18.64 -19.53 18.73
N ILE D 253 -17.77 -20.20 17.98
CA ILE D 253 -17.98 -21.55 17.49
C ILE D 253 -16.77 -22.39 17.92
N ALA D 254 -17.04 -23.48 18.63
CA ALA D 254 -15.99 -24.23 19.31
C ALA D 254 -16.56 -25.56 19.83
N THR D 255 -15.68 -26.47 20.26
CA THR D 255 -16.12 -27.71 20.88
C THR D 255 -16.26 -27.62 22.41
N GLY D 256 -15.51 -26.72 23.04
CA GLY D 256 -15.41 -26.70 24.50
C GLY D 256 -14.51 -27.77 25.12
N GLU D 257 -13.86 -28.59 24.31
CA GLU D 257 -12.96 -29.64 24.81
C GLU D 257 -11.54 -29.28 24.43
N VAL D 258 -10.62 -29.49 25.39
CA VAL D 258 -9.24 -29.06 25.26
C VAL D 258 -8.30 -30.24 25.23
N HIS D 259 -7.32 -30.19 24.33
CA HIS D 259 -6.23 -31.18 24.27
C HIS D 259 -4.91 -30.48 23.99
N SER D 260 -3.81 -31.09 24.38
CA SER D 260 -2.49 -30.55 24.11
C SER D 260 -1.97 -31.05 22.76
N VAL D 261 -0.97 -30.35 22.24
CA VAL D 261 -0.21 -30.79 21.06
C VAL D 261 0.38 -32.19 21.33
N ARG D 262 0.93 -32.38 22.54
CA ARG D 262 1.46 -33.66 22.97
C ARG D 262 0.41 -34.80 22.83
N GLU D 263 -0.83 -34.54 23.24
CA GLU D 263 -1.91 -35.52 23.09
C GLU D 263 -2.24 -35.81 21.62
N PHE D 264 -2.23 -34.77 20.79
CA PHE D 264 -2.44 -34.97 19.35
C PHE D 264 -1.37 -35.91 18.79
N VAL D 265 -0.12 -35.70 19.18
CA VAL D 265 0.99 -36.55 18.78
C VAL D 265 0.77 -38.00 19.26
N GLU D 266 0.45 -38.16 20.55
CA GLU D 266 0.26 -39.51 21.14
C GLU D 266 -0.86 -40.26 20.42
N LYS D 267 -2.00 -39.61 20.26
CA LYS D 267 -3.14 -40.23 19.61
C LYS D 267 -2.87 -40.56 18.13
N SER D 268 -2.12 -39.67 17.45
CA SER D 268 -1.78 -39.92 16.05
C SER D 268 -0.88 -41.15 15.90
N PHE D 269 0.16 -41.24 16.72
CA PHE D 269 1.03 -42.44 16.71
C PHE D 269 0.28 -43.72 17.08
N LEU D 270 -0.67 -43.66 18.01
CA LEU D 270 -1.50 -44.84 18.33
C LEU D 270 -2.24 -45.36 17.10
N HIS D 271 -2.68 -44.46 16.21
CA HIS D 271 -3.36 -44.87 14.98
C HIS D 271 -2.48 -45.52 13.93
N ILE D 272 -1.16 -45.44 14.06
CA ILE D 272 -0.28 -46.27 13.22
C ILE D 272 0.38 -47.42 14.02
N GLY D 273 -0.15 -47.68 15.22
CA GLY D 273 0.29 -48.80 16.04
C GLY D 273 1.55 -48.59 16.84
N LYS D 274 1.84 -47.33 17.23
CA LYS D 274 3.00 -47.04 18.04
C LYS D 274 2.60 -46.28 19.30
N THR D 275 3.30 -46.56 20.41
CA THR D 275 3.13 -45.85 21.65
C THR D 275 4.35 -44.95 21.85
N ILE D 276 4.12 -43.64 21.93
CA ILE D 276 5.18 -42.67 22.19
C ILE D 276 5.38 -42.55 23.67
N VAL D 277 6.65 -42.54 24.08
CA VAL D 277 7.03 -42.33 25.47
C VAL D 277 7.98 -41.12 25.47
N TRP D 278 7.70 -40.15 26.32
CA TRP D 278 8.48 -38.92 26.36
C TRP D 278 9.63 -38.99 27.39
N GLU D 279 10.78 -38.43 27.04
CA GLU D 279 11.90 -38.28 27.97
C GLU D 279 12.55 -36.91 27.73
N GLY D 280 13.17 -36.36 28.79
CA GLY D 280 13.83 -35.06 28.69
C GLY D 280 12.90 -33.89 28.88
N LYS D 281 13.47 -32.68 28.79
CA LYS D 281 12.75 -31.46 29.15
C LYS D 281 13.02 -30.37 28.11
N ASN D 282 12.03 -29.50 27.92
CA ASN D 282 12.19 -28.30 27.09
C ASN D 282 12.65 -28.67 25.67
N GLU D 283 13.64 -27.97 25.14
CA GLU D 283 14.12 -28.22 23.78
C GLU D 283 14.92 -29.52 23.61
N ASN D 284 15.23 -30.20 24.72
CA ASN D 284 15.82 -31.54 24.65
C ASN D 284 14.84 -32.68 24.87
N GLU D 285 13.54 -32.39 24.97
CA GLU D 285 12.54 -33.43 25.08
C GLU D 285 12.44 -34.21 23.75
N VAL D 286 12.30 -35.54 23.86
CA VAL D 286 12.12 -36.39 22.68
C VAL D 286 10.98 -37.38 22.92
N GLY D 287 10.35 -37.81 21.83
CA GLY D 287 9.30 -38.82 21.85
C GLY D 287 9.86 -40.09 21.22
N ARG D 288 9.80 -41.21 21.96
CA ARG D 288 10.44 -42.46 21.57
C ARG D 288 9.36 -43.55 21.42
N CYS D 289 9.50 -44.38 20.40
CA CYS D 289 8.65 -45.56 20.26
C CYS D 289 8.94 -46.53 21.41
N LYS D 290 7.90 -46.91 22.14
CA LYS D 290 8.03 -47.84 23.27
C LYS D 290 8.55 -49.21 22.82
N GLU D 291 7.95 -49.75 21.75
CA GLU D 291 8.32 -51.07 21.21
C GLU D 291 9.76 -51.12 20.67
N THR D 292 10.15 -50.16 19.82
CA THR D 292 11.46 -50.19 19.13
C THR D 292 12.57 -49.31 19.72
N GLY D 293 12.23 -48.38 20.62
CA GLY D 293 13.20 -47.40 21.11
C GLY D 293 13.67 -46.32 20.12
N LYS D 294 13.10 -46.26 18.91
CA LYS D 294 13.51 -45.25 17.93
C LYS D 294 12.92 -43.88 18.33
N VAL D 295 13.72 -42.84 18.18
CA VAL D 295 13.28 -41.46 18.40
C VAL D 295 12.49 -41.01 17.17
N HIS D 296 11.22 -40.67 17.37
CA HIS D 296 10.36 -40.18 16.29
C HIS D 296 9.97 -38.70 16.38
N VAL D 297 10.08 -38.10 17.58
CA VAL D 297 9.71 -36.69 17.77
C VAL D 297 10.79 -35.96 18.54
N THR D 298 11.25 -34.82 18.02
CA THR D 298 12.15 -33.93 18.73
C THR D 298 11.53 -32.53 18.83
N VAL D 299 12.19 -31.67 19.58
CA VAL D 299 11.74 -30.29 19.78
C VAL D 299 12.80 -29.33 19.25
N ASP D 300 12.34 -28.31 18.52
CA ASP D 300 13.23 -27.30 17.95
C ASP D 300 12.64 -25.94 18.26
N LEU D 301 13.42 -25.09 18.93
CA LEU D 301 13.00 -23.73 19.29
C LEU D 301 12.57 -22.86 18.11
N LYS D 302 13.04 -23.16 16.91
CA LYS D 302 12.61 -22.39 15.74
C LYS D 302 11.11 -22.49 15.45
N TYR D 303 10.41 -23.49 16.02
CA TYR D 303 8.94 -23.61 15.86
C TYR D 303 8.14 -22.96 16.97
N TYR D 304 8.82 -22.43 17.98
CA TYR D 304 8.14 -21.65 19.02
C TYR D 304 7.72 -20.29 18.44
N ARG D 305 6.68 -19.70 19.03
CA ARG D 305 6.29 -18.32 18.73
C ARG D 305 6.84 -17.43 19.87
N PRO D 306 7.29 -16.21 19.52
CA PRO D 306 7.83 -15.31 20.55
C PRO D 306 6.83 -15.01 21.66
N THR D 307 5.55 -14.93 21.32
CA THR D 307 4.47 -14.74 22.28
C THR D 307 3.42 -15.81 22.04
N GLU D 308 3.50 -16.89 22.81
CA GLU D 308 2.63 -18.05 22.63
C GLU D 308 1.20 -17.75 23.12
N VAL D 309 0.25 -18.47 22.55
CA VAL D 309 -1.13 -18.53 23.01
C VAL D 309 -1.19 -19.90 23.70
N ASP D 310 -1.13 -19.91 25.04
CA ASP D 310 -0.94 -21.16 25.79
C ASP D 310 -2.16 -22.10 25.81
N PHE D 311 -3.34 -21.51 25.76
CA PHE D 311 -4.56 -22.21 26.13
C PHE D 311 -5.79 -21.56 25.53
N LEU D 312 -6.63 -22.36 24.86
CA LEU D 312 -7.90 -21.91 24.35
C LEU D 312 -8.98 -22.95 24.63
N GLN D 313 -10.15 -22.47 25.05
CA GLN D 313 -11.32 -23.33 25.25
C GLN D 313 -12.54 -22.46 25.06
N GLY D 314 -13.31 -22.74 24.01
CA GLY D 314 -14.43 -21.91 23.66
C GLY D 314 -15.73 -22.33 24.30
N ASP D 315 -16.57 -21.35 24.63
CA ASP D 315 -17.92 -21.60 25.10
C ASP D 315 -18.90 -21.15 24.05
N CYS D 316 -19.51 -22.10 23.34
CA CYS D 316 -20.43 -21.78 22.25
C CYS D 316 -21.92 -21.89 22.65
N THR D 317 -22.23 -21.62 23.93
CA THR D 317 -23.62 -21.60 24.43
C THR D 317 -24.52 -20.71 23.58
N LYS D 318 -24.07 -19.50 23.23
CA LYS D 318 -24.90 -18.57 22.46
C LYS D 318 -25.29 -19.17 21.10
N ALA D 319 -24.33 -19.76 20.40
CA ALA D 319 -24.59 -20.40 19.10
C ALA D 319 -25.54 -21.61 19.22
N LYS D 320 -25.34 -22.43 20.24
CA LYS D 320 -26.22 -23.57 20.50
C LYS D 320 -27.67 -23.09 20.70
N GLN D 321 -27.86 -22.02 21.47
CA GLN D 321 -29.19 -21.51 21.76
C GLN D 321 -29.84 -20.80 20.58
N LYS D 322 -29.08 -19.94 19.89
CA LYS D 322 -29.66 -19.14 18.80
C LYS D 322 -29.62 -19.79 17.42
N LEU D 323 -28.59 -20.59 17.14
CA LEU D 323 -28.42 -21.17 15.80
C LEU D 323 -28.76 -22.65 15.74
N ASN D 324 -28.98 -23.28 16.89
CA ASN D 324 -29.09 -24.72 16.99
C ASN D 324 -27.87 -25.44 16.42
N TRP D 325 -26.67 -24.83 16.56
CA TRP D 325 -25.47 -25.45 16.02
C TRP D 325 -24.86 -26.33 17.13
N LYS D 326 -24.29 -27.46 16.72
CA LYS D 326 -23.52 -28.28 17.61
C LYS D 326 -22.41 -28.94 16.80
N PRO D 327 -21.22 -29.13 17.39
CA PRO D 327 -20.21 -29.86 16.68
C PRO D 327 -20.62 -31.33 16.55
N ARG D 328 -20.30 -31.94 15.42
CA ARG D 328 -20.57 -33.35 15.16
C ARG D 328 -19.33 -34.24 15.30
N VAL D 329 -18.17 -33.75 14.88
CA VAL D 329 -16.93 -34.52 14.95
C VAL D 329 -16.19 -34.17 16.25
N ALA D 330 -15.87 -35.21 17.03
CA ALA D 330 -15.07 -35.04 18.23
C ALA D 330 -13.61 -35.34 17.95
N PHE D 331 -12.77 -34.95 18.90
CA PHE D 331 -11.31 -34.96 18.77
C PHE D 331 -10.72 -36.30 18.33
N ASP D 332 -11.13 -37.38 18.97
CA ASP D 332 -10.62 -38.73 18.62
C ASP D 332 -10.90 -39.08 17.15
N GLU D 333 -12.10 -38.79 16.67
CA GLU D 333 -12.46 -39.03 15.26
C GLU D 333 -11.68 -38.11 14.30
N LEU D 334 -11.46 -36.86 14.73
CA LEU D 334 -10.68 -35.90 13.92
C LEU D 334 -9.28 -36.43 13.67
N VAL D 335 -8.62 -36.92 14.73
CA VAL D 335 -7.27 -37.43 14.64
C VAL D 335 -7.23 -38.66 13.73
N ARG D 336 -8.16 -39.59 13.96
CA ARG D 336 -8.23 -40.81 13.15
C ARG D 336 -8.41 -40.46 11.66
N GLU D 337 -9.34 -39.57 11.36
CA GLU D 337 -9.59 -39.17 9.97
C GLU D 337 -8.34 -38.60 9.32
N MET D 338 -7.65 -37.72 10.03
CA MET D 338 -6.47 -37.04 9.46
C MET D 338 -5.32 -38.01 9.23
N VAL D 339 -5.06 -38.90 10.19
CA VAL D 339 -3.98 -39.86 10.06
C VAL D 339 -4.28 -40.86 8.93
N HIS D 340 -5.50 -41.39 8.89
CA HIS D 340 -5.89 -42.36 7.85
C HIS D 340 -5.82 -41.73 6.45
N ALA D 341 -6.34 -40.50 6.33
CA ALA D 341 -6.27 -39.77 5.06
C ALA D 341 -4.84 -39.54 4.59
N ASP D 342 -3.95 -39.18 5.50
CA ASP D 342 -2.55 -38.96 5.13
C ASP D 342 -1.76 -40.23 4.87
N VAL D 343 -2.09 -41.34 5.54
CA VAL D 343 -1.48 -42.62 5.15
C VAL D 343 -1.83 -42.93 3.68
N GLU D 344 -3.11 -42.82 3.34
CA GLU D 344 -3.55 -43.07 1.96
C GLU D 344 -2.96 -42.10 0.97
N LEU D 345 -2.91 -40.83 1.33
CA LEU D 345 -2.33 -39.80 0.46
C LEU D 345 -0.86 -40.04 0.19
N MET D 346 -0.09 -40.33 1.23
CA MET D 346 1.36 -40.51 1.12
C MET D 346 1.74 -41.85 0.46
N ARG D 347 0.87 -42.85 0.58
CA ARG D 347 1.09 -44.16 -0.07
C ARG D 347 0.96 -43.98 -1.58
N THR D 348 -0.02 -43.16 -1.99
CA THR D 348 -0.21 -42.69 -3.39
C THR D 348 0.36 -41.28 -3.66
N1 BCN E . 1.90 -26.72 -14.51
C1 BCN E . 1.24 -25.46 -14.96
C2 BCN E . 0.39 -24.72 -13.94
O21 BCN E . -0.02 -23.57 -14.29
O22 BCN E . 0.18 -25.28 -12.83
C3 BCN E . 2.92 -26.51 -13.46
C4 BCN E . 4.29 -26.37 -14.09
O4 BCN E . 4.88 -27.67 -14.26
C5 BCN E . 0.92 -27.80 -14.21
C6 BCN E . 1.49 -29.20 -14.49
O6 BCN E . 2.58 -29.16 -15.43
O3 F7E F . -0.12 -14.38 -24.91
C3 F7E F . -2.64 -14.36 -27.45
C4 F7E F . -2.49 -13.13 -26.56
O4 F7E F . -0.50 -14.78 -22.52
C7 F7E F . 0.60 -14.41 -26.17
C9 F7E F . 4.26 -13.33 -20.35
O7 F7E F . 5.19 -14.33 -19.96
O8 F7E F . 5.40 -13.02 -22.44
C8 F7E F . 4.15 -13.29 -21.87
O6 F7E F . 3.25 -12.32 -22.23
C6 F7E F . -0.37 -13.99 -27.25
C5 F7E F . -1.10 -12.67 -26.95
O5 F7E F . 1.82 -14.14 -23.36
C1 F7E F . -5.09 -16.58 -25.95
O1 F7E F . -3.54 -12.18 -26.80
C2 F7E F . -4.67 -15.80 -27.89
O2 F7E F . -1.05 -11.80 -28.10
O13 F7E F . 0.99 -16.41 -23.86
P F7E F . 0.51 -15.03 -23.59
P1 F7E F . 2.14 -12.57 -23.49
O11 F7E F . 0.92 -11.79 -23.18
O12 F7E F . 2.89 -12.36 -24.75
C10 F7E F . 6.04 -11.78 -22.07
C11 F7E F . 7.44 -11.83 -22.65
C12 F7E F . 5.95 -11.45 -20.58
O10 F7E F . 6.73 -10.66 -20.05
C13 F7E F . 4.74 -11.97 -19.83
O9 F7E F . 5.11 -12.06 -18.46
O14 F7E F . -1.38 -15.00 -27.41
N1 F7E F . -3.69 -15.30 -27.06
N F7E F . -5.53 -16.56 -27.26
C14 F7E F . -3.95 -15.81 -25.80
N2 F7E F . -3.20 -15.62 -24.68
C15 F7E F . -3.66 -16.30 -23.65
N3 F7E F . -3.00 -16.26 -22.47
N4 F7E F . -4.78 -17.09 -23.70
C F7E F . -5.57 -17.28 -24.82
O F7E F . -6.59 -17.99 -24.75
PA NAP G . 5.80 -16.96 -13.47
O1A NAP G . 5.87 -18.42 -13.84
O2A NAP G . 4.48 -16.26 -13.49
O5B NAP G . 6.55 -16.80 -12.04
C5B NAP G . 6.30 -15.64 -11.26
C4B NAP G . 7.00 -15.80 -9.92
O4B NAP G . 6.89 -14.62 -9.14
C3B NAP G . 6.39 -16.93 -9.08
O3B NAP G . 7.41 -17.56 -8.32
C2B NAP G . 5.40 -16.15 -8.21
O2B NAP G . 5.04 -16.87 -7.03
C1B NAP G . 6.25 -14.90 -7.92
N9A NAP G . 5.46 -13.80 -7.35
C8A NAP G . 4.28 -13.33 -7.77
N7A NAP G . 3.83 -12.33 -6.96
C5A NAP G . 4.75 -12.19 -6.00
C6A NAP G . 4.90 -11.34 -4.83
N6A NAP G . 3.90 -10.47 -4.58
N1A NAP G . 6.01 -11.49 -4.06
C2A NAP G . 6.93 -12.40 -4.35
N3A NAP G . 6.89 -13.22 -5.42
C4A NAP G . 5.82 -13.15 -6.25
O3 NAP G . 6.77 -16.07 -14.34
PN NAP G . 7.95 -16.61 -15.32
O1N NAP G . 7.36 -17.07 -16.64
O2N NAP G . 8.91 -17.47 -14.59
O5D NAP G . 8.68 -15.22 -15.63
C5D NAP G . 9.65 -14.72 -14.72
C4D NAP G . 9.79 -13.22 -14.84
O4D NAP G . 10.06 -12.77 -16.15
C3D NAP G . 8.53 -12.49 -14.44
O3D NAP G . 8.97 -11.30 -13.80
C2D NAP G . 7.84 -12.14 -15.73
O2D NAP G . 7.01 -10.99 -15.62
C1D NAP G . 9.03 -11.83 -16.58
N1N NAP G . 9.11 -12.20 -17.95
C2N NAP G . 8.67 -13.41 -18.39
C3N NAP G . 8.88 -13.77 -19.72
C7N NAP G . 8.36 -15.11 -20.26
O7N NAP G . 8.10 -15.23 -21.46
N7N NAP G . 8.26 -16.16 -19.41
C4N NAP G . 9.59 -12.86 -20.55
C5N NAP G . 10.09 -11.66 -20.07
C6N NAP G . 9.83 -11.37 -18.75
P2B NAP G . 3.79 -17.89 -6.95
O1X NAP G . 3.51 -17.90 -5.44
O2X NAP G . 2.69 -17.32 -7.80
O3X NAP G . 4.30 -19.18 -7.54
C1 EDO H . -6.52 0.04 -29.24
O1 EDO H . -6.73 -1.37 -29.29
C2 EDO H . -5.65 0.47 -30.42
O2 EDO H . -4.73 1.49 -30.00
C1 EDO I . 25.17 3.66 -17.60
O1 EDO I . 25.30 2.57 -16.69
C2 EDO I . 23.92 3.49 -18.47
O2 EDO I . 22.77 3.25 -17.62
C1 EDO J . -0.88 -18.03 -4.62
O1 EDO J . -1.81 -19.12 -4.49
C2 EDO J . 0.42 -18.25 -3.85
O2 EDO J . 1.33 -19.11 -4.57
C1 EDO K . 20.29 2.78 -20.23
O1 EDO K . 20.87 2.53 -21.51
C2 EDO K . 18.86 3.27 -20.41
O2 EDO K . 18.05 2.40 -21.21
O3 F7E L . 15.45 22.20 -9.65
C3 F7E L . 19.04 22.75 -9.39
C4 F7E L . 18.55 21.30 -9.39
O4 F7E L . 13.92 21.60 -7.83
C7 F7E L . 15.86 22.83 -10.88
C9 F7E L . 9.37 20.29 -10.34
O7 F7E L . 8.29 21.23 -10.46
O8 F7E L . 10.11 20.94 -12.52
C8 F7E L . 10.54 20.79 -11.19
O6 F7E L . 11.59 19.90 -11.13
C6 F7E L . 17.35 22.67 -10.97
C5 F7E L . 17.90 21.23 -10.77
O5 F7E L . 13.06 21.70 -10.17
C1 F7E L . 19.25 23.87 -5.94
O1 F7E L . 19.61 20.37 -9.20
C2 F7E L . 20.48 23.87 -7.68
O2 F7E L . 18.82 20.87 -11.79
O13 F7E L . 13.62 23.84 -9.03
P F7E L . 13.99 22.40 -9.07
P1 F7E L . 13.19 20.37 -11.05
O11 F7E L . 13.96 19.35 -10.29
O12 F7E L . 13.65 20.76 -12.40
C10 F7E L . 9.69 19.74 -13.20
C11 F7E L . 9.15 20.19 -14.54
C12 F7E L . 8.72 18.91 -12.38
O10 F7E L . 7.95 18.12 -12.91
C13 F7E L . 8.91 18.93 -10.87
O9 F7E L . 7.73 18.49 -10.24
O14 F7E L . 17.98 23.49 -9.95
N1 F7E L . 19.31 23.28 -8.04
N F7E L . 20.50 24.23 -6.42
C14 F7E L . 18.51 23.28 -6.93
N2 F7E L . 17.24 22.83 -6.86
C15 F7E L . 16.70 23.03 -5.65
N3 F7E L . 15.43 22.66 -5.43
N4 F7E L . 17.38 23.59 -4.60
C F7E L . 18.68 24.05 -4.66
O F7E L . 19.21 24.56 -3.68
PA NAP M . 2.92 21.35 -5.92
O1A NAP M . 2.85 22.81 -5.70
O2A NAP M . 3.95 20.54 -5.22
O5B NAP M . 1.45 20.79 -5.64
C5B NAP M . 1.28 19.40 -5.31
C4B NAP M . -0.18 19.22 -5.02
O4B NAP M . -0.45 17.84 -4.95
C3B NAP M . -0.60 19.84 -3.68
O3B NAP M . -1.99 20.25 -3.77
C2B NAP M . -0.42 18.65 -2.76
O2B NAP M . -1.06 18.80 -1.50
C1B NAP M . -0.98 17.56 -3.66
N9A NAP M . -0.67 16.21 -3.17
C8A NAP M . 0.51 15.72 -2.77
N7A NAP M . 0.40 14.46 -2.33
C5A NAP M . -0.88 14.11 -2.45
C6A NAP M . -1.65 12.92 -2.15
N6A NAP M . -1.04 11.85 -1.62
N1A NAP M . -2.96 12.94 -2.41
C2A NAP M . -3.58 14.04 -2.91
N3A NAP M . -2.91 15.17 -3.20
C4A NAP M . -1.59 15.25 -3.01
O3 NAP M . 3.07 21.04 -7.49
PN NAP M . 2.80 22.04 -8.73
O1N NAP M . 4.04 22.88 -8.96
O2N NAP M . 1.46 22.66 -8.57
O5D NAP M . 2.71 20.95 -9.91
C5D NAP M . 1.47 20.33 -10.24
C4D NAP M . 1.65 19.00 -10.94
O4D NAP M . 2.47 19.13 -12.09
C3D NAP M . 2.40 17.98 -10.10
O3D NAP M . 1.87 16.71 -10.47
C2D NAP M . 3.86 18.07 -10.50
O2D NAP M . 4.59 16.88 -10.23
C1D NAP M . 3.66 18.31 -11.98
N1N NAP M . 4.55 19.14 -12.73
C2N NAP M . 4.97 20.35 -12.27
C3N NAP M . 5.73 21.20 -13.08
C7N NAP M . 6.24 22.53 -12.56
O7N NAP M . 7.26 23.04 -13.04
N7N NAP M . 5.55 23.17 -11.62
C4N NAP M . 5.98 20.77 -14.40
C5N NAP M . 5.47 19.56 -14.88
C6N NAP M . 4.74 18.77 -14.01
P2B NAP M . -0.37 19.51 -0.24
O1X NAP M . 1.07 19.10 -0.17
O2X NAP M . -0.61 20.98 -0.44
O3X NAP M . -1.24 18.97 0.88
C1 EDO N . 2.33 7.57 -26.77
O1 EDO N . 3.27 8.62 -26.59
C2 EDO N . 1.00 8.08 -27.28
O2 EDO N . 1.23 8.82 -28.47
C1 EDO O . -4.15 7.37 -29.82
O1 EDO O . -5.07 7.88 -28.82
C2 EDO O . -2.70 7.25 -29.32
O2 EDO O . -2.61 7.00 -27.90
O3 F7E P . -14.88 16.04 18.82
C3 F7E P . -18.45 16.83 18.86
C4 F7E P . -17.97 15.54 18.19
O4 F7E P . -13.40 16.37 16.87
C7 F7E P . -15.30 16.09 20.19
C9 F7E P . -8.89 13.86 18.46
O7 F7E P . -7.78 14.65 18.92
O8 F7E P . -9.54 13.55 20.75
C8 F7E P . -10.01 13.97 19.49
O6 F7E P . -11.06 13.24 19.10
C6 F7E P . -16.81 15.95 20.24
C5 F7E P . -17.38 14.81 19.39
O5 F7E P . -12.52 15.36 19.07
C1 F7E P . -18.61 19.44 16.31
O1 F7E P . -19.03 14.82 17.55
C2 F7E P . -19.83 18.73 17.90
O2 F7E P . -18.33 14.01 20.11
O13 F7E P . -13.05 17.77 18.99
P F7E P . -13.41 16.48 18.35
P1 F7E P . -12.71 13.77 19.22
O11 F7E P . -13.50 13.26 18.09
O12 F7E P . -13.11 13.45 20.61
C10 F7E P . -9.17 12.16 20.81
C11 F7E P . -8.62 11.94 22.20
C12 F7E P . -8.26 11.73 19.66
O10 F7E P . -7.51 10.78 19.78
C13 F7E P . -8.46 12.41 18.32
O9 F7E P . -7.25 12.23 17.58
O14 F7E P . -17.44 17.18 19.78
N1 F7E P . -18.67 17.98 17.95
N F7E P . -19.85 19.60 16.92
C14 F7E P . -17.87 18.45 16.94
N2 F7E P . -16.61 18.02 16.64
C15 F7E P . -16.08 18.68 15.62
N3 F7E P . -14.84 18.38 15.21
N4 F7E P . -16.76 19.67 14.94
C F7E P . -18.05 20.11 15.23
O F7E P . -18.61 20.96 14.55
PA NAP Q . -2.33 16.57 15.02
O1A NAP Q . -2.20 18.01 15.44
O2A NAP Q . -3.42 16.20 14.05
O5B NAP Q . -0.88 16.13 14.46
C5B NAP Q . -0.73 15.00 13.59
C4B NAP Q . 0.72 14.93 13.16
O4B NAP Q . 0.94 13.71 12.45
C3B NAP Q . 1.09 16.06 12.22
O3B NAP Q . 2.46 16.38 12.48
C2B NAP Q . 0.89 15.40 10.87
O2B NAP Q . 1.59 16.07 9.83
C1B NAP Q . 1.42 13.99 11.16
N9A NAP Q . 1.05 13.02 10.13
C8A NAP Q . -0.15 12.82 9.58
N7A NAP Q . -0.12 11.88 8.62
C5A NAP Q . 1.16 11.45 8.56
C6A NAP Q . 1.91 10.50 7.74
N6A NAP Q . 1.23 9.81 6.82
N1A NAP Q . 3.22 10.34 7.99
C2A NAP Q . 3.90 11.05 8.93
N3A NAP Q . 3.27 12.00 9.70
C4A NAP Q . 1.93 12.20 9.56
O3 NAP Q . -2.51 15.58 16.24
PN NAP Q . -2.23 15.91 17.80
O1N NAP Q . -3.45 16.61 18.34
O2N NAP Q . -0.85 16.51 17.95
O5D NAP Q . -2.18 14.42 18.39
C5D NAP Q . -0.94 13.71 18.41
C4D NAP Q . -1.19 12.21 18.42
O4D NAP Q . -2.01 11.90 19.51
C3D NAP Q . -1.96 11.68 17.24
O3D NAP Q . -1.50 10.35 17.02
C2D NAP Q . -3.41 11.64 17.65
O2D NAP Q . -4.14 10.65 16.94
C1D NAP Q . -3.22 11.22 19.09
N1N NAP Q . -4.08 11.68 20.15
C2N NAP Q . -4.49 12.95 20.25
C3N NAP Q . -5.25 13.36 21.34
C7N NAP Q . -5.73 14.81 21.44
O7N NAP Q . -6.72 15.13 22.09
N7N NAP Q . -5.00 15.75 20.83
C4N NAP Q . -5.51 12.41 22.36
C5N NAP Q . -5.02 11.11 22.26
C6N NAP Q . -4.28 10.79 21.15
P2B NAP Q . 0.91 17.30 9.03
O1X NAP Q . 1.21 18.52 9.90
O2X NAP Q . 1.71 17.29 7.76
O3X NAP Q . -0.54 17.04 8.80
C1 EDO R . 0.56 18.28 4.71
O1 EDO R . 1.45 18.83 5.69
C2 EDO R . 0.19 19.38 3.72
O2 EDO R . -1.21 19.43 3.48
C1 EDO S . -2.61 -5.16 27.29
O1 EDO S . -3.61 -4.18 27.47
C2 EDO S . -1.31 -4.66 27.85
O2 EDO S . -1.18 -5.11 29.18
C1 EDO T . -20.47 -5.79 19.68
O1 EDO T . -20.85 -6.92 20.43
C2 EDO T . -18.95 -5.68 19.65
O2 EDO T . -18.32 -6.78 20.32
O3 F7E U . -0.66 -23.93 16.19
C3 F7E U . 1.81 -25.18 18.57
C4 F7E U . 1.75 -23.68 18.30
O4 F7E U . -0.24 -23.30 13.85
C7 F7E U . -1.39 -24.56 17.27
C9 F7E U . -4.87 -20.91 12.50
O7 F7E U . -5.81 -21.58 11.67
O8 F7E U . -6.11 -21.50 14.49
C8 F7E U . -4.84 -21.57 13.88
O6 F7E U . -3.90 -20.88 14.63
C6 F7E U . -0.44 -24.67 18.44
C5 F7E U . 0.32 -23.38 18.78
O5 F7E U . -2.54 -23.01 14.87
C1 F7E U . 4.29 -26.61 16.31
O1 F7E U . 2.75 -22.97 19.03
C2 F7E U . 3.84 -26.68 18.38
O2 F7E U . 0.37 -23.16 20.19
O13 F7E U . -1.73 -25.28 14.34
P F7E U . -1.25 -23.93 14.72
P1 F7E U . -2.82 -21.65 15.66
O11 F7E U . -1.57 -20.87 15.81
O12 F7E U . -3.59 -21.99 16.88
C10 F7E U . -6.64 -20.18 14.71
C11 F7E U . -8.07 -20.33 15.18
C12 F7E U . -6.49 -19.25 13.51
O10 F7E U . -7.25 -18.30 13.34
C13 F7E U . -5.26 -19.42 12.63
O9 F7E U . -5.53 -18.85 11.36
O14 F7E U . 0.56 -25.68 18.17
N1 F7E U . 2.88 -25.89 17.83
N F7E U . 4.70 -27.14 17.53
C14 F7E U . 3.17 -25.83 16.48
N2 F7E U . 2.47 -25.15 15.54
C15 F7E U . 2.96 -25.33 14.32
N3 F7E U . 2.34 -24.76 13.26
N4 F7E U . 4.07 -26.09 14.05
C F7E U . 4.82 -26.76 14.99
O F7E U . 5.84 -27.37 14.67
PA NAP V . -6.24 -21.06 4.66
O1A NAP V . -6.39 -22.51 4.30
O2A NAP V . -4.85 -20.50 4.98
O5B NAP V . -6.88 -20.22 3.47
C5B NAP V . -6.60 -18.85 3.27
C4B NAP V . -7.28 -18.40 2.01
O4B NAP V . -7.19 -16.99 1.88
C3B NAP V . -6.68 -19.06 0.76
O3B NAP V . -7.74 -19.20 -0.20
C2B NAP V . -5.73 -17.98 0.32
O2B NAP V . -5.31 -18.15 -1.05
C1B NAP V . -6.57 -16.73 0.63
N9A NAP V . -5.72 -15.52 0.63
C8A NAP V . -4.55 -15.33 1.28
N7A NAP V . -4.06 -14.12 1.00
C5A NAP V . -4.93 -13.52 0.15
C6A NAP V . -4.99 -12.21 -0.52
N6A NAP V . -3.96 -11.35 -0.35
N1A NAP V . -6.06 -11.96 -1.29
C2A NAP V . -7.06 -12.85 -1.50
N3A NAP V . -7.08 -14.07 -0.89
C4A NAP V . -6.04 -14.43 -0.08
O3 NAP V . -7.20 -20.64 5.87
PN NAP V . -8.45 -21.48 6.49
O1N NAP V . -7.97 -22.52 7.43
O2N NAP V . -9.35 -21.89 5.37
O5D NAP V . -9.14 -20.33 7.34
C5D NAP V . -10.12 -19.47 6.75
C4D NAP V . -10.23 -18.16 7.50
O4D NAP V . -10.49 -18.37 8.89
C3D NAP V . -8.97 -17.32 7.50
O3D NAP V . -9.35 -15.94 7.47
C2D NAP V . -8.29 -17.64 8.81
O2D NAP V . -7.47 -16.59 9.28
C1D NAP V . -9.50 -17.75 9.71
N1N NAP V . -9.58 -18.70 10.78
C2N NAP V . -9.18 -19.99 10.65
C3N NAP V . -9.37 -20.90 11.68
C7N NAP V . -8.90 -22.35 11.55
O7N NAP V . -8.69 -23.03 12.54
N7N NAP V . -8.84 -22.89 10.30
C4N NAP V . -10.10 -20.46 12.83
C5N NAP V . -10.57 -19.16 12.91
C6N NAP V . -10.32 -18.29 11.86
P2B NAP V . -4.06 -19.06 -1.52
O1X NAP V . -4.67 -20.44 -1.59
O2X NAP V . -3.69 -18.41 -2.83
O3X NAP V . -2.97 -18.90 -0.47
#